data_2QTB
#
_entry.id   2QTB
#
_cell.length_a   117.863
_cell.length_b   125.629
_cell.length_c   136.806
_cell.angle_alpha   90.00
_cell.angle_beta   90.00
_cell.angle_gamma   90.00
#
_symmetry.space_group_name_H-M   'P 21 21 21'
#
loop_
_entity.id
_entity.type
_entity.pdbx_description
1 polymer 'Dipeptidyl peptidase 4'
2 branched 2-acetamido-2-deoxy-alpha-D-glucopyranose-(1-4)-2-acetamido-2-deoxy-beta-D-glucopyranose
3 branched 2-acetamido-2-deoxy-beta-D-glucopyranose-(1-4)-2-acetamido-2-deoxy-beta-D-glucopyranose
4 non-polymer 2-acetamido-2-deoxy-beta-D-glucopyranose
5 non-polymer 'SODIUM ION'
6 non-polymer (2S,3S)-3-AMINO-4-(3,3-DIFLUOROPYRROLIDIN-1-YL)-N,N-DIMETHYL-4-OXO-2-(TRANS-4-[1,2,4]TRIAZOLO[1,5-A]PYRIDIN-6-YLCYCLOHEXYL)BUTANAMIDE
7 water water
#
_entity_poly.entity_id   1
_entity_poly.type   'polypeptide(L)'
_entity_poly.pdbx_seq_one_letter_code
;MKTPWKVLLGLLGAAALVTIITVPVVLLNKGTDDATADTRKTYTLTDYLKNTYRLKLYSLRWISDHEYLYKQENNILVFN
AEYGNSSVFLENSTFDEFGHSINDYSISPDGQFILLEYNYVKQWRHSYTASYDIYDLNKRQLITEERIPNNTQWVTWSPV
GHKLAYVWNNDIYVKIEPNLPSYRITWTGKEDIIYNGITDWVYEEEVFSAYSALWWSPNGTFLAYAQFNDTEVPLIEYSF
YSDESLQYPKTVRVPYPKAGAVNPTVKFFVVNTDSLSSVTNATSIQITAPASMLIGDHYLCDVTWATQERISLQWLRRIQ
NYSVMDICDYDESSGRWNCLVARQHIEMSTTGWVGRFRPSEPHFTLDGNSFYKIISNEEGYRHICYFQIDKKDCTFITKG
TWEVIGIEALTSDYLYYISNEYKGMPGGRNLYKIQLSDYTKVTCLSCELNPERCQYYSVSFSKEAKYYQLRCSGPGLPLY
TLHSSVNDKGLRVLEDNSALDKMLQNVQMPSKKLDFIILNETKFWYQMILPPHFDKSKKYPLLLDVYAGPCSQKADTVFR
LNWATYLASTENIIVASFDGRGSGYQGDKIMHAINRRLGTFEVEDQIEAARQFSKMGFVDNKRIAIWGWSYGGYVTSMVL
GSGSGVFKCGIAVAPVSRWEYYDSVYTERYMGLPTPEDNLDHYRNSTVMSRAENFKQVEYLLIHGTADDNVHFQQSAQIS
KALVDVGVDFQAMWYTDEDHGIASSTAHQHIYTHMSHFIKQCFSLP
;
_entity_poly.pdbx_strand_id   A,B
#
loop_
_chem_comp.id
_chem_comp.type
_chem_comp.name
_chem_comp.formula
474 non-polymer (2S,3S)-3-AMINO-4-(3,3-DIFLUOROPYRROLIDIN-1-YL)-N,N-DIMETHYL-4-OXO-2-(TRANS-4-[1,2,4]TRIAZOLO[1,5-A]PYRIDIN-6-YLCYCLOHEXYL)BUTANAMIDE 'C22 H30 F2 N6 O2'
NA non-polymer 'SODIUM ION' 'Na 1'
NAG D-saccharide, beta linking 2-acetamido-2-deoxy-beta-D-glucopyranose 'C8 H15 N O6'
NDG D-saccharide, alpha linking 2-acetamido-2-deoxy-alpha-D-glucopyranose 'C8 H15 N O6'
#
# COMPACT_ATOMS: atom_id res chain seq x y z
N THR A 39 -45.94 12.79 2.43
CA THR A 39 -45.55 12.33 3.80
C THR A 39 -44.70 11.06 3.72
N ARG A 40 -44.78 10.35 2.61
CA ARG A 40 -44.01 9.12 2.45
C ARG A 40 -42.50 9.35 2.38
N LYS A 41 -41.75 8.35 2.84
CA LYS A 41 -40.30 8.42 2.86
C LYS A 41 -39.63 8.27 1.50
N THR A 42 -38.33 8.53 1.47
CA THR A 42 -37.54 8.40 0.25
C THR A 42 -36.64 7.19 0.40
N TYR A 43 -35.96 6.84 -0.69
CA TYR A 43 -35.06 5.70 -0.68
C TYR A 43 -33.73 6.30 -0.20
N THR A 44 -33.35 5.90 1.00
CA THR A 44 -32.15 6.42 1.65
C THR A 44 -30.87 5.60 1.45
N LEU A 45 -29.76 6.14 1.96
CA LEU A 45 -28.50 5.46 1.86
C LEU A 45 -28.57 4.22 2.71
N THR A 46 -29.18 4.31 3.88
CA THR A 46 -29.31 3.13 4.73
C THR A 46 -30.14 2.05 4.03
N ASP A 47 -31.18 2.45 3.29
CA ASP A 47 -31.99 1.45 2.59
C ASP A 47 -31.13 0.70 1.60
N TYR A 48 -30.27 1.42 0.89
CA TYR A 48 -29.40 0.79 -0.09
C TYR A 48 -28.41 -0.14 0.61
N LEU A 49 -27.76 0.37 1.66
CA LEU A 49 -26.75 -0.40 2.39
C LEU A 49 -27.24 -1.60 3.19
N LYS A 50 -28.45 -1.50 3.77
CA LYS A 50 -29.01 -2.60 4.55
C LYS A 50 -30.00 -3.43 3.75
N ASN A 51 -30.08 -3.19 2.45
CA ASN A 51 -31.00 -3.95 1.59
C ASN A 51 -32.43 -4.00 2.13
N THR A 52 -32.97 -2.86 2.56
CA THR A 52 -34.33 -2.80 3.08
C THR A 52 -35.36 -3.24 2.04
N TYR A 53 -35.12 -2.92 0.77
CA TYR A 53 -36.07 -3.29 -0.28
C TYR A 53 -35.42 -4.33 -1.18
N ARG A 54 -35.73 -5.59 -0.92
CA ARG A 54 -35.12 -6.68 -1.65
C ARG A 54 -35.92 -7.22 -2.83
N LEU A 55 -35.23 -7.41 -3.94
CA LEU A 55 -35.83 -7.96 -5.15
C LEU A 55 -35.90 -9.47 -4.94
N LYS A 56 -37.04 -10.06 -5.27
CA LYS A 56 -37.17 -11.51 -5.16
C LYS A 56 -36.80 -12.07 -6.51
N LEU A 57 -36.20 -13.26 -6.47
CA LEU A 57 -35.76 -13.96 -7.68
C LEU A 57 -36.40 -15.34 -7.75
N TYR A 58 -36.06 -16.08 -8.79
CA TYR A 58 -36.56 -17.42 -8.96
C TYR A 58 -35.50 -18.19 -9.73
N SER A 59 -34.47 -18.60 -8.99
CA SER A 59 -33.37 -19.35 -9.57
C SER A 59 -33.68 -20.84 -9.55
N LEU A 60 -34.01 -21.38 -10.70
CA LEU A 60 -34.32 -22.79 -10.78
C LEU A 60 -33.17 -23.50 -11.52
N ARG A 61 -33.15 -24.83 -11.44
CA ARG A 61 -32.11 -25.61 -12.12
C ARG A 61 -32.80 -26.74 -12.89
N TRP A 62 -32.71 -26.69 -14.22
CA TRP A 62 -33.31 -27.73 -15.03
C TRP A 62 -32.56 -29.06 -14.86
N ILE A 63 -33.28 -30.14 -14.55
CA ILE A 63 -32.63 -31.45 -14.40
C ILE A 63 -33.01 -32.41 -15.52
N SER A 64 -33.97 -32.02 -16.33
CA SER A 64 -34.41 -32.84 -17.47
C SER A 64 -35.16 -31.91 -18.41
N ASP A 65 -35.91 -32.49 -19.34
CA ASP A 65 -36.66 -31.67 -20.27
C ASP A 65 -38.04 -31.34 -19.72
N HIS A 66 -38.37 -31.91 -18.56
CA HIS A 66 -39.69 -31.74 -17.96
C HIS A 66 -39.71 -31.24 -16.52
N GLU A 67 -38.56 -31.28 -15.84
CA GLU A 67 -38.54 -30.88 -14.44
C GLU A 67 -37.37 -29.98 -14.06
N TYR A 68 -37.50 -29.30 -12.93
CA TYR A 68 -36.44 -28.44 -12.42
C TYR A 68 -36.40 -28.43 -10.88
N LEU A 69 -35.23 -28.09 -10.35
CA LEU A 69 -35.00 -28.01 -8.90
C LEU A 69 -35.07 -26.56 -8.45
N TYR A 70 -35.72 -26.34 -7.31
CA TYR A 70 -35.87 -25.00 -6.76
C TYR A 70 -35.78 -25.09 -5.25
N LYS A 71 -34.87 -24.31 -4.68
CA LYS A 71 -34.70 -24.31 -3.22
C LYS A 71 -35.70 -23.35 -2.55
N GLN A 72 -36.55 -23.90 -1.68
CA GLN A 72 -37.54 -23.11 -0.95
C GLN A 72 -37.47 -23.47 0.53
N GLU A 73 -37.54 -22.47 1.42
CA GLU A 73 -37.50 -22.76 2.86
C GLU A 73 -36.27 -23.63 3.19
N ASN A 74 -35.17 -23.40 2.48
CA ASN A 74 -33.95 -24.20 2.69
C ASN A 74 -34.12 -25.64 2.16
N ASN A 75 -35.33 -25.96 1.72
CA ASN A 75 -35.64 -27.28 1.16
C ASN A 75 -35.50 -27.28 -0.37
N ILE A 76 -35.14 -28.43 -0.93
CA ILE A 76 -35.00 -28.54 -2.37
C ILE A 76 -36.20 -29.29 -2.90
N LEU A 77 -36.98 -28.60 -3.75
CA LEU A 77 -38.17 -29.20 -4.33
C LEU A 77 -37.95 -29.48 -5.81
N VAL A 78 -38.70 -30.44 -6.35
CA VAL A 78 -38.62 -30.77 -7.76
C VAL A 78 -39.97 -30.37 -8.36
N PHE A 79 -39.94 -29.59 -9.42
CA PHE A 79 -41.16 -29.13 -10.06
C PHE A 79 -41.33 -29.76 -11.43
N ASN A 80 -42.59 -30.00 -11.76
CA ASN A 80 -42.98 -30.53 -13.04
C ASN A 80 -43.38 -29.26 -13.79
N ALA A 81 -42.71 -28.96 -14.89
CA ALA A 81 -42.99 -27.73 -15.65
C ALA A 81 -44.39 -27.64 -16.25
N GLU A 82 -44.87 -28.75 -16.76
CA GLU A 82 -46.19 -28.75 -17.38
C GLU A 82 -47.33 -28.34 -16.45
N TYR A 83 -47.36 -28.92 -15.25
CA TYR A 83 -48.46 -28.64 -14.34
C TYR A 83 -48.17 -27.74 -13.16
N GLY A 84 -46.88 -27.56 -12.87
CA GLY A 84 -46.51 -26.71 -11.76
C GLY A 84 -46.45 -27.43 -10.43
N ASN A 85 -46.93 -28.68 -10.38
CA ASN A 85 -46.91 -29.45 -9.12
C ASN A 85 -45.49 -29.82 -8.73
N SER A 86 -45.25 -29.95 -7.44
CA SER A 86 -43.93 -30.28 -6.96
C SER A 86 -43.93 -31.37 -5.90
N SER A 87 -42.73 -31.71 -5.44
CA SER A 87 -42.50 -32.71 -4.40
C SER A 87 -41.22 -32.26 -3.73
N VAL A 88 -41.02 -32.70 -2.49
CA VAL A 88 -39.81 -32.34 -1.78
C VAL A 88 -38.75 -33.28 -2.33
N PHE A 89 -37.56 -32.76 -2.61
CA PHE A 89 -36.50 -33.59 -3.12
C PHE A 89 -35.45 -33.84 -2.02
N LEU A 90 -35.26 -32.84 -1.16
CA LEU A 90 -34.29 -32.95 -0.07
C LEU A 90 -34.70 -32.10 1.12
N GLU A 91 -34.79 -32.74 2.28
CA GLU A 91 -35.17 -32.08 3.52
C GLU A 91 -34.14 -31.08 3.97
N ASN A 92 -34.63 -29.91 4.38
CA ASN A 92 -33.78 -28.83 4.87
C ASN A 92 -33.25 -29.20 6.26
N SER A 93 -33.54 -30.43 6.70
CA SER A 93 -33.11 -30.90 8.01
C SER A 93 -32.26 -32.14 7.91
N THR A 94 -32.21 -32.74 6.72
CA THR A 94 -31.44 -33.96 6.49
C THR A 94 -30.02 -33.87 7.05
N PHE A 95 -29.41 -32.69 6.96
CA PHE A 95 -28.04 -32.53 7.45
C PHE A 95 -27.92 -31.71 8.74
N ASP A 96 -28.94 -31.78 9.59
CA ASP A 96 -28.89 -31.01 10.83
C ASP A 96 -27.68 -31.35 11.69
N GLU A 97 -27.19 -32.58 11.61
CA GLU A 97 -26.01 -32.95 12.42
C GLU A 97 -24.76 -33.07 11.56
N PHE A 98 -24.75 -32.39 10.43
CA PHE A 98 -23.58 -32.46 9.54
C PHE A 98 -22.35 -31.84 10.18
N GLY A 99 -22.55 -30.87 11.07
CA GLY A 99 -21.43 -30.26 11.75
C GLY A 99 -20.65 -29.22 10.96
N HIS A 100 -20.92 -29.15 9.68
CA HIS A 100 -20.25 -28.17 8.84
C HIS A 100 -21.27 -27.27 8.19
N SER A 101 -20.90 -26.01 8.00
CA SER A 101 -21.80 -25.10 7.35
C SER A 101 -21.71 -25.37 5.83
N ILE A 102 -22.81 -25.82 5.23
CA ILE A 102 -22.83 -26.11 3.81
C ILE A 102 -22.91 -24.84 2.98
N ASN A 103 -21.91 -24.61 2.15
CA ASN A 103 -21.88 -23.40 1.32
C ASN A 103 -22.84 -23.56 0.14
N ASP A 104 -22.81 -24.71 -0.50
CA ASP A 104 -23.67 -24.96 -1.67
C ASP A 104 -23.80 -26.46 -1.86
N TYR A 105 -24.58 -26.86 -2.85
CA TYR A 105 -24.81 -28.27 -3.12
C TYR A 105 -24.90 -28.47 -4.62
N SER A 106 -24.77 -29.73 -5.03
CA SER A 106 -24.87 -30.04 -6.43
C SER A 106 -25.29 -31.49 -6.61
N ILE A 107 -26.48 -31.67 -7.15
CA ILE A 107 -27.01 -33.01 -7.35
C ILE A 107 -26.51 -33.61 -8.67
N SER A 108 -26.15 -34.89 -8.63
CA SER A 108 -25.66 -35.57 -9.80
C SER A 108 -26.78 -35.56 -10.84
N PRO A 109 -26.42 -35.60 -12.13
CA PRO A 109 -27.44 -35.56 -13.18
C PRO A 109 -28.50 -36.64 -13.02
N ASP A 110 -28.12 -37.82 -12.53
CA ASP A 110 -29.11 -38.89 -12.37
C ASP A 110 -29.91 -38.81 -11.06
N GLY A 111 -29.70 -37.74 -10.30
CA GLY A 111 -30.43 -37.56 -9.04
C GLY A 111 -30.07 -38.53 -7.93
N GLN A 112 -29.08 -39.39 -8.16
CA GLN A 112 -28.66 -40.37 -7.17
C GLN A 112 -27.78 -39.86 -6.04
N PHE A 113 -26.98 -38.84 -6.32
CA PHE A 113 -26.06 -38.29 -5.33
C PHE A 113 -26.13 -36.77 -5.21
N ILE A 114 -25.62 -36.25 -4.10
CA ILE A 114 -25.59 -34.82 -3.90
C ILE A 114 -24.22 -34.47 -3.33
N LEU A 115 -23.58 -33.48 -3.93
CA LEU A 115 -22.28 -33.03 -3.50
C LEU A 115 -22.49 -31.89 -2.52
N LEU A 116 -21.94 -32.03 -1.32
CA LEU A 116 -22.07 -31.00 -0.30
C LEU A 116 -20.76 -30.21 -0.19
N GLU A 117 -20.85 -28.90 -0.46
CA GLU A 117 -19.71 -27.99 -0.42
C GLU A 117 -19.62 -27.20 0.89
N TYR A 118 -18.44 -27.17 1.49
CA TYR A 118 -18.24 -26.42 2.72
C TYR A 118 -16.79 -26.00 2.85
N ASN A 119 -16.48 -25.21 3.88
CA ASN A 119 -15.12 -24.69 4.09
C ASN A 119 -14.69 -23.87 2.87
N TYR A 120 -15.67 -23.17 2.29
CA TYR A 120 -15.43 -22.31 1.14
C TYR A 120 -14.41 -21.21 1.43
N VAL A 121 -13.41 -21.08 0.58
CA VAL A 121 -12.42 -20.02 0.74
C VAL A 121 -12.23 -19.41 -0.65
N LYS A 122 -12.74 -18.19 -0.81
CA LYS A 122 -12.65 -17.49 -2.08
C LYS A 122 -11.23 -17.15 -2.53
N GLN A 123 -10.98 -17.27 -3.82
CA GLN A 123 -9.68 -16.85 -4.34
C GLN A 123 -9.90 -15.59 -5.21
N TRP A 124 -9.96 -15.73 -6.54
CA TRP A 124 -10.17 -14.56 -7.38
C TRP A 124 -11.64 -14.33 -7.71
N ARG A 125 -11.94 -13.83 -8.90
CA ARG A 125 -13.33 -13.58 -9.26
C ARG A 125 -14.18 -14.85 -9.32
N HIS A 126 -13.65 -15.93 -9.87
CA HIS A 126 -14.43 -17.17 -9.96
C HIS A 126 -13.82 -18.32 -9.14
N SER A 127 -12.50 -18.32 -8.95
CA SER A 127 -11.82 -19.39 -8.24
C SER A 127 -11.99 -19.38 -6.72
N TYR A 128 -11.88 -20.57 -6.13
CA TYR A 128 -11.99 -20.79 -4.69
C TYR A 128 -11.67 -22.24 -4.41
N THR A 129 -11.39 -22.56 -3.15
CA THR A 129 -11.16 -23.94 -2.77
C THR A 129 -12.23 -24.27 -1.74
N ALA A 130 -12.48 -25.55 -1.54
CA ALA A 130 -13.47 -25.97 -0.57
C ALA A 130 -13.31 -27.44 -0.26
N SER A 131 -14.08 -27.90 0.74
CA SER A 131 -14.08 -29.30 1.13
C SER A 131 -15.40 -29.84 0.62
N TYR A 132 -15.43 -31.14 0.30
CA TYR A 132 -16.64 -31.76 -0.20
C TYR A 132 -16.97 -33.10 0.45
N ASP A 133 -18.25 -33.44 0.45
CA ASP A 133 -18.73 -34.71 0.96
C ASP A 133 -19.83 -35.11 -0.01
N ILE A 134 -20.00 -36.41 -0.23
CA ILE A 134 -21.03 -36.90 -1.13
C ILE A 134 -22.02 -37.70 -0.33
N TYR A 135 -23.29 -37.33 -0.44
CA TYR A 135 -24.36 -37.99 0.27
C TYR A 135 -25.17 -38.84 -0.71
N ASP A 136 -25.36 -40.12 -0.37
CA ASP A 136 -26.11 -41.04 -1.21
C ASP A 136 -27.61 -40.83 -0.94
N LEU A 137 -28.36 -40.43 -1.96
CA LEU A 137 -29.78 -40.18 -1.78
C LEU A 137 -30.60 -41.45 -1.72
N ASN A 138 -30.16 -42.48 -2.43
CA ASN A 138 -30.88 -43.75 -2.45
C ASN A 138 -30.83 -44.40 -1.06
N LYS A 139 -29.62 -44.60 -0.55
CA LYS A 139 -29.43 -45.22 0.74
C LYS A 139 -29.42 -44.17 1.85
N ARG A 140 -29.89 -42.96 1.53
CA ARG A 140 -29.95 -41.87 2.51
C ARG A 140 -28.74 -41.93 3.45
N GLN A 141 -27.55 -42.02 2.86
CA GLN A 141 -26.34 -42.12 3.67
C GLN A 141 -25.18 -41.31 3.12
N LEU A 142 -24.33 -40.83 4.02
CA LEU A 142 -23.16 -40.04 3.67
C LEU A 142 -22.02 -41.01 3.35
N ILE A 143 -21.30 -40.75 2.27
CA ILE A 143 -20.20 -41.59 1.88
C ILE A 143 -18.95 -41.21 2.66
N THR A 144 -18.31 -42.22 3.27
CA THR A 144 -17.11 -41.98 4.08
C THR A 144 -15.85 -42.59 3.51
N GLU A 145 -15.97 -43.42 2.48
CA GLU A 145 -14.79 -44.04 1.90
C GLU A 145 -14.31 -43.25 0.67
N GLU A 146 -13.00 -43.19 0.48
CA GLU A 146 -12.41 -42.51 -0.68
C GLU A 146 -13.06 -41.16 -0.95
N ARG A 147 -13.07 -40.27 0.04
CA ARG A 147 -13.69 -38.97 -0.14
C ARG A 147 -12.78 -37.93 -0.77
N ILE A 148 -13.41 -37.01 -1.49
CA ILE A 148 -12.68 -35.93 -2.15
C ILE A 148 -11.82 -35.23 -1.12
N PRO A 149 -10.57 -34.89 -1.48
CA PRO A 149 -9.61 -34.22 -0.59
C PRO A 149 -10.08 -32.82 -0.19
N ASN A 150 -9.52 -32.32 0.91
CA ASN A 150 -9.83 -30.98 1.37
C ASN A 150 -9.00 -30.04 0.50
N ASN A 151 -9.38 -28.77 0.42
CA ASN A 151 -8.62 -27.85 -0.41
C ASN A 151 -8.75 -28.18 -1.90
N THR A 152 -9.87 -28.80 -2.27
CA THR A 152 -10.10 -29.13 -3.67
C THR A 152 -10.37 -27.82 -4.41
N GLN A 153 -9.75 -27.69 -5.58
CA GLN A 153 -9.85 -26.48 -6.38
C GLN A 153 -11.05 -26.43 -7.32
N TRP A 154 -11.50 -27.60 -7.76
CA TRP A 154 -12.66 -27.64 -8.64
C TRP A 154 -13.20 -29.05 -8.72
N VAL A 155 -14.51 -29.16 -8.81
CA VAL A 155 -15.13 -30.47 -8.91
C VAL A 155 -16.37 -30.34 -9.80
N THR A 156 -16.65 -31.38 -10.58
CA THR A 156 -17.80 -31.39 -11.47
C THR A 156 -18.31 -32.79 -11.78
N TRP A 157 -19.62 -32.96 -11.72
CA TRP A 157 -20.23 -34.23 -12.07
C TRP A 157 -20.08 -34.36 -13.59
N SER A 158 -20.20 -35.57 -14.12
CA SER A 158 -20.13 -35.78 -15.56
C SER A 158 -21.48 -35.24 -16.02
N PRO A 159 -21.64 -34.96 -17.32
CA PRO A 159 -22.93 -34.43 -17.77
C PRO A 159 -24.09 -35.43 -17.62
N VAL A 160 -23.77 -36.71 -17.66
CA VAL A 160 -24.79 -37.75 -17.49
C VAL A 160 -24.31 -38.73 -16.42
N GLY A 161 -25.25 -39.35 -15.71
CA GLY A 161 -24.85 -40.31 -14.69
C GLY A 161 -24.30 -39.71 -13.41
N HIS A 162 -23.19 -40.25 -12.92
CA HIS A 162 -22.63 -39.75 -11.68
C HIS A 162 -21.13 -39.84 -11.53
N LYS A 163 -20.39 -39.75 -12.62
CA LYS A 163 -18.93 -39.74 -12.51
C LYS A 163 -18.55 -38.39 -11.93
N LEU A 164 -17.33 -38.28 -11.42
CA LEU A 164 -16.82 -37.03 -10.85
C LEU A 164 -15.43 -36.75 -11.41
N ALA A 165 -15.11 -35.46 -11.51
CA ALA A 165 -13.80 -35.03 -11.94
C ALA A 165 -13.50 -33.85 -11.03
N TYR A 166 -12.35 -33.88 -10.35
CA TYR A 166 -11.98 -32.77 -9.49
C TYR A 166 -10.51 -32.51 -9.65
N VAL A 167 -10.10 -31.30 -9.29
CA VAL A 167 -8.72 -30.88 -9.37
C VAL A 167 -8.25 -30.59 -7.97
N TRP A 168 -7.06 -31.09 -7.63
CA TRP A 168 -6.48 -30.92 -6.31
C TRP A 168 -4.99 -30.73 -6.50
N ASN A 169 -4.43 -29.71 -5.87
CA ASN A 169 -3.01 -29.45 -6.02
C ASN A 169 -2.60 -29.35 -7.49
N ASN A 170 -3.44 -28.70 -8.29
CA ASN A 170 -3.18 -28.49 -9.71
C ASN A 170 -3.16 -29.74 -10.59
N ASP A 171 -3.65 -30.87 -10.06
CA ASP A 171 -3.72 -32.11 -10.83
C ASP A 171 -5.14 -32.62 -10.95
N ILE A 172 -5.42 -33.32 -12.06
CA ILE A 172 -6.76 -33.85 -12.31
C ILE A 172 -6.95 -35.29 -11.81
N TYR A 173 -8.14 -35.55 -11.22
CA TYR A 173 -8.53 -36.85 -10.69
C TYR A 173 -9.94 -37.17 -11.18
N VAL A 174 -10.25 -38.46 -11.35
CA VAL A 174 -11.59 -38.89 -11.77
C VAL A 174 -12.11 -40.02 -10.89
N LYS A 175 -13.38 -39.94 -10.51
CA LYS A 175 -14.01 -40.97 -9.70
C LYS A 175 -15.19 -41.52 -10.48
N ILE A 176 -15.10 -42.79 -10.88
CA ILE A 176 -16.18 -43.43 -11.64
C ILE A 176 -17.41 -43.61 -10.76
N GLU A 177 -17.17 -43.83 -9.47
CA GLU A 177 -18.25 -44.03 -8.51
C GLU A 177 -17.91 -43.20 -7.27
N PRO A 178 -18.92 -42.63 -6.61
CA PRO A 178 -18.70 -41.80 -5.41
C PRO A 178 -17.95 -42.47 -4.28
N ASN A 179 -18.10 -43.78 -4.13
CA ASN A 179 -17.42 -44.47 -3.04
C ASN A 179 -16.14 -45.19 -3.44
N LEU A 180 -15.79 -45.17 -4.73
CA LEU A 180 -14.58 -45.86 -5.17
C LEU A 180 -13.35 -44.95 -5.27
N PRO A 181 -12.14 -45.55 -5.21
CA PRO A 181 -10.90 -44.77 -5.30
C PRO A 181 -10.79 -44.07 -6.64
N SER A 182 -10.24 -42.86 -6.61
CA SER A 182 -10.11 -42.07 -7.81
C SER A 182 -8.84 -42.39 -8.60
N TYR A 183 -8.88 -42.12 -9.90
CA TYR A 183 -7.75 -42.32 -10.78
C TYR A 183 -7.04 -40.99 -10.98
N ARG A 184 -5.71 -40.98 -10.89
CA ARG A 184 -4.93 -39.76 -11.08
C ARG A 184 -4.74 -39.59 -12.57
N ILE A 185 -5.19 -38.46 -13.12
CA ILE A 185 -5.03 -38.24 -14.55
C ILE A 185 -3.73 -37.51 -14.91
N THR A 186 -3.32 -36.56 -14.08
CA THR A 186 -2.11 -35.78 -14.34
C THR A 186 -1.19 -35.85 -13.15
N TRP A 187 0.10 -35.66 -13.38
CA TRP A 187 1.08 -35.73 -12.29
C TRP A 187 2.05 -34.56 -12.33
N THR A 188 1.80 -33.61 -13.23
CA THR A 188 2.66 -32.44 -13.39
C THR A 188 2.24 -31.17 -12.62
N GLY A 189 1.10 -31.24 -11.93
CA GLY A 189 0.62 -30.09 -11.16
C GLY A 189 1.62 -29.42 -10.22
N LYS A 190 1.79 -28.11 -10.36
CA LYS A 190 2.72 -27.37 -9.50
C LYS A 190 2.26 -25.93 -9.21
N GLU A 191 1.99 -25.66 -7.94
CA GLU A 191 1.51 -24.34 -7.51
C GLU A 191 2.18 -23.19 -8.27
N ASP A 192 1.35 -22.28 -8.78
CA ASP A 192 1.79 -21.12 -9.53
C ASP A 192 2.64 -21.42 -10.74
N ILE A 193 2.71 -22.68 -11.15
CA ILE A 193 3.55 -23.01 -12.31
C ILE A 193 2.81 -23.85 -13.35
N ILE A 194 2.32 -25.03 -12.96
CA ILE A 194 1.59 -25.90 -13.88
C ILE A 194 0.15 -26.10 -13.42
N TYR A 195 -0.80 -25.77 -14.29
CA TYR A 195 -2.21 -25.88 -13.96
C TYR A 195 -2.91 -26.91 -14.85
N ASN A 196 -3.34 -28.02 -14.28
CA ASN A 196 -4.06 -29.04 -15.04
C ASN A 196 -5.55 -29.01 -14.70
N GLY A 197 -6.39 -28.71 -15.68
CA GLY A 197 -7.82 -28.71 -15.41
C GLY A 197 -8.40 -27.46 -14.79
N ILE A 198 -7.55 -26.49 -14.43
CA ILE A 198 -7.97 -25.20 -13.86
C ILE A 198 -7.18 -24.11 -14.58
N THR A 199 -7.70 -22.89 -14.56
CA THR A 199 -7.07 -21.77 -15.23
C THR A 199 -6.14 -20.99 -14.29
N ASP A 200 -5.14 -20.32 -14.86
CA ASP A 200 -4.26 -19.47 -14.07
C ASP A 200 -5.03 -18.14 -13.95
N TRP A 201 -4.42 -17.14 -13.31
CA TRP A 201 -5.11 -15.87 -13.10
C TRP A 201 -5.73 -15.22 -14.33
N VAL A 202 -4.92 -15.00 -15.36
CA VAL A 202 -5.40 -14.31 -16.54
C VAL A 202 -6.44 -15.09 -17.36
N TYR A 203 -6.27 -16.39 -17.45
CA TYR A 203 -7.25 -17.18 -18.18
C TYR A 203 -8.58 -17.26 -17.41
N GLU A 204 -8.52 -17.18 -16.08
CA GLU A 204 -9.71 -17.24 -15.26
C GLU A 204 -10.51 -15.93 -15.48
N GLU A 205 -9.80 -14.83 -15.33
CA GLU A 205 -10.38 -13.50 -15.43
C GLU A 205 -10.81 -13.08 -16.84
N GLU A 206 -9.89 -13.19 -17.80
CA GLU A 206 -10.10 -12.70 -19.17
C GLU A 206 -10.59 -13.61 -20.30
N VAL A 207 -10.44 -14.92 -20.17
CA VAL A 207 -10.83 -15.81 -21.26
C VAL A 207 -12.04 -16.70 -20.97
N PHE A 208 -11.93 -17.56 -19.97
CA PHE A 208 -13.03 -18.46 -19.65
C PHE A 208 -14.03 -17.99 -18.59
N SER A 209 -13.68 -16.94 -17.83
CA SER A 209 -14.57 -16.44 -16.78
C SER A 209 -14.96 -17.59 -15.89
N ALA A 210 -13.96 -18.42 -15.56
CA ALA A 210 -14.20 -19.60 -14.74
C ALA A 210 -12.85 -20.16 -14.33
N TYR A 211 -12.83 -20.90 -13.23
CA TYR A 211 -11.61 -21.49 -12.71
C TYR A 211 -11.37 -22.82 -13.41
N SER A 212 -12.45 -23.46 -13.82
CA SER A 212 -12.32 -24.76 -14.46
C SER A 212 -11.84 -24.69 -15.89
N ALA A 213 -11.06 -25.71 -16.25
CA ALA A 213 -10.54 -25.88 -17.59
C ALA A 213 -10.76 -27.38 -17.89
N LEU A 214 -11.94 -27.85 -17.53
CA LEU A 214 -12.37 -29.24 -17.72
C LEU A 214 -13.65 -29.26 -18.55
N TRP A 215 -13.71 -30.15 -19.54
CA TRP A 215 -14.88 -30.25 -20.40
C TRP A 215 -15.23 -31.70 -20.73
N TRP A 216 -16.28 -32.19 -20.07
CA TRP A 216 -16.78 -33.53 -20.28
C TRP A 216 -17.46 -33.62 -21.65
N SER A 217 -17.31 -34.77 -22.31
CA SER A 217 -17.98 -34.97 -23.59
C SER A 217 -19.45 -35.12 -23.21
N PRO A 218 -20.35 -35.01 -24.18
CA PRO A 218 -21.80 -35.11 -23.92
C PRO A 218 -22.29 -36.24 -23.02
N ASN A 219 -21.80 -37.46 -23.21
CA ASN A 219 -22.26 -38.57 -22.37
C ASN A 219 -21.28 -38.99 -21.26
N GLY A 220 -20.22 -38.21 -21.05
CA GLY A 220 -19.26 -38.52 -19.99
C GLY A 220 -18.12 -39.44 -20.34
N THR A 221 -18.09 -39.93 -21.57
CA THR A 221 -17.02 -40.83 -21.95
C THR A 221 -15.65 -40.18 -21.87
N PHE A 222 -15.51 -39.09 -22.60
CA PHE A 222 -14.24 -38.36 -22.65
C PHE A 222 -14.20 -37.16 -21.70
N LEU A 223 -13.01 -36.84 -21.23
CA LEU A 223 -12.83 -35.69 -20.37
C LEU A 223 -11.71 -34.92 -21.01
N ALA A 224 -12.04 -33.75 -21.56
CA ALA A 224 -11.06 -32.88 -22.19
C ALA A 224 -10.58 -31.87 -21.15
N TYR A 225 -9.33 -31.45 -21.26
CA TYR A 225 -8.78 -30.47 -20.33
C TYR A 225 -7.61 -29.71 -20.93
N ALA A 226 -7.37 -28.52 -20.38
CA ALA A 226 -6.27 -27.68 -20.82
C ALA A 226 -5.24 -27.70 -19.72
N GLN A 227 -3.99 -27.40 -20.10
CA GLN A 227 -2.90 -27.34 -19.15
C GLN A 227 -2.19 -26.01 -19.36
N PHE A 228 -2.05 -25.25 -18.29
CA PHE A 228 -1.39 -23.95 -18.40
C PHE A 228 -0.02 -23.96 -17.73
N ASN A 229 0.94 -23.32 -18.39
CA ASN A 229 2.31 -23.22 -17.90
C ASN A 229 2.66 -21.75 -17.70
N ASP A 230 2.85 -21.34 -16.44
CA ASP A 230 3.16 -19.96 -16.11
C ASP A 230 4.60 -19.77 -15.67
N THR A 231 5.42 -20.78 -15.95
CA THR A 231 6.82 -20.77 -15.57
C THR A 231 7.52 -19.44 -15.69
N GLU A 232 7.39 -18.79 -16.84
CA GLU A 232 8.09 -17.52 -17.01
C GLU A 232 7.24 -16.25 -16.87
N VAL A 233 6.03 -16.40 -16.35
CA VAL A 233 5.16 -15.25 -16.19
C VAL A 233 5.56 -14.51 -14.93
N PRO A 234 5.86 -13.20 -15.03
CA PRO A 234 6.25 -12.43 -13.85
C PRO A 234 5.14 -12.47 -12.81
N LEU A 235 5.51 -12.19 -11.57
CA LEU A 235 4.56 -12.20 -10.47
C LEU A 235 4.22 -10.79 -10.02
N ILE A 236 2.95 -10.54 -9.72
CA ILE A 236 2.56 -9.25 -9.17
C ILE A 236 2.69 -9.54 -7.66
N GLU A 237 3.23 -8.60 -6.92
CA GLU A 237 3.41 -8.80 -5.48
C GLU A 237 2.81 -7.63 -4.73
N TYR A 238 2.07 -7.91 -3.66
CA TYR A 238 1.48 -6.86 -2.86
C TYR A 238 1.29 -7.39 -1.45
N SER A 239 1.17 -6.49 -0.49
CA SER A 239 1.01 -6.89 0.91
C SER A 239 -0.42 -7.22 1.31
N PHE A 240 -0.54 -8.13 2.27
CA PHE A 240 -1.84 -8.48 2.80
C PHE A 240 -1.60 -8.37 4.29
N TYR A 241 -2.40 -7.57 4.96
CA TYR A 241 -2.19 -7.35 6.39
C TYR A 241 -2.89 -8.33 7.32
N SER A 242 -4.04 -8.82 6.89
CA SER A 242 -4.79 -9.79 7.68
C SER A 242 -5.26 -9.20 9.01
N ASP A 243 -5.66 -10.07 9.94
CA ASP A 243 -6.12 -9.62 11.24
C ASP A 243 -4.99 -8.93 11.97
N GLU A 244 -5.34 -8.07 12.92
CA GLU A 244 -4.34 -7.31 13.60
C GLU A 244 -3.35 -8.16 14.37
N SER A 245 -3.71 -9.42 14.62
CA SER A 245 -2.84 -10.32 15.36
C SER A 245 -1.62 -10.70 14.54
N LEU A 246 -1.69 -10.62 13.22
CA LEU A 246 -0.54 -10.97 12.38
C LEU A 246 0.58 -9.94 12.53
N GLN A 247 1.70 -10.36 13.11
CA GLN A 247 2.80 -9.44 13.36
C GLN A 247 3.46 -8.89 12.09
N TYR A 248 3.74 -9.77 11.14
CA TYR A 248 4.38 -9.38 9.90
C TYR A 248 3.42 -9.48 8.71
N PRO A 249 3.28 -8.41 7.92
CA PRO A 249 2.37 -8.48 6.77
C PRO A 249 2.81 -9.60 5.84
N LYS A 250 1.83 -10.22 5.21
CA LYS A 250 2.11 -11.29 4.28
C LYS A 250 2.25 -10.67 2.89
N THR A 251 3.12 -11.25 2.07
CA THR A 251 3.30 -10.78 0.71
C THR A 251 2.61 -11.79 -0.22
N VAL A 252 1.56 -11.35 -0.93
CA VAL A 252 0.87 -12.23 -1.86
C VAL A 252 1.59 -12.15 -3.22
N ARG A 253 1.81 -13.29 -3.87
CA ARG A 253 2.50 -13.34 -5.15
C ARG A 253 1.65 -14.08 -6.20
N VAL A 254 1.30 -13.41 -7.29
CA VAL A 254 0.45 -14.02 -8.32
C VAL A 254 1.02 -13.89 -9.73
N PRO A 255 1.15 -15.03 -10.46
CA PRO A 255 1.69 -14.97 -11.82
C PRO A 255 0.64 -14.15 -12.61
N TYR A 256 1.04 -12.97 -13.06
CA TYR A 256 0.13 -12.07 -13.74
C TYR A 256 0.89 -11.38 -14.86
N PRO A 257 0.57 -11.69 -16.12
CA PRO A 257 1.26 -11.06 -17.23
C PRO A 257 0.70 -9.68 -17.55
N LYS A 258 1.50 -8.64 -17.33
CA LYS A 258 1.09 -7.29 -17.65
C LYS A 258 1.34 -7.10 -19.16
N ALA A 259 0.79 -6.05 -19.75
CA ALA A 259 0.93 -5.83 -21.18
C ALA A 259 2.37 -5.96 -21.71
N GLY A 260 2.56 -6.79 -22.72
CA GLY A 260 3.88 -6.97 -23.28
C GLY A 260 4.74 -8.01 -22.60
N ALA A 261 4.36 -8.45 -21.41
CA ALA A 261 5.15 -9.42 -20.68
C ALA A 261 5.01 -10.85 -21.20
N VAL A 262 5.77 -11.78 -20.63
CA VAL A 262 5.70 -13.17 -21.05
C VAL A 262 4.38 -13.76 -20.58
N ASN A 263 3.67 -14.41 -21.50
CA ASN A 263 2.37 -15.03 -21.25
C ASN A 263 2.52 -16.50 -20.93
N PRO A 264 1.50 -17.07 -20.28
CA PRO A 264 1.56 -18.50 -19.97
C PRO A 264 1.33 -19.20 -21.31
N THR A 265 1.72 -20.45 -21.40
CA THR A 265 1.51 -21.21 -22.64
C THR A 265 0.43 -22.22 -22.29
N VAL A 266 -0.17 -22.80 -23.32
CA VAL A 266 -1.28 -23.74 -23.11
C VAL A 266 -1.22 -24.97 -24.05
N LYS A 267 -1.70 -26.10 -23.54
CA LYS A 267 -1.77 -27.34 -24.30
C LYS A 267 -3.13 -27.90 -23.99
N PHE A 268 -3.66 -28.72 -24.91
CA PHE A 268 -4.98 -29.30 -24.77
C PHE A 268 -4.93 -30.82 -24.82
N PHE A 269 -5.63 -31.48 -23.90
CA PHE A 269 -5.66 -32.94 -23.85
C PHE A 269 -7.05 -33.56 -23.74
N VAL A 270 -7.15 -34.83 -24.13
CA VAL A 270 -8.40 -35.56 -24.03
C VAL A 270 -8.09 -36.95 -23.48
N VAL A 271 -8.88 -37.38 -22.50
CA VAL A 271 -8.67 -38.68 -21.89
C VAL A 271 -9.98 -39.47 -21.87
N ASN A 272 -9.87 -40.78 -22.09
CA ASN A 272 -11.03 -41.66 -22.09
C ASN A 272 -11.26 -42.13 -20.66
N THR A 273 -12.32 -41.67 -20.02
CA THR A 273 -12.55 -42.10 -18.64
C THR A 273 -13.16 -43.49 -18.53
N ASP A 274 -13.47 -44.12 -19.67
CA ASP A 274 -14.07 -45.47 -19.64
C ASP A 274 -13.00 -46.56 -19.65
N SER A 275 -11.77 -46.19 -20.01
CA SER A 275 -10.70 -47.17 -20.06
C SER A 275 -9.57 -46.84 -19.09
N LEU A 276 -9.94 -46.42 -17.88
CA LEU A 276 -8.93 -46.09 -16.87
C LEU A 276 -8.52 -47.35 -16.10
N SER A 277 -7.23 -47.43 -15.76
CA SER A 277 -6.73 -48.59 -15.04
C SER A 277 -6.16 -48.24 -13.67
N SER A 278 -6.31 -49.16 -12.74
CA SER A 278 -5.79 -48.99 -11.39
C SER A 278 -4.34 -49.45 -11.36
N VAL A 279 -3.93 -50.10 -12.43
CA VAL A 279 -2.57 -50.62 -12.52
C VAL A 279 -1.70 -49.80 -13.47
N THR A 280 -2.34 -49.00 -14.30
CA THR A 280 -1.60 -48.21 -15.26
C THR A 280 -2.02 -46.74 -15.23
N ASN A 281 -1.06 -45.84 -15.42
CA ASN A 281 -1.36 -44.40 -15.42
C ASN A 281 -2.14 -44.04 -16.66
N ALA A 282 -3.27 -43.37 -16.47
CA ALA A 282 -4.14 -42.95 -17.57
C ALA A 282 -3.34 -42.31 -18.68
N THR A 283 -3.75 -42.54 -19.92
CA THR A 283 -3.04 -41.92 -21.04
C THR A 283 -3.90 -40.81 -21.62
N SER A 284 -3.33 -39.60 -21.70
CA SER A 284 -4.04 -38.44 -22.24
C SER A 284 -3.55 -38.17 -23.64
N ILE A 285 -4.48 -37.99 -24.56
CA ILE A 285 -4.14 -37.70 -25.96
C ILE A 285 -4.12 -36.18 -26.17
N GLN A 286 -3.03 -35.68 -26.73
CA GLN A 286 -2.92 -34.26 -26.99
C GLN A 286 -3.41 -33.85 -28.37
N ILE A 287 -4.00 -32.67 -28.42
CA ILE A 287 -4.50 -32.07 -29.66
C ILE A 287 -3.75 -30.76 -29.74
N THR A 288 -2.85 -30.67 -30.70
CA THR A 288 -2.04 -29.48 -30.86
C THR A 288 -2.77 -28.40 -31.63
N ALA A 289 -2.35 -27.15 -31.45
CA ALA A 289 -2.99 -26.04 -32.13
C ALA A 289 -2.47 -25.99 -33.56
N PRO A 290 -3.21 -25.37 -34.48
CA PRO A 290 -2.78 -25.27 -35.87
C PRO A 290 -1.47 -24.50 -36.06
N ALA A 291 -0.77 -24.80 -37.14
CA ALA A 291 0.51 -24.17 -37.45
C ALA A 291 0.44 -22.65 -37.48
N SER A 292 -0.66 -22.11 -37.98
CA SER A 292 -0.81 -20.66 -38.06
C SER A 292 -0.88 -20.05 -36.66
N MET A 293 -0.99 -20.91 -35.66
CA MET A 293 -1.07 -20.51 -34.28
C MET A 293 0.29 -20.76 -33.61
N LEU A 294 0.89 -21.91 -33.87
CA LEU A 294 2.18 -22.26 -33.30
C LEU A 294 3.33 -21.37 -33.71
N ILE A 295 3.16 -20.57 -34.74
CA ILE A 295 4.23 -19.67 -35.18
C ILE A 295 4.59 -18.60 -34.14
N GLY A 296 3.72 -18.38 -33.16
CA GLY A 296 3.97 -17.38 -32.14
C GLY A 296 3.06 -17.52 -30.94
N ASP A 297 3.09 -16.53 -30.03
CA ASP A 297 2.24 -16.60 -28.85
C ASP A 297 0.77 -16.73 -29.28
N HIS A 298 0.01 -17.48 -28.51
CA HIS A 298 -1.40 -17.67 -28.82
C HIS A 298 -2.13 -18.07 -27.57
N TYR A 299 -3.44 -18.20 -27.70
CA TYR A 299 -4.33 -18.56 -26.60
C TYR A 299 -5.34 -19.60 -27.06
N LEU A 300 -5.84 -20.37 -26.10
CA LEU A 300 -6.92 -21.31 -26.35
C LEU A 300 -8.10 -20.44 -25.87
N CYS A 301 -9.08 -20.17 -26.73
CA CYS A 301 -10.17 -19.28 -26.30
C CYS A 301 -11.56 -19.89 -26.20
N ASP A 302 -11.73 -21.11 -26.69
CA ASP A 302 -13.01 -21.80 -26.61
C ASP A 302 -12.90 -23.30 -26.82
N VAL A 303 -13.72 -24.04 -26.09
CA VAL A 303 -13.78 -25.49 -26.21
C VAL A 303 -15.25 -25.82 -26.11
N THR A 304 -15.77 -26.46 -27.16
CA THR A 304 -17.17 -26.85 -27.21
C THR A 304 -17.29 -28.21 -27.87
N TRP A 305 -17.94 -29.15 -27.20
CA TRP A 305 -18.13 -30.48 -27.79
C TRP A 305 -19.25 -30.42 -28.82
N ALA A 306 -19.10 -31.15 -29.92
CA ALA A 306 -20.11 -31.20 -30.97
C ALA A 306 -20.91 -32.49 -30.81
N THR A 307 -20.21 -33.61 -30.62
CA THR A 307 -20.88 -34.90 -30.44
C THR A 307 -20.08 -35.79 -29.49
N GLN A 308 -20.53 -37.03 -29.33
CA GLN A 308 -19.85 -37.97 -28.45
C GLN A 308 -18.41 -38.17 -28.90
N GLU A 309 -18.12 -37.97 -30.18
CA GLU A 309 -16.76 -38.20 -30.66
C GLU A 309 -16.15 -37.08 -31.51
N ARG A 310 -16.68 -35.87 -31.35
CA ARG A 310 -16.19 -34.71 -32.10
C ARG A 310 -16.13 -33.50 -31.18
N ILE A 311 -14.97 -32.87 -31.13
CA ILE A 311 -14.78 -31.69 -30.29
C ILE A 311 -14.22 -30.52 -31.10
N SER A 312 -14.67 -29.30 -30.80
CA SER A 312 -14.14 -28.13 -31.52
C SER A 312 -13.39 -27.25 -30.54
N LEU A 313 -12.37 -26.58 -31.05
CA LEU A 313 -11.54 -25.69 -30.25
C LEU A 313 -11.22 -24.46 -31.09
N GLN A 314 -11.26 -23.29 -30.45
CA GLN A 314 -10.88 -22.07 -31.13
C GLN A 314 -9.58 -21.56 -30.48
N TRP A 315 -8.62 -21.16 -31.33
CA TRP A 315 -7.35 -20.62 -30.89
C TRP A 315 -7.26 -19.18 -31.37
N LEU A 316 -6.58 -18.35 -30.61
CA LEU A 316 -6.46 -16.95 -30.93
C LEU A 316 -4.99 -16.53 -30.84
N ARG A 317 -4.52 -15.75 -31.81
CA ARG A 317 -3.15 -15.28 -31.76
C ARG A 317 -3.04 -14.18 -30.72
N ARG A 318 -1.84 -13.96 -30.20
CA ARG A 318 -1.66 -12.90 -29.21
C ARG A 318 -2.15 -11.57 -29.79
N ILE A 319 -1.96 -11.37 -31.10
CA ILE A 319 -2.49 -10.18 -31.78
C ILE A 319 -3.89 -10.68 -32.08
N GLN A 320 -4.84 -10.27 -31.25
CA GLN A 320 -6.21 -10.75 -31.30
C GLN A 320 -7.17 -10.39 -32.43
N ASN A 321 -6.65 -10.36 -33.65
CA ASN A 321 -7.48 -10.06 -34.81
C ASN A 321 -7.55 -11.30 -35.72
N TYR A 322 -7.06 -12.43 -35.24
CA TYR A 322 -7.07 -13.65 -36.06
C TYR A 322 -7.26 -14.91 -35.18
N SER A 323 -8.31 -15.67 -35.42
CA SER A 323 -8.55 -16.88 -34.64
C SER A 323 -8.88 -18.03 -35.57
N VAL A 324 -8.62 -19.24 -35.09
CA VAL A 324 -8.86 -20.44 -35.89
C VAL A 324 -9.61 -21.51 -35.09
N MET A 325 -10.65 -22.06 -35.71
CA MET A 325 -11.43 -23.14 -35.07
C MET A 325 -11.03 -24.45 -35.71
N ASP A 326 -10.70 -25.43 -34.86
CA ASP A 326 -10.35 -26.77 -35.31
C ASP A 326 -11.49 -27.70 -34.88
N ILE A 327 -11.87 -28.61 -35.76
CA ILE A 327 -12.93 -29.57 -35.47
C ILE A 327 -12.28 -30.94 -35.50
N CYS A 328 -12.30 -31.63 -34.35
CA CYS A 328 -11.61 -32.92 -34.24
C CYS A 328 -12.49 -34.13 -33.91
N ASP A 329 -12.27 -35.21 -34.64
CA ASP A 329 -13.00 -36.46 -34.48
C ASP A 329 -12.17 -37.57 -33.86
N TYR A 330 -12.78 -38.34 -32.98
CA TYR A 330 -12.09 -39.46 -32.35
C TYR A 330 -11.98 -40.64 -33.34
N ASP A 331 -10.79 -41.25 -33.39
CA ASP A 331 -10.50 -42.38 -34.28
C ASP A 331 -10.37 -43.67 -33.45
N GLU A 332 -11.35 -44.58 -33.58
CA GLU A 332 -11.30 -45.83 -32.81
C GLU A 332 -10.13 -46.73 -33.19
N SER A 333 -9.52 -46.49 -34.35
CA SER A 333 -8.41 -47.34 -34.77
C SER A 333 -7.11 -47.00 -34.05
N SER A 334 -6.75 -45.71 -34.03
CA SER A 334 -5.53 -45.29 -33.36
C SER A 334 -5.78 -44.76 -31.97
N GLY A 335 -7.04 -44.44 -31.67
CA GLY A 335 -7.37 -43.90 -30.36
C GLY A 335 -6.88 -42.47 -30.25
N ARG A 336 -6.69 -41.85 -31.41
CA ARG A 336 -6.23 -40.47 -31.48
C ARG A 336 -7.35 -39.56 -31.97
N TRP A 337 -7.12 -38.26 -31.87
CA TRP A 337 -8.08 -37.27 -32.32
C TRP A 337 -7.48 -36.55 -33.52
N ASN A 338 -8.17 -36.62 -34.66
CA ASN A 338 -7.70 -35.98 -35.89
C ASN A 338 -8.54 -34.75 -36.19
N CYS A 339 -7.89 -33.67 -36.60
CA CYS A 339 -8.60 -32.45 -36.91
C CYS A 339 -8.36 -32.11 -38.38
N LEU A 340 -9.23 -32.60 -39.25
CA LEU A 340 -9.10 -32.34 -40.69
C LEU A 340 -8.97 -30.86 -41.02
N VAL A 341 -7.92 -30.54 -41.78
CA VAL A 341 -7.67 -29.18 -42.21
C VAL A 341 -8.88 -28.61 -42.96
N ALA A 342 -9.56 -29.46 -43.73
CA ALA A 342 -10.73 -29.02 -44.48
C ALA A 342 -11.86 -28.58 -43.55
N ARG A 343 -11.79 -28.95 -42.28
CA ARG A 343 -12.82 -28.56 -41.33
C ARG A 343 -12.39 -27.35 -40.48
N GLN A 344 -11.32 -26.69 -40.89
CA GLN A 344 -10.85 -25.51 -40.16
C GLN A 344 -11.68 -24.29 -40.52
N HIS A 345 -11.85 -23.40 -39.56
CA HIS A 345 -12.61 -22.18 -39.79
C HIS A 345 -11.86 -21.00 -39.23
N ILE A 346 -11.53 -20.07 -40.12
CA ILE A 346 -10.81 -18.88 -39.75
C ILE A 346 -11.78 -17.76 -39.52
N GLU A 347 -11.46 -16.93 -38.53
CA GLU A 347 -12.31 -15.78 -38.20
C GLU A 347 -11.33 -14.64 -37.91
N MET A 348 -11.39 -13.58 -38.71
CA MET A 348 -10.48 -12.45 -38.51
C MET A 348 -11.23 -11.14 -38.55
N SER A 349 -10.56 -10.06 -38.18
CA SER A 349 -11.19 -8.75 -38.17
C SER A 349 -10.22 -7.73 -38.72
N THR A 350 -10.71 -6.84 -39.56
CA THR A 350 -9.85 -5.81 -40.14
C THR A 350 -10.03 -4.45 -39.43
N THR A 351 -11.09 -4.30 -38.65
CA THR A 351 -11.35 -3.04 -37.94
C THR A 351 -11.00 -3.08 -36.46
N GLY A 352 -10.92 -4.27 -35.88
CA GLY A 352 -10.60 -4.37 -34.47
C GLY A 352 -10.14 -5.76 -34.09
N TRP A 353 -10.65 -6.26 -32.97
CA TRP A 353 -10.30 -7.59 -32.48
C TRP A 353 -11.42 -8.56 -32.91
N VAL A 354 -11.33 -9.82 -32.51
CA VAL A 354 -12.34 -10.80 -32.89
C VAL A 354 -13.32 -11.08 -31.74
N GLY A 355 -14.61 -10.95 -32.03
CA GLY A 355 -15.64 -11.19 -31.01
C GLY A 355 -15.85 -10.00 -30.08
N ARG A 356 -16.78 -10.10 -29.13
CA ARG A 356 -17.01 -8.98 -28.22
C ARG A 356 -15.86 -8.90 -27.22
N PHE A 357 -15.57 -10.01 -26.56
CA PHE A 357 -14.46 -10.09 -25.62
C PHE A 357 -13.60 -11.28 -26.05
N ARG A 358 -14.15 -12.15 -26.88
CA ARG A 358 -13.44 -13.32 -27.44
C ARG A 358 -14.32 -13.96 -28.50
N PRO A 359 -13.73 -14.74 -29.40
CA PRO A 359 -14.52 -15.41 -30.44
C PRO A 359 -15.73 -16.09 -29.79
N SER A 360 -16.90 -15.99 -30.43
CA SER A 360 -18.12 -16.59 -29.89
C SER A 360 -18.08 -18.13 -29.96
N GLU A 361 -18.91 -18.77 -29.14
CA GLU A 361 -18.96 -20.22 -29.11
C GLU A 361 -19.92 -20.70 -30.19
N PRO A 362 -19.60 -21.86 -30.79
CA PRO A 362 -20.44 -22.46 -31.84
C PRO A 362 -21.56 -23.29 -31.22
N HIS A 363 -22.69 -23.39 -31.91
CA HIS A 363 -23.81 -24.17 -31.41
C HIS A 363 -24.04 -25.26 -32.47
N PHE A 364 -23.61 -26.48 -32.16
CA PHE A 364 -23.74 -27.58 -33.09
C PHE A 364 -25.12 -28.21 -33.10
N THR A 365 -25.47 -28.76 -34.27
CA THR A 365 -26.74 -29.47 -34.46
C THR A 365 -26.57 -30.87 -33.86
N LEU A 366 -27.67 -31.63 -33.76
CA LEU A 366 -27.62 -32.97 -33.18
C LEU A 366 -26.51 -33.86 -33.79
N ASP A 367 -26.43 -33.94 -35.11
CA ASP A 367 -25.41 -34.78 -35.75
C ASP A 367 -24.02 -34.15 -35.79
N GLY A 368 -23.90 -32.91 -35.33
CA GLY A 368 -22.60 -32.25 -35.32
C GLY A 368 -22.02 -31.93 -36.68
N ASN A 369 -22.83 -32.03 -37.74
CA ASN A 369 -22.32 -31.76 -39.09
C ASN A 369 -22.35 -30.28 -39.50
N SER A 370 -23.04 -29.45 -38.73
CA SER A 370 -23.11 -28.03 -39.03
C SER A 370 -23.32 -27.30 -37.72
N PHE A 371 -23.15 -25.99 -37.73
CA PHE A 371 -23.32 -25.22 -36.49
C PHE A 371 -23.60 -23.77 -36.75
N TYR A 372 -24.15 -23.12 -35.72
CA TYR A 372 -24.50 -21.71 -35.75
C TYR A 372 -23.55 -20.93 -34.84
N LYS A 373 -23.18 -19.73 -35.28
CA LYS A 373 -22.24 -18.93 -34.52
C LYS A 373 -22.49 -17.44 -34.80
N ILE A 374 -22.43 -16.63 -33.75
CA ILE A 374 -22.62 -15.20 -33.88
C ILE A 374 -21.30 -14.60 -34.35
N ILE A 375 -21.32 -13.88 -35.47
CA ILE A 375 -20.11 -13.23 -35.97
C ILE A 375 -20.45 -11.88 -36.58
N SER A 376 -19.45 -11.02 -36.62
CA SER A 376 -19.65 -9.70 -37.19
C SER A 376 -19.83 -9.83 -38.70
N ASN A 377 -20.91 -9.28 -39.23
CA ASN A 377 -21.19 -9.35 -40.65
C ASN A 377 -20.52 -8.22 -41.41
N GLU A 378 -20.73 -8.12 -42.73
CA GLU A 378 -20.08 -7.07 -43.54
C GLU A 378 -20.43 -5.65 -43.15
N GLU A 379 -21.55 -5.46 -42.46
CA GLU A 379 -21.93 -4.13 -42.02
C GLU A 379 -21.37 -3.85 -40.62
N GLY A 380 -20.75 -4.86 -40.02
CA GLY A 380 -20.22 -4.66 -38.69
C GLY A 380 -21.22 -4.98 -37.59
N TYR A 381 -22.34 -5.63 -37.93
CA TYR A 381 -23.32 -6.01 -36.92
C TYR A 381 -23.25 -7.50 -36.67
N ARG A 382 -23.28 -7.86 -35.40
CA ARG A 382 -23.17 -9.26 -35.01
C ARG A 382 -24.48 -10.01 -35.23
N HIS A 383 -24.40 -11.01 -36.10
CA HIS A 383 -25.54 -11.82 -36.44
C HIS A 383 -25.19 -13.30 -36.49
N ILE A 384 -26.22 -14.14 -36.55
CA ILE A 384 -26.00 -15.57 -36.55
C ILE A 384 -25.65 -16.06 -37.96
N CYS A 385 -24.57 -16.81 -38.09
CA CYS A 385 -24.17 -17.35 -39.39
C CYS A 385 -24.29 -18.87 -39.26
N TYR A 386 -24.68 -19.54 -40.33
CA TYR A 386 -24.83 -20.99 -40.33
C TYR A 386 -23.65 -21.58 -41.08
N PHE A 387 -22.93 -22.48 -40.42
CA PHE A 387 -21.74 -23.11 -40.98
C PHE A 387 -21.92 -24.62 -41.18
N GLN A 388 -21.26 -25.13 -42.21
CA GLN A 388 -21.19 -26.55 -42.58
C GLN A 388 -19.77 -26.85 -42.05
N ILE A 389 -19.51 -27.94 -41.34
CA ILE A 389 -18.17 -28.14 -40.80
C ILE A 389 -17.03 -28.22 -41.81
N ASP A 390 -17.34 -28.59 -43.04
CA ASP A 390 -16.30 -28.70 -44.05
C ASP A 390 -16.50 -27.70 -45.18
N LYS A 391 -17.09 -26.56 -44.87
CA LYS A 391 -17.29 -25.51 -45.86
C LYS A 391 -16.82 -24.20 -45.27
N LYS A 392 -16.10 -23.41 -46.08
CA LYS A 392 -15.57 -22.14 -45.61
C LYS A 392 -16.63 -21.07 -45.47
N ASP A 393 -17.50 -20.96 -46.45
CA ASP A 393 -18.54 -19.94 -46.40
C ASP A 393 -19.70 -20.32 -45.52
N CYS A 394 -20.09 -19.40 -44.66
CA CYS A 394 -21.22 -19.60 -43.78
C CYS A 394 -22.31 -18.71 -44.33
N THR A 395 -23.55 -18.94 -43.92
CA THR A 395 -24.68 -18.13 -44.38
C THR A 395 -25.33 -17.44 -43.21
N PHE A 396 -25.54 -16.13 -43.30
CA PHE A 396 -26.16 -15.38 -42.22
C PHE A 396 -27.68 -15.60 -42.20
N ILE A 397 -28.21 -15.99 -41.05
CA ILE A 397 -29.64 -16.22 -40.98
C ILE A 397 -30.43 -15.05 -40.39
N THR A 398 -29.73 -14.08 -39.82
CA THR A 398 -30.37 -12.86 -39.29
C THR A 398 -29.56 -11.70 -39.84
N LYS A 399 -30.19 -10.53 -39.89
CA LYS A 399 -29.51 -9.36 -40.41
C LYS A 399 -30.27 -8.09 -40.00
N GLY A 400 -29.61 -6.94 -40.10
CA GLY A 400 -30.25 -5.69 -39.72
C GLY A 400 -29.37 -4.83 -38.83
N THR A 401 -29.78 -3.58 -38.61
CA THR A 401 -29.00 -2.65 -37.80
C THR A 401 -29.32 -2.82 -36.33
N TRP A 402 -29.00 -4.02 -35.83
CA TRP A 402 -29.19 -4.40 -34.44
C TRP A 402 -28.31 -5.61 -34.29
N GLU A 403 -28.22 -6.16 -33.08
CA GLU A 403 -27.38 -7.35 -32.90
C GLU A 403 -27.96 -8.46 -32.05
N VAL A 404 -27.54 -9.66 -32.38
CA VAL A 404 -27.91 -10.83 -31.64
C VAL A 404 -26.95 -10.82 -30.46
N ILE A 405 -27.48 -10.99 -29.25
CA ILE A 405 -26.67 -10.99 -28.02
C ILE A 405 -26.10 -12.39 -27.79
N GLY A 406 -26.96 -13.40 -27.95
CA GLY A 406 -26.49 -14.76 -27.76
C GLY A 406 -27.49 -15.76 -28.29
N ILE A 407 -27.00 -16.95 -28.64
CA ILE A 407 -27.84 -18.04 -29.10
C ILE A 407 -28.19 -18.78 -27.81
N GLU A 408 -29.48 -19.04 -27.59
CA GLU A 408 -29.93 -19.67 -26.34
C GLU A 408 -30.31 -21.15 -26.40
N ALA A 409 -30.88 -21.60 -27.50
CA ALA A 409 -31.27 -23.00 -27.65
C ALA A 409 -31.40 -23.33 -29.12
N LEU A 410 -31.26 -24.61 -29.43
CA LEU A 410 -31.34 -25.09 -30.80
C LEU A 410 -32.07 -26.43 -30.90
N THR A 411 -33.07 -26.48 -31.78
CA THR A 411 -33.83 -27.71 -32.06
C THR A 411 -33.75 -27.87 -33.59
N SER A 412 -34.22 -29.00 -34.11
CA SER A 412 -34.17 -29.22 -35.56
C SER A 412 -35.05 -28.22 -36.32
N ASP A 413 -36.07 -27.66 -35.67
CA ASP A 413 -36.95 -26.71 -36.34
C ASP A 413 -36.66 -25.22 -36.07
N TYR A 414 -36.18 -24.92 -34.88
CA TYR A 414 -35.90 -23.53 -34.50
C TYR A 414 -34.58 -23.27 -33.78
N LEU A 415 -34.13 -22.02 -33.89
CA LEU A 415 -32.96 -21.58 -33.16
C LEU A 415 -33.51 -20.39 -32.34
N TYR A 416 -33.31 -20.43 -31.03
CA TYR A 416 -33.79 -19.39 -30.14
C TYR A 416 -32.63 -18.46 -29.77
N TYR A 417 -32.91 -17.16 -29.75
CA TYR A 417 -31.86 -16.21 -29.42
C TYR A 417 -32.39 -14.91 -28.83
N ILE A 418 -31.49 -14.16 -28.20
CA ILE A 418 -31.83 -12.88 -27.63
C ILE A 418 -31.15 -11.77 -28.45
N SER A 419 -31.90 -10.71 -28.73
CA SER A 419 -31.34 -9.62 -29.51
C SER A 419 -31.93 -8.32 -29.02
N ASN A 420 -31.36 -7.20 -29.46
CA ASN A 420 -31.88 -5.89 -29.08
C ASN A 420 -32.59 -5.28 -30.28
N GLU A 421 -33.19 -6.13 -31.11
CA GLU A 421 -33.90 -5.63 -32.28
C GLU A 421 -35.17 -4.81 -32.00
N TYR A 422 -35.97 -5.26 -31.04
CA TYR A 422 -37.22 -4.58 -30.76
C TYR A 422 -37.17 -3.07 -30.59
N LYS A 423 -38.00 -2.38 -31.37
CA LYS A 423 -38.09 -0.93 -31.32
C LYS A 423 -36.75 -0.25 -31.52
N GLY A 424 -35.79 -0.98 -32.08
CA GLY A 424 -34.48 -0.39 -32.30
C GLY A 424 -33.80 0.13 -31.04
N MET A 425 -34.12 -0.47 -29.90
CA MET A 425 -33.50 -0.04 -28.65
C MET A 425 -32.32 -0.96 -28.32
N PRO A 426 -31.08 -0.45 -28.51
CA PRO A 426 -29.88 -1.26 -28.22
C PRO A 426 -29.77 -1.72 -26.76
N GLY A 427 -30.47 -0.99 -25.88
CA GLY A 427 -30.46 -1.32 -24.46
C GLY A 427 -31.62 -2.20 -24.00
N GLY A 428 -32.37 -2.75 -24.97
CA GLY A 428 -33.49 -3.65 -24.65
C GLY A 428 -33.08 -5.05 -25.10
N ARG A 429 -33.69 -6.07 -24.52
CA ARG A 429 -33.35 -7.46 -24.87
C ARG A 429 -34.62 -8.31 -24.94
N ASN A 430 -34.78 -9.06 -26.02
CA ASN A 430 -35.93 -9.91 -26.16
C ASN A 430 -35.56 -11.26 -26.73
N LEU A 431 -36.43 -12.24 -26.50
CA LEU A 431 -36.23 -13.60 -26.97
C LEU A 431 -36.98 -13.79 -28.28
N TYR A 432 -36.27 -14.33 -29.29
CA TYR A 432 -36.82 -14.62 -30.60
C TYR A 432 -36.50 -16.05 -31.01
N LYS A 433 -37.26 -16.58 -31.94
CA LYS A 433 -37.00 -17.91 -32.48
C LYS A 433 -37.06 -17.72 -33.99
N ILE A 434 -36.20 -18.42 -34.71
CA ILE A 434 -36.18 -18.29 -36.17
C ILE A 434 -36.32 -19.70 -36.74
N GLN A 435 -37.23 -19.84 -37.69
CA GLN A 435 -37.51 -21.11 -38.35
C GLN A 435 -36.32 -21.50 -39.20
N LEU A 436 -35.67 -22.62 -38.89
CA LEU A 436 -34.52 -23.01 -39.68
C LEU A 436 -34.84 -23.29 -41.15
N SER A 437 -36.06 -23.73 -41.45
CA SER A 437 -36.42 -24.00 -42.85
C SER A 437 -36.80 -22.74 -43.65
N ASP A 438 -37.02 -21.61 -42.96
CA ASP A 438 -37.40 -20.37 -43.65
C ASP A 438 -37.03 -19.17 -42.78
N TYR A 439 -35.84 -18.63 -43.03
CA TYR A 439 -35.31 -17.51 -42.26
C TYR A 439 -36.16 -16.25 -42.30
N THR A 440 -37.14 -16.17 -43.18
CA THR A 440 -37.98 -14.96 -43.20
C THR A 440 -39.01 -15.06 -42.06
N LYS A 441 -39.12 -16.23 -41.46
CA LYS A 441 -40.07 -16.44 -40.36
C LYS A 441 -39.42 -16.30 -38.97
N VAL A 442 -39.39 -15.07 -38.46
CA VAL A 442 -38.82 -14.77 -37.14
C VAL A 442 -39.96 -14.33 -36.21
N THR A 443 -40.08 -14.97 -35.05
CA THR A 443 -41.14 -14.63 -34.10
C THR A 443 -40.59 -14.12 -32.78
N CYS A 444 -41.01 -12.93 -32.34
CA CYS A 444 -40.52 -12.46 -31.04
C CYS A 444 -41.42 -13.14 -30.00
N LEU A 445 -40.80 -13.75 -29.00
CA LEU A 445 -41.52 -14.48 -27.97
C LEU A 445 -41.75 -13.71 -26.68
N SER A 446 -41.04 -12.60 -26.48
CA SER A 446 -41.20 -11.86 -25.24
C SER A 446 -41.59 -10.39 -25.42
N CYS A 447 -41.45 -9.87 -26.64
CA CYS A 447 -41.71 -8.46 -26.91
C CYS A 447 -43.04 -7.93 -26.42
N GLU A 448 -44.10 -8.67 -26.71
CA GLU A 448 -45.43 -8.21 -26.35
C GLU A 448 -46.04 -8.78 -25.07
N LEU A 449 -45.28 -9.55 -24.29
CA LEU A 449 -45.84 -10.12 -23.06
C LEU A 449 -46.33 -9.02 -22.11
N ASN A 450 -45.54 -7.95 -21.99
CA ASN A 450 -45.89 -6.83 -21.11
C ASN A 450 -44.86 -5.75 -21.43
N PRO A 451 -45.02 -5.10 -22.58
CA PRO A 451 -44.13 -4.04 -23.07
C PRO A 451 -43.84 -2.88 -22.14
N GLU A 452 -44.79 -2.49 -21.29
CA GLU A 452 -44.54 -1.38 -20.38
C GLU A 452 -43.60 -1.79 -19.25
N ARG A 453 -43.80 -2.99 -18.73
CA ARG A 453 -42.97 -3.47 -17.64
C ARG A 453 -41.73 -4.23 -18.06
N CYS A 454 -41.81 -4.90 -19.20
CA CYS A 454 -40.70 -5.75 -19.61
C CYS A 454 -40.09 -5.51 -20.97
N GLN A 455 -38.86 -5.02 -20.95
CA GLN A 455 -38.10 -4.71 -22.17
C GLN A 455 -36.69 -5.30 -22.14
N TYR A 456 -36.34 -6.05 -21.08
CA TYR A 456 -35.01 -6.64 -20.98
C TYR A 456 -35.16 -8.05 -20.43
N TYR A 457 -35.00 -9.02 -21.30
CA TYR A 457 -35.16 -10.42 -20.92
C TYR A 457 -33.91 -11.27 -21.01
N SER A 458 -33.95 -12.33 -20.22
CA SER A 458 -32.92 -13.35 -20.17
C SER A 458 -33.77 -14.61 -20.20
N VAL A 459 -33.19 -15.75 -20.57
CA VAL A 459 -33.97 -16.99 -20.65
C VAL A 459 -33.23 -18.24 -20.21
N SER A 460 -33.97 -19.25 -19.77
CA SER A 460 -33.41 -20.54 -19.36
C SER A 460 -34.24 -21.69 -19.92
N PHE A 461 -33.68 -22.42 -20.88
CA PHE A 461 -34.41 -23.53 -21.49
C PHE A 461 -34.18 -24.87 -20.79
N SER A 462 -35.21 -25.75 -20.79
CA SER A 462 -35.05 -27.08 -20.20
C SER A 462 -34.12 -27.91 -21.14
N LYS A 463 -33.73 -29.10 -20.70
CA LYS A 463 -32.81 -29.94 -21.47
C LYS A 463 -32.97 -30.03 -22.98
N GLU A 464 -34.18 -30.26 -23.48
CA GLU A 464 -34.40 -30.37 -24.92
C GLU A 464 -35.21 -29.19 -25.44
N ALA A 465 -35.16 -28.09 -24.70
CA ALA A 465 -35.87 -26.89 -25.09
C ALA A 465 -37.37 -27.05 -25.15
N LYS A 466 -37.90 -28.05 -24.44
CA LYS A 466 -39.35 -28.26 -24.42
C LYS A 466 -40.01 -27.09 -23.64
N TYR A 467 -39.31 -26.58 -22.63
CA TYR A 467 -39.80 -25.47 -21.82
C TYR A 467 -38.74 -24.39 -21.63
N TYR A 468 -39.19 -23.18 -21.33
CA TYR A 468 -38.24 -22.11 -21.04
C TYR A 468 -38.76 -21.15 -19.99
N GLN A 469 -37.85 -20.66 -19.16
CA GLN A 469 -38.19 -19.69 -18.14
C GLN A 469 -37.73 -18.33 -18.64
N LEU A 470 -38.63 -17.36 -18.62
CA LEU A 470 -38.29 -16.01 -19.03
C LEU A 470 -38.06 -15.18 -17.78
N ARG A 471 -36.97 -14.42 -17.78
CA ARG A 471 -36.63 -13.56 -16.65
C ARG A 471 -36.53 -12.12 -17.16
N CYS A 472 -37.59 -11.36 -16.87
CA CYS A 472 -37.70 -9.95 -17.24
C CYS A 472 -37.02 -9.19 -16.11
N SER A 473 -36.06 -8.31 -16.42
CA SER A 473 -35.42 -7.53 -15.37
C SER A 473 -35.63 -6.00 -15.47
N GLY A 474 -36.55 -5.55 -16.31
CA GLY A 474 -36.81 -4.12 -16.43
C GLY A 474 -37.63 -3.70 -17.64
N PRO A 475 -38.08 -2.44 -17.69
CA PRO A 475 -37.89 -1.36 -16.73
C PRO A 475 -38.66 -1.46 -15.42
N GLY A 476 -39.73 -2.27 -15.40
CA GLY A 476 -40.50 -2.44 -14.17
C GLY A 476 -39.84 -3.51 -13.30
N LEU A 477 -40.50 -3.91 -12.22
CA LEU A 477 -39.95 -4.93 -11.31
C LEU A 477 -39.79 -6.26 -11.99
N PRO A 478 -38.70 -6.98 -11.68
CA PRO A 478 -38.42 -8.30 -12.25
C PRO A 478 -39.63 -9.21 -12.25
N LEU A 479 -39.81 -9.92 -13.36
CA LEU A 479 -40.92 -10.83 -13.55
C LEU A 479 -40.42 -12.15 -14.12
N TYR A 480 -40.70 -13.24 -13.42
CA TYR A 480 -40.28 -14.56 -13.86
C TYR A 480 -41.48 -15.41 -14.26
N THR A 481 -41.44 -15.92 -15.49
CA THR A 481 -42.53 -16.74 -16.04
C THR A 481 -42.01 -18.04 -16.66
N LEU A 482 -42.91 -19.02 -16.80
CA LEU A 482 -42.56 -20.30 -17.39
C LEU A 482 -43.41 -20.48 -18.66
N HIS A 483 -42.80 -21.02 -19.70
CA HIS A 483 -43.47 -21.20 -20.98
C HIS A 483 -43.15 -22.56 -21.60
N SER A 484 -44.00 -23.00 -22.52
CA SER A 484 -43.77 -24.26 -23.23
C SER A 484 -43.48 -23.89 -24.69
N SER A 485 -42.51 -24.56 -25.27
CA SER A 485 -42.10 -24.27 -26.64
C SER A 485 -43.03 -24.65 -27.78
N VAL A 486 -43.66 -25.82 -27.72
CA VAL A 486 -44.51 -26.27 -28.82
C VAL A 486 -45.46 -25.19 -29.36
N ASN A 487 -46.12 -24.44 -28.49
CA ASN A 487 -46.98 -23.37 -28.97
C ASN A 487 -46.72 -22.06 -28.23
N ASP A 488 -45.56 -21.99 -27.59
CA ASP A 488 -45.20 -20.80 -26.84
C ASP A 488 -46.29 -20.34 -25.89
N LYS A 489 -46.84 -21.27 -25.12
CA LYS A 489 -47.86 -20.91 -24.16
C LYS A 489 -47.23 -20.34 -22.90
N GLY A 490 -47.93 -19.39 -22.28
CA GLY A 490 -47.47 -18.80 -21.04
C GLY A 490 -48.15 -19.64 -19.98
N LEU A 491 -47.42 -20.62 -19.44
CA LEU A 491 -47.98 -21.50 -18.46
C LEU A 491 -48.34 -20.81 -17.16
N ARG A 492 -47.36 -20.18 -16.51
CA ARG A 492 -47.62 -19.53 -15.24
C ARG A 492 -46.57 -18.53 -14.80
N VAL A 493 -46.95 -17.71 -13.82
CA VAL A 493 -46.06 -16.72 -13.24
C VAL A 493 -45.37 -17.36 -12.04
N LEU A 494 -44.04 -17.38 -12.08
CA LEU A 494 -43.23 -17.98 -11.01
C LEU A 494 -42.98 -17.00 -9.86
N GLU A 495 -42.76 -15.74 -10.20
CA GLU A 495 -42.48 -14.70 -9.22
C GLU A 495 -42.70 -13.35 -9.87
N ASP A 496 -43.58 -12.54 -9.28
CA ASP A 496 -43.89 -11.23 -9.84
C ASP A 496 -43.47 -10.02 -9.00
N ASN A 497 -42.79 -10.29 -7.89
CA ASN A 497 -42.34 -9.25 -6.98
C ASN A 497 -43.44 -8.32 -6.49
N SER A 498 -44.67 -8.84 -6.38
CA SER A 498 -45.78 -8.02 -5.90
C SER A 498 -45.51 -7.57 -4.44
N ALA A 499 -44.78 -8.35 -3.67
CA ALA A 499 -44.46 -7.93 -2.32
C ALA A 499 -43.66 -6.60 -2.33
N LEU A 500 -42.61 -6.56 -3.15
CA LEU A 500 -41.77 -5.37 -3.27
C LEU A 500 -42.56 -4.18 -3.85
N ASP A 501 -43.41 -4.47 -4.82
CA ASP A 501 -44.23 -3.44 -5.44
C ASP A 501 -45.08 -2.79 -4.32
N LYS A 502 -45.64 -3.61 -3.43
CA LYS A 502 -46.46 -3.10 -2.34
C LYS A 502 -45.61 -2.19 -1.43
N MET A 503 -44.41 -2.63 -1.07
CA MET A 503 -43.56 -1.83 -0.22
C MET A 503 -43.13 -0.53 -0.88
N LEU A 504 -42.74 -0.57 -2.14
CA LEU A 504 -42.29 0.63 -2.84
C LEU A 504 -43.36 1.70 -3.05
N GLN A 505 -44.62 1.34 -2.83
CA GLN A 505 -45.72 2.30 -2.97
C GLN A 505 -45.62 3.41 -1.91
N ASN A 506 -45.01 3.08 -0.77
CA ASN A 506 -44.86 4.04 0.32
C ASN A 506 -43.54 4.80 0.23
N VAL A 507 -42.87 4.73 -0.92
CA VAL A 507 -41.59 5.40 -1.10
C VAL A 507 -41.59 6.33 -2.31
N GLN A 508 -40.90 7.45 -2.20
CA GLN A 508 -40.82 8.36 -3.33
C GLN A 508 -39.65 7.90 -4.20
N MET A 509 -39.94 7.01 -5.14
CA MET A 509 -38.94 6.45 -6.03
C MET A 509 -38.65 7.35 -7.22
N PRO A 510 -37.37 7.39 -7.66
CA PRO A 510 -36.95 8.19 -8.80
C PRO A 510 -37.44 7.48 -10.06
N SER A 511 -37.40 8.16 -11.19
CA SER A 511 -37.84 7.56 -12.45
C SER A 511 -36.63 7.42 -13.37
N LYS A 512 -36.80 6.70 -14.46
CA LYS A 512 -35.70 6.53 -15.38
C LYS A 512 -36.07 6.92 -16.78
N LYS A 513 -35.25 7.77 -17.38
CA LYS A 513 -35.46 8.20 -18.73
C LYS A 513 -34.35 7.58 -19.57
N LEU A 514 -34.73 6.93 -20.66
CA LEU A 514 -33.80 6.32 -21.58
C LEU A 514 -34.06 7.01 -22.91
N ASP A 515 -33.03 7.65 -23.47
CA ASP A 515 -33.21 8.38 -24.73
C ASP A 515 -31.86 8.44 -25.42
N PHE A 516 -31.73 9.25 -26.47
CA PHE A 516 -30.47 9.37 -27.19
C PHE A 516 -30.20 10.78 -27.67
N ILE A 517 -28.96 11.04 -28.05
CA ILE A 517 -28.58 12.33 -28.61
C ILE A 517 -27.85 11.95 -29.89
N ILE A 518 -27.82 12.85 -30.85
CA ILE A 518 -27.15 12.57 -32.11
C ILE A 518 -25.84 13.32 -32.20
N LEU A 519 -24.82 12.63 -32.70
CA LEU A 519 -23.49 13.21 -32.89
C LEU A 519 -23.08 12.70 -34.25
N ASN A 520 -22.76 13.61 -35.17
CA ASN A 520 -22.35 13.24 -36.52
C ASN A 520 -23.20 12.16 -37.16
N GLU A 521 -24.49 12.42 -37.29
CA GLU A 521 -25.40 11.45 -37.91
C GLU A 521 -25.56 10.16 -37.12
N THR A 522 -24.86 10.01 -36.01
CA THR A 522 -24.99 8.78 -35.22
C THR A 522 -25.68 9.00 -33.89
N LYS A 523 -26.66 8.16 -33.57
CA LYS A 523 -27.30 8.33 -32.27
C LYS A 523 -26.55 7.55 -31.20
N PHE A 524 -26.46 8.15 -30.02
CA PHE A 524 -25.80 7.53 -28.87
C PHE A 524 -26.82 7.64 -27.73
N TRP A 525 -27.01 6.55 -27.02
CA TRP A 525 -27.98 6.50 -25.94
C TRP A 525 -27.45 6.87 -24.54
N TYR A 526 -28.33 7.42 -23.73
CA TYR A 526 -28.03 7.78 -22.36
C TYR A 526 -29.26 7.48 -21.53
N GLN A 527 -29.09 7.48 -20.22
CA GLN A 527 -30.21 7.27 -19.33
C GLN A 527 -30.01 8.23 -18.20
N MET A 528 -31.11 8.67 -17.61
CA MET A 528 -31.00 9.57 -16.47
C MET A 528 -31.91 9.04 -15.37
N ILE A 529 -31.38 9.00 -14.15
CA ILE A 529 -32.19 8.61 -13.01
C ILE A 529 -32.65 9.95 -12.48
N LEU A 530 -33.94 10.21 -12.63
CA LEU A 530 -34.50 11.51 -12.23
C LEU A 530 -35.12 11.46 -10.86
N PRO A 531 -34.96 12.53 -10.07
CA PRO A 531 -35.53 12.58 -8.72
C PRO A 531 -37.07 12.56 -8.72
N PRO A 532 -37.67 12.22 -7.58
CA PRO A 532 -39.14 12.18 -7.45
C PRO A 532 -39.71 13.56 -7.85
N HIS A 533 -40.94 13.59 -8.32
CA HIS A 533 -41.58 14.85 -8.70
C HIS A 533 -40.65 15.73 -9.52
N PHE A 534 -39.91 15.13 -10.44
CA PHE A 534 -39.00 15.89 -11.29
C PHE A 534 -39.69 17.13 -11.86
N ASP A 535 -39.05 18.29 -11.73
CA ASP A 535 -39.59 19.56 -12.24
C ASP A 535 -38.62 20.19 -13.23
N LYS A 536 -38.89 20.03 -14.53
CA LYS A 536 -38.04 20.56 -15.59
C LYS A 536 -37.80 22.07 -15.56
N SER A 537 -38.45 22.77 -14.63
CA SER A 537 -38.30 24.21 -14.52
C SER A 537 -37.27 24.56 -13.44
N LYS A 538 -36.68 23.53 -12.82
CA LYS A 538 -35.68 23.73 -11.77
C LYS A 538 -34.32 23.23 -12.26
N LYS A 539 -33.25 23.72 -11.63
CA LYS A 539 -31.89 23.31 -12.00
C LYS A 539 -31.40 22.24 -11.01
N TYR A 540 -31.14 21.04 -11.50
CA TYR A 540 -30.67 19.96 -10.62
C TYR A 540 -29.18 19.68 -10.78
N PRO A 541 -28.49 19.33 -9.69
CA PRO A 541 -27.06 19.02 -9.85
C PRO A 541 -27.05 17.71 -10.66
N LEU A 542 -25.94 17.41 -11.32
CA LEU A 542 -25.90 16.18 -12.12
C LEU A 542 -24.62 15.38 -11.94
N LEU A 543 -24.79 14.09 -11.65
CA LEU A 543 -23.67 13.15 -11.48
C LEU A 543 -23.62 12.19 -12.69
N LEU A 544 -22.52 12.24 -13.43
CA LEU A 544 -22.35 11.36 -14.57
C LEU A 544 -21.72 10.05 -14.07
N ASP A 545 -22.50 8.98 -14.10
CA ASP A 545 -22.05 7.64 -13.70
C ASP A 545 -21.49 6.99 -14.96
N VAL A 546 -20.18 6.76 -14.99
CA VAL A 546 -19.58 6.20 -16.18
C VAL A 546 -18.77 4.93 -16.00
N TYR A 547 -18.76 4.11 -17.05
CA TYR A 547 -17.92 2.92 -17.09
C TYR A 547 -17.19 3.13 -18.42
N ALA A 548 -17.92 2.98 -19.53
CA ALA A 548 -17.37 3.23 -20.84
C ALA A 548 -16.26 2.35 -21.37
N GLY A 549 -16.11 1.15 -20.81
CA GLY A 549 -15.08 0.27 -21.32
C GLY A 549 -15.52 -0.21 -22.70
N PRO A 550 -14.65 -0.92 -23.43
CA PRO A 550 -15.01 -1.42 -24.77
C PRO A 550 -16.12 -2.46 -24.69
N CYS A 551 -17.14 -2.26 -25.50
CA CYS A 551 -18.32 -3.11 -25.54
C CYS A 551 -19.17 -2.99 -24.26
N SER A 552 -19.11 -1.86 -23.59
CA SER A 552 -19.89 -1.66 -22.38
C SER A 552 -21.28 -1.08 -22.71
N GLN A 553 -22.20 -1.19 -21.76
CA GLN A 553 -23.52 -0.61 -21.96
C GLN A 553 -24.01 -0.15 -20.62
N LYS A 554 -24.16 1.17 -20.48
CA LYS A 554 -24.60 1.78 -19.23
C LYS A 554 -25.97 2.45 -19.35
N ALA A 555 -26.51 2.46 -20.55
CA ALA A 555 -27.84 3.02 -20.80
C ALA A 555 -28.68 1.82 -21.22
N ASP A 556 -29.55 1.37 -20.35
CA ASP A 556 -30.40 0.22 -20.66
C ASP A 556 -31.76 0.28 -19.96
N THR A 557 -32.58 -0.72 -20.18
CA THR A 557 -33.91 -0.75 -19.58
C THR A 557 -34.00 -1.57 -18.28
N VAL A 558 -32.86 -1.84 -17.67
CA VAL A 558 -32.83 -2.65 -16.44
C VAL A 558 -33.26 -1.91 -15.17
N PHE A 559 -34.07 -2.55 -14.35
CA PHE A 559 -34.51 -1.96 -13.09
C PHE A 559 -33.43 -2.18 -12.03
N ARG A 560 -33.00 -1.12 -11.34
CA ARG A 560 -31.95 -1.24 -10.33
C ARG A 560 -32.20 -0.42 -9.08
N LEU A 561 -31.84 -0.99 -7.94
CA LEU A 561 -31.93 -0.31 -6.64
C LEU A 561 -30.46 -0.22 -6.23
N ASN A 562 -29.88 0.95 -6.40
CA ASN A 562 -28.47 1.11 -6.09
C ASN A 562 -28.16 2.50 -5.53
N TRP A 563 -26.88 2.83 -5.48
CA TRP A 563 -26.46 4.12 -4.95
C TRP A 563 -27.17 5.26 -5.65
N ALA A 564 -27.22 5.19 -6.98
CA ALA A 564 -27.89 6.21 -7.78
C ALA A 564 -29.35 6.39 -7.37
N THR A 565 -30.01 5.29 -6.97
CA THR A 565 -31.42 5.38 -6.57
C THR A 565 -31.53 6.31 -5.37
N TYR A 566 -30.60 6.16 -4.43
CA TYR A 566 -30.57 6.99 -3.25
C TYR A 566 -30.22 8.44 -3.59
N LEU A 567 -29.21 8.66 -4.42
CA LEU A 567 -28.81 10.02 -4.78
C LEU A 567 -29.95 10.81 -5.40
N ALA A 568 -30.76 10.13 -6.22
CA ALA A 568 -31.87 10.79 -6.87
C ALA A 568 -33.07 10.91 -5.94
N SER A 569 -33.40 9.83 -5.26
CA SER A 569 -34.55 9.86 -4.37
C SER A 569 -34.39 10.77 -3.16
N THR A 570 -33.27 10.66 -2.46
CA THR A 570 -33.06 11.48 -1.26
C THR A 570 -32.34 12.80 -1.46
N GLU A 571 -31.30 12.81 -2.29
CA GLU A 571 -30.53 14.03 -2.49
C GLU A 571 -30.98 14.89 -3.68
N ASN A 572 -31.92 14.41 -4.46
CA ASN A 572 -32.42 15.14 -5.61
C ASN A 572 -31.35 15.43 -6.65
N ILE A 573 -30.45 14.47 -6.83
CA ILE A 573 -29.39 14.55 -7.81
C ILE A 573 -29.72 13.74 -9.05
N ILE A 574 -29.53 14.32 -10.23
CA ILE A 574 -29.77 13.55 -11.45
C ILE A 574 -28.52 12.69 -11.75
N VAL A 575 -28.72 11.39 -11.86
CA VAL A 575 -27.61 10.49 -12.14
C VAL A 575 -27.77 9.99 -13.56
N ALA A 576 -26.83 10.38 -14.40
CA ALA A 576 -26.87 10.02 -15.81
C ALA A 576 -25.72 9.13 -16.25
N SER A 577 -25.97 8.40 -17.34
CA SER A 577 -24.94 7.56 -17.92
C SER A 577 -25.08 7.65 -19.44
N PHE A 578 -23.95 7.51 -20.12
CA PHE A 578 -23.92 7.64 -21.55
C PHE A 578 -23.03 6.59 -22.23
N ASP A 579 -23.54 6.02 -23.32
CA ASP A 579 -22.80 5.04 -24.12
C ASP A 579 -22.29 5.71 -25.39
N GLY A 580 -21.00 6.02 -25.40
CA GLY A 580 -20.42 6.66 -26.57
C GLY A 580 -19.61 5.71 -27.42
N ARG A 581 -18.68 6.27 -28.18
CA ARG A 581 -17.86 5.43 -29.03
C ARG A 581 -17.13 4.37 -28.21
N GLY A 582 -17.13 3.15 -28.72
CA GLY A 582 -16.51 2.07 -28.00
C GLY A 582 -17.55 1.21 -27.25
N SER A 583 -18.77 1.72 -27.05
CA SER A 583 -19.82 0.97 -26.35
C SER A 583 -20.28 -0.20 -27.22
N GLY A 584 -20.99 -1.17 -26.63
CA GLY A 584 -21.36 -2.33 -27.43
C GLY A 584 -22.77 -2.48 -27.91
N TYR A 585 -23.03 -3.59 -28.60
CA TYR A 585 -24.35 -3.98 -29.09
C TYR A 585 -24.98 -3.07 -30.15
N GLN A 586 -24.16 -2.22 -30.75
CA GLN A 586 -24.62 -1.32 -31.79
C GLN A 586 -23.77 -1.42 -33.06
N GLY A 587 -22.99 -2.50 -33.17
CA GLY A 587 -22.15 -2.67 -34.34
C GLY A 587 -20.71 -2.21 -34.15
N ASP A 588 -19.83 -2.77 -34.97
CA ASP A 588 -18.39 -2.49 -34.93
C ASP A 588 -17.95 -1.05 -35.24
N LYS A 589 -18.74 -0.33 -36.02
CA LYS A 589 -18.38 1.04 -36.35
C LYS A 589 -18.28 1.84 -35.06
N ILE A 590 -19.19 1.58 -34.13
CA ILE A 590 -19.18 2.26 -32.85
C ILE A 590 -18.21 1.56 -31.90
N MET A 591 -18.32 0.23 -31.80
CA MET A 591 -17.48 -0.49 -30.88
C MET A 591 -15.98 -0.42 -31.17
N HIS A 592 -15.61 -0.52 -32.45
CA HIS A 592 -14.20 -0.50 -32.82
C HIS A 592 -13.61 0.90 -32.99
N ALA A 593 -14.40 1.94 -32.75
CA ALA A 593 -13.89 3.30 -32.92
C ALA A 593 -12.69 3.55 -32.04
N ILE A 594 -12.55 2.81 -30.93
CA ILE A 594 -11.41 3.01 -30.04
C ILE A 594 -10.31 1.97 -30.17
N ASN A 595 -10.36 1.18 -31.22
CA ASN A 595 -9.35 0.17 -31.44
C ASN A 595 -7.95 0.81 -31.45
N ARG A 596 -7.05 0.27 -30.63
CA ARG A 596 -5.66 0.73 -30.50
C ARG A 596 -5.60 2.16 -29.99
N ARG A 597 -6.72 2.64 -29.47
CA ARG A 597 -6.81 4.02 -29.02
C ARG A 597 -7.65 4.23 -27.76
N LEU A 598 -7.42 3.42 -26.73
CA LEU A 598 -8.15 3.59 -25.48
C LEU A 598 -7.76 4.94 -24.87
N GLY A 599 -8.67 5.52 -24.09
CA GLY A 599 -8.36 6.81 -23.48
C GLY A 599 -8.57 7.98 -24.42
N THR A 600 -9.29 7.76 -25.52
CA THR A 600 -9.52 8.87 -26.44
C THR A 600 -11.00 9.16 -26.67
N PHE A 601 -11.59 8.54 -27.70
CA PHE A 601 -12.98 8.82 -28.02
C PHE A 601 -13.99 8.52 -26.92
N GLU A 602 -13.78 7.44 -26.17
CA GLU A 602 -14.74 7.12 -25.12
C GLU A 602 -14.67 8.17 -24.01
N VAL A 603 -13.50 8.78 -23.81
CA VAL A 603 -13.36 9.84 -22.80
C VAL A 603 -13.99 11.14 -23.35
N GLU A 604 -13.64 11.51 -24.57
CA GLU A 604 -14.17 12.71 -25.24
C GLU A 604 -15.70 12.66 -25.31
N ASP A 605 -16.25 11.50 -25.65
CA ASP A 605 -17.71 11.39 -25.74
C ASP A 605 -18.44 11.61 -24.40
N GLN A 606 -17.83 11.24 -23.28
CA GLN A 606 -18.45 11.45 -21.98
C GLN A 606 -18.51 12.98 -21.72
N ILE A 607 -17.43 13.68 -22.08
CA ILE A 607 -17.38 15.13 -21.85
C ILE A 607 -18.47 15.78 -22.72
N GLU A 608 -18.53 15.37 -23.98
CA GLU A 608 -19.51 15.90 -24.95
C GLU A 608 -20.95 15.71 -24.43
N ALA A 609 -21.22 14.54 -23.85
CA ALA A 609 -22.53 14.25 -23.33
C ALA A 609 -22.84 15.17 -22.17
N ALA A 610 -21.89 15.31 -21.24
CA ALA A 610 -22.08 16.18 -20.09
C ALA A 610 -22.33 17.58 -20.58
N ARG A 611 -21.50 18.01 -21.53
CA ARG A 611 -21.62 19.33 -22.13
C ARG A 611 -23.05 19.52 -22.61
N GLN A 612 -23.59 18.53 -23.32
CA GLN A 612 -24.95 18.66 -23.80
C GLN A 612 -25.98 18.65 -22.68
N PHE A 613 -25.77 17.83 -21.65
CA PHE A 613 -26.69 17.79 -20.53
C PHE A 613 -26.68 19.12 -19.78
N SER A 614 -25.51 19.73 -19.69
CA SER A 614 -25.39 20.99 -18.99
C SER A 614 -26.17 22.07 -19.72
N LYS A 615 -26.37 21.88 -21.02
CA LYS A 615 -27.10 22.85 -21.80
C LYS A 615 -28.60 22.65 -21.68
N MET A 616 -29.01 21.64 -20.91
CA MET A 616 -30.45 21.40 -20.75
C MET A 616 -30.99 22.29 -19.62
N GLY A 617 -32.23 22.72 -19.79
CA GLY A 617 -32.86 23.60 -18.82
C GLY A 617 -32.92 23.14 -17.39
N PHE A 618 -32.99 21.83 -17.17
CA PHE A 618 -33.08 21.32 -15.79
C PHE A 618 -31.76 20.92 -15.13
N VAL A 619 -30.64 21.28 -15.76
CA VAL A 619 -29.33 20.95 -15.19
C VAL A 619 -28.57 22.18 -14.69
N ASP A 620 -28.03 22.12 -13.48
CA ASP A 620 -27.26 23.24 -12.95
C ASP A 620 -25.80 23.08 -13.41
N ASN A 621 -25.41 23.83 -14.45
CA ASN A 621 -24.06 23.69 -15.00
C ASN A 621 -22.92 24.00 -14.04
N LYS A 622 -23.26 24.47 -12.85
CA LYS A 622 -22.23 24.77 -11.86
C LYS A 622 -22.04 23.56 -10.97
N ARG A 623 -22.96 22.60 -11.06
CA ARG A 623 -22.85 21.39 -10.25
C ARG A 623 -22.95 20.09 -11.05
N ILE A 624 -21.91 19.81 -11.80
CA ILE A 624 -21.88 18.57 -12.56
C ILE A 624 -20.66 17.80 -12.07
N ALA A 625 -20.88 16.54 -11.73
CA ALA A 625 -19.81 15.70 -11.23
C ALA A 625 -19.72 14.45 -12.09
N ILE A 626 -18.70 13.64 -11.83
CA ILE A 626 -18.52 12.41 -12.57
C ILE A 626 -17.88 11.37 -11.66
N TRP A 627 -18.28 10.11 -11.80
CA TRP A 627 -17.69 9.01 -10.99
C TRP A 627 -17.70 7.66 -11.70
N GLY A 628 -16.76 6.78 -11.34
CA GLY A 628 -16.61 5.48 -11.97
C GLY A 628 -15.71 4.50 -11.19
N TRP A 629 -15.90 3.22 -11.46
CA TRP A 629 -15.15 2.21 -10.79
C TRP A 629 -14.45 1.35 -11.83
N SER A 630 -13.21 0.94 -11.55
CA SER A 630 -12.50 0.08 -12.52
C SER A 630 -12.24 0.84 -13.83
N TYR A 631 -12.65 0.28 -14.99
CA TYR A 631 -12.49 1.03 -16.22
C TYR A 631 -13.15 2.40 -16.03
N GLY A 632 -14.22 2.43 -15.25
CA GLY A 632 -14.91 3.68 -15.02
C GLY A 632 -14.06 4.65 -14.20
N GLY A 633 -13.14 4.14 -13.40
CA GLY A 633 -12.31 5.02 -12.65
C GLY A 633 -11.32 5.71 -13.60
N TYR A 634 -10.85 4.97 -14.57
CA TYR A 634 -9.90 5.47 -15.55
C TYR A 634 -10.51 6.63 -16.36
N VAL A 635 -11.69 6.42 -16.93
CA VAL A 635 -12.33 7.45 -17.74
C VAL A 635 -12.67 8.69 -16.93
N THR A 636 -13.11 8.49 -15.68
CA THR A 636 -13.41 9.59 -14.78
C THR A 636 -12.15 10.41 -14.54
N SER A 637 -11.03 9.71 -14.38
CA SER A 637 -9.76 10.39 -14.15
C SER A 637 -9.25 11.09 -15.40
N MET A 638 -9.38 10.46 -16.56
CA MET A 638 -8.94 11.07 -17.82
C MET A 638 -9.80 12.31 -18.12
N VAL A 639 -11.07 12.25 -17.72
CA VAL A 639 -11.99 13.37 -17.94
C VAL A 639 -11.60 14.55 -17.04
N LEU A 640 -11.47 14.29 -15.76
CA LEU A 640 -11.11 15.32 -14.81
C LEU A 640 -9.76 15.95 -15.16
N GLY A 641 -8.90 15.19 -15.81
CA GLY A 641 -7.59 15.70 -16.19
C GLY A 641 -7.53 16.19 -17.62
N SER A 642 -8.70 16.40 -18.23
CA SER A 642 -8.77 16.86 -19.61
C SER A 642 -8.72 18.38 -19.80
N GLY A 643 -9.03 19.13 -18.76
CA GLY A 643 -9.06 20.59 -18.88
C GLY A 643 -10.36 21.10 -19.51
N SER A 644 -11.37 20.22 -19.61
CA SER A 644 -12.65 20.60 -20.20
C SER A 644 -13.40 21.67 -19.42
N GLY A 645 -13.18 21.73 -18.11
CA GLY A 645 -13.84 22.73 -17.30
C GLY A 645 -15.33 22.47 -17.05
N VAL A 646 -15.83 21.35 -17.54
CA VAL A 646 -17.25 20.99 -17.38
C VAL A 646 -17.59 20.42 -16.00
N PHE A 647 -16.66 19.68 -15.41
CA PHE A 647 -16.92 19.03 -14.14
C PHE A 647 -16.34 19.74 -12.93
N LYS A 648 -17.09 19.77 -11.85
CA LYS A 648 -16.61 20.40 -10.63
C LYS A 648 -15.84 19.42 -9.71
N CYS A 649 -16.20 18.15 -9.77
CA CYS A 649 -15.58 17.15 -8.91
C CYS A 649 -15.79 15.77 -9.49
N GLY A 650 -15.01 14.79 -9.01
CA GLY A 650 -15.14 13.44 -9.52
C GLY A 650 -14.57 12.40 -8.58
N ILE A 651 -15.07 11.19 -8.69
CA ILE A 651 -14.59 10.11 -7.85
C ILE A 651 -14.17 8.94 -8.70
N ALA A 652 -12.94 8.50 -8.52
CA ALA A 652 -12.39 7.36 -9.25
C ALA A 652 -12.12 6.23 -8.24
N VAL A 653 -12.73 5.06 -8.46
CA VAL A 653 -12.54 3.92 -7.58
C VAL A 653 -11.78 2.81 -8.33
N ALA A 654 -10.67 2.33 -7.74
CA ALA A 654 -9.85 1.28 -8.36
C ALA A 654 -9.68 1.51 -9.87
N PRO A 655 -9.19 2.69 -10.27
CA PRO A 655 -9.03 2.93 -11.71
C PRO A 655 -7.75 2.39 -12.29
N VAL A 656 -7.76 2.23 -13.61
CA VAL A 656 -6.59 1.84 -14.34
C VAL A 656 -5.92 3.21 -14.55
N SER A 657 -4.61 3.30 -14.45
CA SER A 657 -3.95 4.60 -14.67
C SER A 657 -3.03 4.64 -15.91
N ARG A 658 -2.41 3.50 -16.26
CA ARG A 658 -1.59 3.40 -17.47
C ARG A 658 -1.74 1.95 -17.92
N TRP A 659 -2.00 1.76 -19.21
CA TRP A 659 -2.26 0.43 -19.72
C TRP A 659 -1.18 -0.63 -19.55
N GLU A 660 0.07 -0.20 -19.40
CA GLU A 660 1.14 -1.15 -19.19
C GLU A 660 1.02 -1.83 -17.83
N TYR A 661 0.13 -1.33 -16.97
CA TYR A 661 -0.03 -1.94 -15.66
C TYR A 661 -1.10 -3.02 -15.65
N TYR A 662 -1.96 -3.04 -16.66
CA TYR A 662 -3.03 -4.04 -16.72
C TYR A 662 -2.63 -5.31 -17.48
N ASP A 663 -3.38 -6.38 -17.33
CA ASP A 663 -3.00 -7.64 -17.97
C ASP A 663 -2.98 -7.66 -19.50
N SER A 664 -2.16 -8.54 -20.02
CA SER A 664 -1.98 -8.67 -21.46
C SER A 664 -3.19 -9.10 -22.28
N VAL A 665 -3.91 -10.12 -21.85
CA VAL A 665 -5.05 -10.58 -22.63
C VAL A 665 -6.12 -9.49 -22.89
N TYR A 666 -6.47 -8.70 -21.89
CA TYR A 666 -7.47 -7.66 -22.09
C TYR A 666 -6.85 -6.41 -22.75
N THR A 667 -5.75 -5.92 -22.21
CA THR A 667 -5.11 -4.72 -22.74
C THR A 667 -4.68 -4.81 -24.21
N GLU A 668 -3.93 -5.85 -24.56
CA GLU A 668 -3.44 -6.03 -25.92
C GLU A 668 -4.57 -6.23 -26.95
N ARG A 669 -5.69 -6.76 -26.49
CA ARG A 669 -6.82 -6.96 -27.37
C ARG A 669 -7.23 -5.63 -27.98
N TYR A 670 -7.16 -4.59 -27.17
CA TYR A 670 -7.57 -3.27 -27.60
C TYR A 670 -6.41 -2.34 -27.94
N MET A 671 -5.24 -2.61 -27.38
CA MET A 671 -4.09 -1.74 -27.57
C MET A 671 -2.91 -2.32 -28.35
N GLY A 672 -2.97 -3.56 -28.79
CA GLY A 672 -1.80 -4.09 -29.46
C GLY A 672 -0.66 -4.13 -28.43
N LEU A 673 0.57 -4.29 -28.89
CA LEU A 673 1.71 -4.37 -27.98
C LEU A 673 2.40 -3.05 -27.74
N PRO A 674 2.95 -2.86 -26.53
CA PRO A 674 3.64 -1.64 -26.15
C PRO A 674 5.13 -1.67 -26.51
N THR A 675 5.40 -1.73 -27.81
CA THR A 675 6.77 -1.73 -28.31
C THR A 675 6.79 -0.60 -29.33
N PRO A 676 7.96 -0.01 -29.57
CA PRO A 676 8.01 1.07 -30.56
C PRO A 676 7.51 0.62 -31.94
N GLU A 677 7.70 -0.66 -32.26
CA GLU A 677 7.25 -1.19 -33.55
C GLU A 677 5.74 -1.36 -33.61
N ASP A 678 5.08 -1.32 -32.46
CA ASP A 678 3.62 -1.51 -32.49
C ASP A 678 2.82 -0.30 -32.02
N ASN A 679 2.54 -0.21 -30.72
CA ASN A 679 1.69 0.91 -30.26
C ASN A 679 2.14 1.59 -28.98
N LEU A 680 3.44 1.58 -28.72
CA LEU A 680 3.96 2.19 -27.50
C LEU A 680 3.60 3.67 -27.36
N ASP A 681 3.74 4.46 -28.43
CA ASP A 681 3.39 5.87 -28.33
C ASP A 681 2.01 6.08 -27.69
N HIS A 682 1.00 5.36 -28.13
CA HIS A 682 -0.31 5.58 -27.53
C HIS A 682 -0.42 5.04 -26.12
N TYR A 683 0.34 4.00 -25.81
CA TYR A 683 0.36 3.45 -24.46
C TYR A 683 0.88 4.56 -23.55
N ARG A 684 1.86 5.32 -24.05
CA ARG A 684 2.44 6.40 -23.25
C ARG A 684 1.62 7.67 -23.23
N ASN A 685 0.79 7.87 -24.23
CA ASN A 685 -0.04 9.08 -24.30
C ASN A 685 -1.42 8.92 -23.67
N SER A 686 -1.76 7.71 -23.25
CA SER A 686 -3.07 7.49 -22.68
C SER A 686 -3.04 7.26 -21.18
N THR A 687 -2.06 7.83 -20.50
CA THR A 687 -2.00 7.63 -19.05
C THR A 687 -2.67 8.76 -18.32
N VAL A 688 -3.11 8.47 -17.10
CA VAL A 688 -3.72 9.47 -16.25
C VAL A 688 -2.64 10.42 -15.75
N MET A 689 -1.52 9.84 -15.32
CA MET A 689 -0.40 10.65 -14.80
C MET A 689 0.01 11.83 -15.67
N SER A 690 0.02 11.67 -16.99
CA SER A 690 0.44 12.77 -17.85
C SER A 690 -0.50 13.99 -17.77
N ARG A 691 -1.71 13.79 -17.27
CA ARG A 691 -2.68 14.89 -17.16
C ARG A 691 -2.78 15.51 -15.77
N ALA A 692 -1.89 15.10 -14.86
CA ALA A 692 -1.91 15.58 -13.47
C ALA A 692 -2.22 17.08 -13.28
N GLU A 693 -1.46 17.91 -13.97
CA GLU A 693 -1.57 19.38 -13.90
C GLU A 693 -3.00 19.90 -14.09
N ASN A 694 -3.77 19.27 -14.97
CA ASN A 694 -5.13 19.70 -15.22
C ASN A 694 -6.11 19.45 -14.08
N PHE A 695 -5.68 18.73 -13.04
CA PHE A 695 -6.56 18.46 -11.91
C PHE A 695 -6.66 19.67 -10.95
N LYS A 696 -5.85 20.70 -11.19
CA LYS A 696 -5.87 21.87 -10.31
C LYS A 696 -7.22 22.57 -10.18
N GLN A 697 -8.06 22.47 -11.20
CA GLN A 697 -9.34 23.13 -11.14
C GLN A 697 -10.52 22.24 -10.75
N VAL A 698 -10.27 21.06 -10.19
CA VAL A 698 -11.37 20.16 -9.80
C VAL A 698 -11.15 19.51 -8.44
N GLU A 699 -12.21 18.98 -7.83
CA GLU A 699 -12.08 18.29 -6.55
C GLU A 699 -12.08 16.81 -6.92
N TYR A 700 -11.06 16.09 -6.50
CA TYR A 700 -10.89 14.70 -6.85
C TYR A 700 -10.73 13.81 -5.64
N LEU A 701 -11.47 12.70 -5.64
CA LEU A 701 -11.39 11.71 -4.58
C LEU A 701 -10.94 10.43 -5.26
N LEU A 702 -9.80 9.90 -4.81
CA LEU A 702 -9.18 8.67 -5.36
C LEU A 702 -9.28 7.58 -4.28
N ILE A 703 -9.86 6.44 -4.66
CA ILE A 703 -10.07 5.33 -3.74
C ILE A 703 -9.55 3.99 -4.32
N HIS A 704 -9.01 3.13 -3.48
CA HIS A 704 -8.47 1.85 -3.96
C HIS A 704 -8.20 0.84 -2.84
N GLY A 705 -8.53 -0.42 -3.09
CA GLY A 705 -8.28 -1.45 -2.09
C GLY A 705 -6.85 -1.93 -2.22
N THR A 706 -6.12 -2.03 -1.12
CA THR A 706 -4.72 -2.46 -1.15
C THR A 706 -4.48 -3.90 -1.62
N ALA A 707 -5.48 -4.77 -1.49
CA ALA A 707 -5.32 -6.15 -1.93
C ALA A 707 -6.03 -6.40 -3.28
N ASP A 708 -6.01 -5.41 -4.17
CA ASP A 708 -6.65 -5.54 -5.48
C ASP A 708 -5.68 -6.32 -6.37
N ASP A 709 -6.06 -7.56 -6.69
CA ASP A 709 -5.28 -8.46 -7.53
C ASP A 709 -5.55 -8.23 -9.01
N ASN A 710 -6.61 -7.49 -9.28
CA ASN A 710 -7.03 -7.21 -10.67
C ASN A 710 -6.40 -5.90 -11.19
N VAL A 711 -6.86 -4.75 -10.68
CA VAL A 711 -6.28 -3.44 -11.04
C VAL A 711 -5.40 -3.16 -9.84
N HIS A 712 -4.12 -3.43 -9.96
CA HIS A 712 -3.27 -3.28 -8.79
C HIS A 712 -3.26 -1.90 -8.13
N PHE A 713 -3.12 -1.91 -6.80
CA PHE A 713 -3.08 -0.65 -6.03
C PHE A 713 -2.05 0.27 -6.71
N GLN A 714 -1.02 -0.34 -7.29
CA GLN A 714 0.02 0.39 -8.01
C GLN A 714 -0.56 1.48 -8.92
N GLN A 715 -1.60 1.17 -9.67
CA GLN A 715 -2.20 2.13 -10.58
C GLN A 715 -2.60 3.43 -9.85
N SER A 716 -3.22 3.32 -8.67
CA SER A 716 -3.59 4.51 -7.92
C SER A 716 -2.39 5.15 -7.23
N ALA A 717 -1.43 4.32 -6.80
CA ALA A 717 -0.24 4.86 -6.15
C ALA A 717 0.54 5.75 -7.13
N GLN A 718 0.49 5.42 -8.43
CA GLN A 718 1.20 6.27 -9.39
C GLN A 718 0.39 7.55 -9.67
N ILE A 719 -0.94 7.48 -9.57
CA ILE A 719 -1.77 8.67 -9.81
C ILE A 719 -1.54 9.67 -8.68
N SER A 720 -1.59 9.20 -7.44
CA SER A 720 -1.41 10.08 -6.31
C SER A 720 -0.04 10.75 -6.35
N LYS A 721 1.00 9.96 -6.67
CA LYS A 721 2.38 10.50 -6.74
C LYS A 721 2.52 11.60 -7.81
N ALA A 722 1.84 11.43 -8.95
CA ALA A 722 1.91 12.44 -10.00
C ALA A 722 1.18 13.73 -9.58
N LEU A 723 0.08 13.59 -8.83
CA LEU A 723 -0.66 14.74 -8.37
C LEU A 723 0.16 15.48 -7.30
N VAL A 724 0.85 14.72 -6.47
CA VAL A 724 1.70 15.31 -5.45
C VAL A 724 2.82 16.06 -6.16
N ASP A 725 3.42 15.43 -7.17
CA ASP A 725 4.51 16.05 -7.90
C ASP A 725 4.23 17.38 -8.60
N VAL A 726 2.96 17.69 -8.91
CA VAL A 726 2.63 18.99 -9.53
C VAL A 726 1.89 19.87 -8.51
N GLY A 727 1.93 19.47 -7.25
CA GLY A 727 1.26 20.26 -6.21
C GLY A 727 -0.25 20.38 -6.27
N VAL A 728 -0.94 19.32 -6.66
CA VAL A 728 -2.40 19.35 -6.72
C VAL A 728 -2.97 18.65 -5.48
N ASP A 729 -3.86 19.32 -4.76
CA ASP A 729 -4.45 18.72 -3.57
C ASP A 729 -5.62 17.86 -4.02
N PHE A 730 -5.91 16.79 -3.29
CA PHE A 730 -7.02 15.91 -3.63
C PHE A 730 -7.35 15.04 -2.40
N GLN A 731 -8.44 14.29 -2.48
CA GLN A 731 -8.89 13.42 -1.40
C GLN A 731 -8.56 11.97 -1.75
N ALA A 732 -8.24 11.17 -0.74
CA ALA A 732 -7.91 9.77 -0.97
C ALA A 732 -8.43 8.87 0.12
N MET A 733 -8.58 7.60 -0.23
CA MET A 733 -8.99 6.60 0.75
C MET A 733 -8.53 5.23 0.24
N TRP A 734 -7.79 4.51 1.08
CA TRP A 734 -7.36 3.17 0.71
C TRP A 734 -8.21 2.22 1.57
N TYR A 735 -8.48 1.02 1.07
CA TYR A 735 -9.23 0.06 1.88
C TYR A 735 -8.32 -1.14 2.15
N THR A 736 -7.90 -1.27 3.39
CA THR A 736 -7.01 -2.35 3.78
C THR A 736 -7.58 -3.72 3.50
N ASP A 737 -6.83 -4.50 2.72
CA ASP A 737 -7.17 -5.87 2.35
C ASP A 737 -8.38 -6.11 1.47
N GLU A 738 -8.95 -5.04 0.91
CA GLU A 738 -10.10 -5.17 0.02
C GLU A 738 -9.58 -5.32 -1.41
N ASP A 739 -10.25 -6.12 -2.23
CA ASP A 739 -9.81 -6.27 -3.60
C ASP A 739 -10.60 -5.33 -4.54
N HIS A 740 -10.66 -5.67 -5.81
CA HIS A 740 -11.32 -4.85 -6.80
C HIS A 740 -12.82 -4.63 -6.52
N GLY A 741 -13.43 -5.52 -5.76
CA GLY A 741 -14.85 -5.37 -5.50
C GLY A 741 -15.20 -4.54 -4.28
N ILE A 742 -14.23 -4.34 -3.38
CA ILE A 742 -14.44 -3.59 -2.12
C ILE A 742 -15.83 -3.96 -1.63
N ALA A 743 -16.11 -5.25 -1.66
CA ALA A 743 -17.42 -5.77 -1.33
C ALA A 743 -17.63 -6.38 0.05
N SER A 744 -16.62 -6.44 0.90
CA SER A 744 -16.89 -6.98 2.23
C SER A 744 -17.98 -6.03 2.77
N SER A 745 -18.87 -6.55 3.62
CA SER A 745 -19.97 -5.76 4.16
C SER A 745 -19.58 -4.41 4.80
N THR A 746 -18.57 -4.40 5.64
CA THR A 746 -18.16 -3.16 6.27
C THR A 746 -17.49 -2.19 5.27
N ALA A 747 -16.60 -2.67 4.41
CA ALA A 747 -15.95 -1.78 3.45
C ALA A 747 -16.97 -1.14 2.49
N HIS A 748 -17.92 -1.96 2.05
CA HIS A 748 -18.98 -1.52 1.13
C HIS A 748 -19.73 -0.34 1.73
N GLN A 749 -20.20 -0.52 2.96
CA GLN A 749 -20.91 0.55 3.63
C GLN A 749 -20.02 1.77 3.79
N HIS A 750 -18.78 1.53 4.18
CA HIS A 750 -17.85 2.63 4.40
C HIS A 750 -17.56 3.46 3.13
N ILE A 751 -17.31 2.79 2.01
CA ILE A 751 -17.01 3.52 0.79
C ILE A 751 -18.18 4.36 0.32
N TYR A 752 -19.36 3.77 0.24
CA TYR A 752 -20.53 4.52 -0.22
C TYR A 752 -20.88 5.64 0.76
N THR A 753 -20.63 5.43 2.04
CA THR A 753 -20.88 6.49 3.01
C THR A 753 -19.89 7.64 2.76
N HIS A 754 -18.62 7.30 2.55
CA HIS A 754 -17.59 8.28 2.33
C HIS A 754 -17.82 9.04 1.01
N MET A 755 -18.21 8.32 -0.04
CA MET A 755 -18.47 8.98 -1.32
C MET A 755 -19.71 9.88 -1.25
N SER A 756 -20.73 9.49 -0.48
CA SER A 756 -21.93 10.31 -0.35
C SER A 756 -21.58 11.68 0.27
N HIS A 757 -20.81 11.67 1.36
CA HIS A 757 -20.39 12.92 1.99
C HIS A 757 -19.67 13.79 0.96
N PHE A 758 -18.78 13.19 0.19
CA PHE A 758 -18.01 13.94 -0.81
C PHE A 758 -18.90 14.58 -1.88
N ILE A 759 -19.83 13.81 -2.43
CA ILE A 759 -20.71 14.36 -3.46
C ILE A 759 -21.59 15.45 -2.88
N LYS A 760 -22.23 15.22 -1.75
CA LYS A 760 -23.08 16.24 -1.12
C LYS A 760 -22.28 17.54 -0.84
N GLN A 761 -21.08 17.39 -0.32
CA GLN A 761 -20.20 18.52 -0.04
C GLN A 761 -19.90 19.30 -1.35
N CYS A 762 -19.59 18.58 -2.43
CA CYS A 762 -19.31 19.19 -3.73
C CYS A 762 -20.54 19.95 -4.27
N PHE A 763 -21.73 19.42 -4.00
CA PHE A 763 -22.98 20.02 -4.47
C PHE A 763 -23.61 20.99 -3.45
N SER A 764 -22.94 21.24 -2.33
CA SER A 764 -23.47 22.12 -1.27
C SER A 764 -24.81 21.60 -0.76
N LEU A 765 -24.91 20.29 -0.56
CA LEU A 765 -26.14 19.68 -0.07
C LEU A 765 -26.04 19.35 1.41
N PRO A 766 -27.02 19.83 2.21
CA PRO A 766 -27.04 19.57 3.66
C PRO A 766 -26.88 18.09 3.93
N THR B 39 -0.44 47.63 6.49
CA THR B 39 -0.45 46.52 7.50
C THR B 39 0.66 45.51 7.19
N ARG B 40 1.41 45.09 8.20
CA ARG B 40 2.48 44.12 7.95
C ARG B 40 1.89 42.76 7.57
N LYS B 41 2.48 42.11 6.58
CA LYS B 41 2.02 40.80 6.16
C LYS B 41 2.31 39.80 7.29
N THR B 42 1.73 38.62 7.19
CA THR B 42 1.93 37.59 8.20
C THR B 42 2.84 36.49 7.62
N TYR B 43 3.19 35.52 8.46
CA TYR B 43 4.03 34.41 8.01
C TYR B 43 3.04 33.37 7.44
N THR B 44 3.00 33.26 6.12
CA THR B 44 2.07 32.38 5.42
C THR B 44 2.55 30.95 5.21
N LEU B 45 1.64 30.09 4.74
CA LEU B 45 1.96 28.71 4.48
C LEU B 45 3.00 28.66 3.39
N THR B 46 2.88 29.50 2.37
CA THR B 46 3.86 29.51 1.28
C THR B 46 5.24 29.94 1.79
N ASP B 47 5.28 30.83 2.78
CA ASP B 47 6.56 31.27 3.34
C ASP B 47 7.27 30.07 3.93
N TYR B 48 6.52 29.24 4.66
CA TYR B 48 7.08 28.05 5.27
C TYR B 48 7.50 27.05 4.18
N LEU B 49 6.57 26.70 3.30
CA LEU B 49 6.85 25.73 2.23
C LEU B 49 7.88 26.21 1.22
N LYS B 50 7.94 27.51 1.00
CA LYS B 50 8.91 28.02 0.04
C LYS B 50 10.19 28.49 0.72
N ASN B 51 10.19 28.47 2.04
CA ASN B 51 11.37 28.87 2.80
C ASN B 51 11.81 30.28 2.47
N THR B 52 10.89 31.24 2.39
CA THR B 52 11.29 32.59 2.05
C THR B 52 12.15 33.25 3.13
N TYR B 53 11.91 32.93 4.40
CA TYR B 53 12.71 33.50 5.49
C TYR B 53 13.74 32.46 5.90
N ARG B 54 14.91 32.53 5.27
CA ARG B 54 15.96 31.57 5.51
C ARG B 54 16.77 31.84 6.75
N LEU B 55 16.94 30.79 7.53
CA LEU B 55 17.71 30.85 8.75
C LEU B 55 19.17 30.54 8.36
N LYS B 56 20.09 31.43 8.70
CA LYS B 56 21.50 31.19 8.39
C LYS B 56 22.19 30.48 9.52
N LEU B 57 23.21 29.72 9.17
CA LEU B 57 23.98 29.01 10.18
C LEU B 57 25.44 29.11 9.83
N TYR B 58 26.28 28.48 10.64
CA TYR B 58 27.71 28.54 10.39
C TYR B 58 28.34 27.17 10.66
N SER B 59 28.31 26.28 9.68
CA SER B 59 28.86 24.95 9.84
C SER B 59 30.33 24.93 9.48
N LEU B 60 31.19 24.68 10.46
CA LEU B 60 32.62 24.64 10.22
C LEU B 60 33.12 23.24 10.55
N ARG B 61 34.32 22.91 10.09
CA ARG B 61 34.93 21.61 10.38
C ARG B 61 36.33 21.86 10.89
N TRP B 62 36.59 21.49 12.13
CA TRP B 62 37.91 21.69 12.70
C TRP B 62 38.84 20.70 12.02
N ILE B 63 40.02 21.15 11.60
CA ILE B 63 40.98 20.24 10.97
C ILE B 63 42.22 20.14 11.81
N SER B 64 42.28 20.96 12.86
CA SER B 64 43.41 20.98 13.78
C SER B 64 43.01 21.69 15.07
N ASP B 65 43.99 22.01 15.91
CA ASP B 65 43.68 22.71 17.14
C ASP B 65 43.42 24.19 16.95
N HIS B 66 43.65 24.72 15.75
CA HIS B 66 43.40 26.14 15.54
C HIS B 66 42.97 26.56 14.14
N GLU B 67 42.57 25.59 13.31
CA GLU B 67 42.10 25.89 11.96
C GLU B 67 40.84 25.10 11.65
N TYR B 68 39.95 25.71 10.87
CA TYR B 68 38.72 25.05 10.48
C TYR B 68 38.36 25.39 9.06
N LEU B 69 37.62 24.49 8.41
CA LEU B 69 37.21 24.69 7.05
C LEU B 69 35.79 25.26 7.04
N TYR B 70 35.49 26.07 6.06
CA TYR B 70 34.18 26.67 5.95
C TYR B 70 33.89 26.88 4.48
N LYS B 71 32.70 26.50 4.03
CA LYS B 71 32.31 26.67 2.63
C LYS B 71 31.65 28.04 2.39
N GLN B 72 32.26 28.84 1.52
CA GLN B 72 31.75 30.16 1.19
C GLN B 72 31.84 30.38 -0.32
N GLU B 73 30.71 30.75 -0.93
CA GLU B 73 30.67 30.99 -2.38
C GLU B 73 30.94 29.66 -3.12
N ASN B 74 30.61 28.54 -2.47
CA ASN B 74 30.79 27.20 -3.04
C ASN B 74 32.24 26.70 -3.07
N ASN B 75 33.16 27.49 -2.51
CA ASN B 75 34.54 27.06 -2.42
C ASN B 75 34.87 26.82 -0.95
N ILE B 76 35.88 25.99 -0.69
CA ILE B 76 36.27 25.66 0.66
C ILE B 76 37.36 26.56 1.21
N LEU B 77 37.05 27.30 2.26
CA LEU B 77 38.01 28.19 2.88
C LEU B 77 38.58 27.61 4.19
N VAL B 78 39.80 28.02 4.53
CA VAL B 78 40.44 27.58 5.77
C VAL B 78 40.64 28.83 6.65
N PHE B 79 40.08 28.81 7.85
CA PHE B 79 40.19 29.96 8.74
C PHE B 79 41.15 29.72 9.89
N ASN B 80 41.80 30.79 10.32
CA ASN B 80 42.71 30.73 11.45
C ASN B 80 41.82 31.17 12.62
N ALA B 81 41.52 30.25 13.54
CA ALA B 81 40.66 30.57 14.66
C ALA B 81 41.09 31.80 15.48
N GLU B 82 42.39 31.88 15.76
CA GLU B 82 42.94 32.95 16.56
C GLU B 82 42.77 34.38 16.03
N TYR B 83 42.88 34.57 14.72
CA TYR B 83 42.78 35.90 14.11
C TYR B 83 41.60 36.13 13.17
N GLY B 84 40.93 35.05 12.76
CA GLY B 84 39.78 35.18 11.88
C GLY B 84 40.14 35.29 10.41
N ASN B 85 41.42 35.37 10.10
CA ASN B 85 41.83 35.48 8.70
C ASN B 85 41.76 34.10 8.03
N SER B 86 41.67 34.10 6.71
CA SER B 86 41.56 32.86 5.97
C SER B 86 42.24 32.86 4.61
N SER B 87 42.11 31.73 3.92
CA SER B 87 42.66 31.54 2.58
C SER B 87 41.78 30.52 1.88
N VAL B 88 41.87 30.47 0.55
CA VAL B 88 41.08 29.54 -0.22
C VAL B 88 41.77 28.19 -0.11
N PHE B 89 41.05 27.20 0.42
CA PHE B 89 41.61 25.87 0.58
C PHE B 89 41.41 25.08 -0.71
N LEU B 90 40.20 25.16 -1.26
CA LEU B 90 39.87 24.48 -2.50
C LEU B 90 38.93 25.35 -3.32
N GLU B 91 39.45 25.84 -4.44
CA GLU B 91 38.66 26.70 -5.33
C GLU B 91 37.44 25.95 -5.84
N ASN B 92 36.30 26.62 -5.84
CA ASN B 92 35.05 26.05 -6.29
C ASN B 92 35.12 25.42 -7.70
N SER B 93 36.06 25.86 -8.52
CA SER B 93 36.18 25.35 -9.89
C SER B 93 37.14 24.16 -10.01
N THR B 94 37.71 23.75 -8.89
CA THR B 94 38.65 22.64 -8.89
C THR B 94 38.10 21.39 -9.57
N PHE B 95 36.79 21.17 -9.44
CA PHE B 95 36.17 19.99 -10.04
C PHE B 95 35.02 20.30 -11.01
N ASP B 96 35.16 21.38 -11.76
CA ASP B 96 34.15 21.78 -12.73
C ASP B 96 34.02 20.77 -13.85
N GLU B 97 35.04 19.93 -14.02
CA GLU B 97 35.02 18.94 -15.08
C GLU B 97 35.27 17.54 -14.53
N PHE B 98 34.87 17.35 -13.28
CA PHE B 98 35.01 16.06 -12.61
C PHE B 98 34.11 15.06 -13.32
N GLY B 99 33.04 15.55 -13.94
CA GLY B 99 32.13 14.68 -14.65
C GLY B 99 31.00 14.19 -13.77
N HIS B 100 30.97 14.65 -12.52
CA HIS B 100 29.93 14.25 -11.58
C HIS B 100 29.65 15.36 -10.57
N SER B 101 28.49 15.32 -9.95
CA SER B 101 28.18 16.33 -8.96
C SER B 101 28.70 15.82 -7.61
N ILE B 102 29.66 16.53 -7.01
CA ILE B 102 30.20 16.10 -5.73
C ILE B 102 29.23 16.38 -4.58
N ASN B 103 28.77 15.30 -3.93
CA ASN B 103 27.83 15.40 -2.83
C ASN B 103 28.44 15.83 -1.49
N ASP B 104 29.70 15.47 -1.26
CA ASP B 104 30.35 15.82 0.00
C ASP B 104 31.83 15.51 -0.11
N TYR B 105 32.63 16.01 0.81
CA TYR B 105 34.07 15.78 0.78
C TYR B 105 34.58 15.48 2.18
N SER B 106 35.82 14.99 2.25
CA SER B 106 36.43 14.66 3.53
C SER B 106 37.96 14.70 3.39
N ILE B 107 38.60 15.54 4.19
CA ILE B 107 40.05 15.66 4.13
C ILE B 107 40.68 14.71 5.11
N SER B 108 41.74 14.03 4.69
CA SER B 108 42.40 13.12 5.60
C SER B 108 42.97 13.96 6.74
N PRO B 109 43.13 13.36 7.92
CA PRO B 109 43.67 14.10 9.08
C PRO B 109 45.00 14.79 8.84
N ASP B 110 45.85 14.24 7.99
CA ASP B 110 47.15 14.87 7.75
C ASP B 110 47.10 15.90 6.64
N GLY B 111 45.91 16.18 6.13
CA GLY B 111 45.76 17.16 5.07
C GLY B 111 46.37 16.79 3.72
N GLN B 112 46.87 15.57 3.59
CA GLN B 112 47.48 15.19 2.31
C GLN B 112 46.51 14.74 1.21
N PHE B 113 45.29 14.36 1.59
CA PHE B 113 44.31 13.91 0.60
C PHE B 113 42.90 14.40 0.86
N ILE B 114 42.06 14.31 -0.16
CA ILE B 114 40.66 14.68 0.01
C ILE B 114 39.78 13.61 -0.63
N LEU B 115 38.82 13.14 0.16
CA LEU B 115 37.90 12.10 -0.27
C LEU B 115 36.72 12.79 -0.93
N LEU B 116 36.41 12.41 -2.17
CA LEU B 116 35.31 13.00 -2.92
C LEU B 116 34.19 11.99 -3.02
N GLU B 117 33.03 12.36 -2.49
CA GLU B 117 31.88 11.48 -2.48
C GLU B 117 30.82 11.89 -3.50
N TYR B 118 30.39 10.96 -4.35
CA TYR B 118 29.36 11.28 -5.34
C TYR B 118 28.44 10.07 -5.60
N ASN B 119 27.44 10.22 -6.47
CA ASN B 119 26.51 9.13 -6.74
C ASN B 119 25.84 8.72 -5.43
N TYR B 120 25.53 9.71 -4.60
CA TYR B 120 24.89 9.46 -3.32
C TYR B 120 23.53 8.79 -3.46
N VAL B 121 23.36 7.64 -2.82
CA VAL B 121 22.08 6.93 -2.88
C VAL B 121 21.63 6.65 -1.44
N LYS B 122 20.67 7.42 -0.97
CA LYS B 122 20.15 7.28 0.39
C LYS B 122 19.51 5.93 0.72
N GLN B 123 19.70 5.45 1.95
CA GLN B 123 19.05 4.21 2.35
C GLN B 123 18.12 4.51 3.55
N TRP B 124 18.54 4.23 4.78
CA TRP B 124 17.64 4.53 5.91
C TRP B 124 17.97 5.91 6.50
N ARG B 125 17.81 6.08 7.81
CA ARG B 125 18.07 7.36 8.44
C ARG B 125 19.51 7.82 8.30
N HIS B 126 20.46 6.90 8.43
CA HIS B 126 21.87 7.26 8.33
C HIS B 126 22.62 6.56 7.19
N SER B 127 22.20 5.36 6.81
CA SER B 127 22.90 4.63 5.77
C SER B 127 22.65 5.17 4.36
N TYR B 128 23.63 4.93 3.48
CA TYR B 128 23.54 5.33 2.08
C TYR B 128 24.71 4.70 1.31
N THR B 129 24.60 4.61 0.00
CA THR B 129 25.70 4.10 -0.81
C THR B 129 26.21 5.25 -1.68
N ALA B 130 27.45 5.13 -2.14
CA ALA B 130 28.03 6.18 -2.95
C ALA B 130 29.30 5.74 -3.65
N SER B 131 29.76 6.59 -4.56
CA SER B 131 31.01 6.37 -5.28
C SER B 131 32.00 7.34 -4.63
N TYR B 132 33.28 7.07 -4.79
CA TYR B 132 34.31 7.91 -4.21
C TYR B 132 35.56 7.96 -5.04
N ASP B 133 36.19 9.13 -5.05
CA ASP B 133 37.46 9.27 -5.72
C ASP B 133 38.32 9.97 -4.70
N ILE B 134 39.63 9.80 -4.82
CA ILE B 134 40.56 10.41 -3.92
C ILE B 134 41.44 11.38 -4.70
N TYR B 135 41.59 12.58 -4.15
CA TYR B 135 42.39 13.62 -4.78
C TYR B 135 43.63 13.86 -3.95
N ASP B 136 44.80 13.79 -4.59
CA ASP B 136 46.08 14.03 -3.92
C ASP B 136 46.24 15.56 -3.91
N LEU B 137 46.13 16.16 -2.73
CA LEU B 137 46.24 17.60 -2.58
C LEU B 137 47.59 18.18 -2.94
N ASN B 138 48.64 17.40 -2.71
CA ASN B 138 49.98 17.88 -3.02
C ASN B 138 50.25 17.84 -4.52
N LYS B 139 50.04 16.69 -5.13
CA LYS B 139 50.26 16.52 -6.56
C LYS B 139 49.17 17.21 -7.38
N ARG B 140 48.03 17.48 -6.74
CA ARG B 140 46.90 18.12 -7.42
C ARG B 140 46.33 17.20 -8.47
N GLN B 141 46.39 15.90 -8.21
CA GLN B 141 45.86 14.93 -9.16
C GLN B 141 44.85 14.03 -8.48
N LEU B 142 43.93 13.53 -9.30
CA LEU B 142 42.90 12.64 -8.84
C LEU B 142 43.49 11.23 -9.01
N ILE B 143 43.47 10.42 -7.96
CA ILE B 143 44.01 9.09 -8.05
C ILE B 143 43.16 8.23 -8.95
N THR B 144 43.78 7.51 -9.88
CA THR B 144 42.99 6.69 -10.79
C THR B 144 43.21 5.20 -10.69
N GLU B 145 44.11 4.78 -9.82
CA GLU B 145 44.36 3.35 -9.65
C GLU B 145 43.88 2.81 -8.31
N GLU B 146 43.52 1.53 -8.28
CA GLU B 146 43.08 0.87 -7.07
C GLU B 146 42.02 1.75 -6.41
N ARG B 147 41.05 2.17 -7.20
CA ARG B 147 39.99 3.04 -6.71
C ARG B 147 38.95 2.35 -5.82
N ILE B 148 38.43 3.12 -4.87
CA ILE B 148 37.40 2.63 -3.98
C ILE B 148 36.29 2.20 -4.91
N PRO B 149 35.71 1.02 -4.68
CA PRO B 149 34.63 0.45 -5.51
C PRO B 149 33.36 1.32 -5.51
N ASN B 150 32.53 1.14 -6.53
CA ASN B 150 31.26 1.84 -6.61
C ASN B 150 30.33 1.06 -5.66
N ASN B 151 29.31 1.73 -5.14
CA ASN B 151 28.37 1.09 -4.22
C ASN B 151 29.04 0.80 -2.89
N THR B 152 29.95 1.67 -2.48
CA THR B 152 30.65 1.50 -1.22
C THR B 152 29.67 1.93 -0.13
N GLN B 153 29.54 1.08 0.88
CA GLN B 153 28.61 1.31 1.96
C GLN B 153 29.06 2.29 3.05
N TRP B 154 30.37 2.35 3.27
CA TRP B 154 30.91 3.26 4.27
C TRP B 154 32.41 3.40 4.07
N VAL B 155 32.93 4.58 4.39
CA VAL B 155 34.36 4.87 4.24
C VAL B 155 34.75 5.85 5.33
N THR B 156 35.94 5.66 5.89
CA THR B 156 36.43 6.57 6.91
C THR B 156 37.93 6.58 6.94
N TRP B 157 38.51 7.77 7.08
CA TRP B 157 39.95 7.92 7.16
C TRP B 157 40.34 7.40 8.53
N SER B 158 41.62 7.12 8.74
CA SER B 158 42.09 6.72 10.06
C SER B 158 42.12 8.07 10.81
N PRO B 159 42.08 8.05 12.14
CA PRO B 159 42.10 9.31 12.91
C PRO B 159 43.38 10.13 12.75
N VAL B 160 44.47 9.46 12.35
CA VAL B 160 45.74 10.12 12.11
C VAL B 160 46.27 9.61 10.77
N GLY B 161 47.05 10.42 10.07
CA GLY B 161 47.60 10.00 8.79
C GLY B 161 46.59 9.99 7.67
N HIS B 162 46.60 8.94 6.86
CA HIS B 162 45.66 8.84 5.74
C HIS B 162 45.31 7.41 5.32
N LYS B 163 45.21 6.51 6.29
CA LYS B 163 44.82 5.14 6.00
C LYS B 163 43.32 5.27 5.75
N LEU B 164 42.75 4.26 5.11
CA LEU B 164 41.33 4.25 4.80
C LEU B 164 40.75 2.87 5.06
N ALA B 165 39.55 2.83 5.58
CA ALA B 165 38.85 1.57 5.81
C ALA B 165 37.51 1.79 5.17
N TYR B 166 37.02 0.82 4.41
CA TYR B 166 35.71 0.95 3.80
C TYR B 166 35.02 -0.39 3.78
N VAL B 167 33.69 -0.33 3.67
CA VAL B 167 32.86 -1.52 3.62
C VAL B 167 32.21 -1.61 2.25
N TRP B 168 32.35 -2.75 1.58
CA TRP B 168 31.79 -2.98 0.26
C TRP B 168 31.27 -4.42 0.22
N ASN B 169 30.02 -4.57 -0.23
CA ASN B 169 29.39 -5.88 -0.24
C ASN B 169 29.42 -6.53 1.14
N ASN B 170 29.26 -5.71 2.18
CA ASN B 170 29.22 -6.17 3.56
C ASN B 170 30.53 -6.71 4.17
N ASP B 171 31.65 -6.42 3.52
CA ASP B 171 32.97 -6.84 4.00
C ASP B 171 33.86 -5.61 4.19
N ILE B 172 34.79 -5.72 5.12
CA ILE B 172 35.69 -4.62 5.42
C ILE B 172 36.97 -4.69 4.62
N TYR B 173 37.44 -3.54 4.17
CA TYR B 173 38.67 -3.40 3.41
C TYR B 173 39.49 -2.25 3.99
N VAL B 174 40.80 -2.37 3.93
CA VAL B 174 41.70 -1.32 4.42
C VAL B 174 42.73 -0.94 3.37
N LYS B 175 42.95 0.37 3.20
CA LYS B 175 43.95 0.89 2.27
C LYS B 175 44.97 1.63 3.10
N ILE B 176 46.23 1.19 3.06
CA ILE B 176 47.27 1.86 3.82
C ILE B 176 47.62 3.15 3.12
N GLU B 177 47.67 3.10 1.79
CA GLU B 177 47.96 4.28 0.95
C GLU B 177 46.83 4.38 -0.07
N PRO B 178 46.36 5.60 -0.36
CA PRO B 178 45.29 5.89 -1.30
C PRO B 178 45.41 5.25 -2.68
N ASN B 179 46.64 5.06 -3.16
CA ASN B 179 46.81 4.49 -4.50
C ASN B 179 47.22 3.02 -4.54
N LEU B 180 47.40 2.41 -3.38
CA LEU B 180 47.80 1.01 -3.35
C LEU B 180 46.62 0.05 -3.16
N PRO B 181 46.85 -1.25 -3.39
CA PRO B 181 45.76 -2.24 -3.24
C PRO B 181 45.26 -2.33 -1.80
N SER B 182 43.97 -2.53 -1.64
CA SER B 182 43.44 -2.65 -0.30
C SER B 182 43.61 -4.08 0.18
N TYR B 183 43.49 -4.28 1.48
CA TYR B 183 43.57 -5.60 2.10
C TYR B 183 42.16 -5.97 2.55
N ARG B 184 41.70 -7.17 2.18
CA ARG B 184 40.38 -7.58 2.61
C ARG B 184 40.53 -8.06 4.04
N ILE B 185 39.60 -7.67 4.90
CA ILE B 185 39.60 -8.04 6.31
C ILE B 185 38.59 -9.14 6.66
N THR B 186 37.47 -9.19 5.95
CA THR B 186 36.43 -10.18 6.19
C THR B 186 35.93 -10.79 4.89
N TRP B 187 35.51 -12.05 4.96
CA TRP B 187 35.00 -12.78 3.78
C TRP B 187 33.60 -13.33 4.01
N THR B 188 33.03 -13.05 5.18
CA THR B 188 31.70 -13.51 5.52
C THR B 188 30.54 -12.62 5.06
N GLY B 189 30.86 -11.41 4.61
CA GLY B 189 29.84 -10.48 4.14
C GLY B 189 28.74 -11.15 3.34
N LYS B 190 27.48 -10.82 3.62
CA LYS B 190 26.37 -11.42 2.90
C LYS B 190 25.15 -10.52 3.00
N GLU B 191 24.76 -9.96 1.86
CA GLU B 191 23.62 -9.06 1.77
C GLU B 191 22.42 -9.49 2.62
N ASP B 192 21.96 -8.60 3.51
CA ASP B 192 20.82 -8.86 4.41
C ASP B 192 21.07 -9.99 5.41
N ILE B 193 22.26 -10.56 5.43
CA ILE B 193 22.53 -11.65 6.36
C ILE B 193 23.71 -11.36 7.30
N ILE B 194 24.91 -11.21 6.75
CA ILE B 194 26.06 -10.92 7.59
C ILE B 194 26.56 -9.52 7.28
N TYR B 195 26.65 -8.69 8.31
CA TYR B 195 27.13 -7.31 8.20
C TYR B 195 28.44 -7.10 8.97
N ASN B 196 29.53 -6.82 8.26
CA ASN B 196 30.82 -6.58 8.92
C ASN B 196 31.16 -5.10 8.80
N GLY B 197 31.33 -4.45 9.94
CA GLY B 197 31.69 -3.05 9.88
C GLY B 197 30.56 -2.09 9.61
N ILE B 198 29.35 -2.61 9.39
CA ILE B 198 28.20 -1.77 9.18
C ILE B 198 27.06 -2.40 9.97
N THR B 199 26.11 -1.58 10.38
CA THR B 199 24.99 -2.03 11.16
C THR B 199 23.85 -2.55 10.29
N ASP B 200 22.99 -3.38 10.86
CA ASP B 200 21.79 -3.83 10.16
C ASP B 200 20.76 -2.75 10.47
N TRP B 201 19.52 -2.94 10.03
CA TRP B 201 18.51 -1.92 10.23
C TRP B 201 18.30 -1.44 11.68
N VAL B 202 18.06 -2.38 12.58
CA VAL B 202 17.77 -2.02 13.96
C VAL B 202 18.97 -1.44 14.74
N TYR B 203 20.18 -1.92 14.46
CA TYR B 203 21.35 -1.37 15.13
C TYR B 203 21.61 0.04 14.60
N GLU B 204 21.37 0.25 13.30
CA GLU B 204 21.57 1.57 12.71
C GLU B 204 20.60 2.58 13.33
N GLU B 205 19.33 2.23 13.34
CA GLU B 205 18.31 3.13 13.84
C GLU B 205 18.23 3.33 15.34
N GLU B 206 18.21 2.23 16.10
CA GLU B 206 18.03 2.30 17.54
C GLU B 206 19.21 2.29 18.48
N VAL B 207 20.36 1.80 18.03
CA VAL B 207 21.51 1.69 18.90
C VAL B 207 22.67 2.64 18.63
N PHE B 208 23.23 2.58 17.44
CA PHE B 208 24.36 3.44 17.12
C PHE B 208 24.03 4.72 16.39
N SER B 209 22.80 4.86 15.90
CA SER B 209 22.43 6.06 15.16
C SER B 209 23.47 6.33 14.09
N ALA B 210 23.92 5.28 13.43
CA ALA B 210 24.92 5.41 12.41
C ALA B 210 24.95 4.10 11.63
N TYR B 211 25.49 4.15 10.42
CA TYR B 211 25.56 2.98 9.59
C TYR B 211 26.87 2.27 9.86
N SER B 212 27.90 3.03 10.20
CA SER B 212 29.20 2.42 10.42
C SER B 212 29.27 1.69 11.76
N ALA B 213 30.05 0.62 11.75
CA ALA B 213 30.25 -0.20 12.92
C ALA B 213 31.73 -0.57 12.93
N LEU B 214 32.57 0.43 12.74
CA LEU B 214 33.99 0.21 12.80
C LEU B 214 34.61 1.37 13.58
N TRP B 215 35.66 1.07 14.32
CA TRP B 215 36.29 2.05 15.19
C TRP B 215 37.80 2.01 15.18
N TRP B 216 38.43 3.02 14.57
CA TRP B 216 39.87 3.07 14.53
C TRP B 216 40.38 3.41 15.94
N SER B 217 41.54 2.86 16.32
CA SER B 217 42.14 3.17 17.62
C SER B 217 42.70 4.57 17.43
N PRO B 218 43.01 5.29 18.53
CA PRO B 218 43.53 6.67 18.47
C PRO B 218 44.60 7.01 17.43
N ASN B 219 45.65 6.21 17.32
CA ASN B 219 46.70 6.52 16.35
C ASN B 219 46.55 5.69 15.07
N GLY B 220 45.47 4.94 14.98
CA GLY B 220 45.20 4.17 13.78
C GLY B 220 45.81 2.81 13.60
N THR B 221 46.51 2.32 14.61
CA THR B 221 47.13 1.01 14.51
C THR B 221 46.10 -0.10 14.43
N PHE B 222 45.14 -0.08 15.35
CA PHE B 222 44.10 -1.11 15.39
C PHE B 222 42.78 -0.68 14.76
N LEU B 223 42.04 -1.62 14.21
CA LEU B 223 40.73 -1.32 13.65
C LEU B 223 39.76 -2.30 14.29
N ALA B 224 38.86 -1.78 15.12
CA ALA B 224 37.88 -2.60 15.79
C ALA B 224 36.60 -2.58 14.97
N TYR B 225 35.78 -3.61 15.07
CA TYR B 225 34.52 -3.63 14.33
C TYR B 225 33.56 -4.66 14.84
N ALA B 226 32.28 -4.43 14.56
CA ALA B 226 31.23 -5.34 14.94
C ALA B 226 30.76 -6.11 13.70
N GLN B 227 30.21 -7.31 13.95
CA GLN B 227 29.69 -8.17 12.91
C GLN B 227 28.29 -8.57 13.36
N PHE B 228 27.29 -8.27 12.53
CA PHE B 228 25.91 -8.59 12.85
C PHE B 228 25.42 -9.69 11.95
N ASN B 229 24.69 -10.62 12.55
CA ASN B 229 24.14 -11.77 11.87
C ASN B 229 22.62 -11.74 11.99
N ASP B 230 21.93 -11.54 10.87
CA ASP B 230 20.48 -11.46 10.86
C ASP B 230 19.85 -12.69 10.25
N THR B 231 20.61 -13.76 10.16
CA THR B 231 20.14 -15.02 9.56
C THR B 231 18.69 -15.40 9.89
N GLU B 232 18.30 -15.31 11.14
CA GLU B 232 16.94 -15.69 11.51
C GLU B 232 15.99 -14.53 11.82
N VAL B 233 16.40 -13.30 11.50
CA VAL B 233 15.54 -12.16 11.73
C VAL B 233 14.47 -12.06 10.64
N PRO B 234 13.18 -12.04 11.03
CA PRO B 234 12.08 -11.95 10.06
C PRO B 234 12.19 -10.67 9.20
N LEU B 235 11.63 -10.73 8.00
CA LEU B 235 11.68 -9.61 7.07
C LEU B 235 10.38 -8.82 6.99
N ILE B 236 10.49 -7.50 6.96
CA ILE B 236 9.31 -6.69 6.76
C ILE B 236 9.36 -6.58 5.22
N GLU B 237 8.20 -6.71 4.59
CA GLU B 237 8.12 -6.62 3.14
C GLU B 237 7.05 -5.61 2.77
N TYR B 238 7.34 -4.76 1.79
CA TYR B 238 6.37 -3.77 1.34
C TYR B 238 6.74 -3.41 -0.09
N SER B 239 5.80 -2.87 -0.83
CA SER B 239 6.06 -2.53 -2.23
C SER B 239 6.65 -1.14 -2.39
N PHE B 240 7.42 -0.98 -3.45
CA PHE B 240 8.02 0.30 -3.80
C PHE B 240 7.64 0.43 -5.27
N TYR B 241 6.89 1.46 -5.61
CA TYR B 241 6.42 1.61 -6.98
C TYR B 241 7.38 2.28 -7.94
N SER B 242 8.25 3.14 -7.42
CA SER B 242 9.24 3.82 -8.26
C SER B 242 8.60 4.66 -9.36
N ASP B 243 9.41 5.08 -10.34
CA ASP B 243 8.88 5.87 -11.44
C ASP B 243 7.80 5.10 -12.19
N GLU B 244 6.97 5.86 -12.89
CA GLU B 244 5.85 5.35 -13.64
C GLU B 244 6.28 4.29 -14.68
N SER B 245 7.53 4.40 -15.15
CA SER B 245 8.04 3.46 -16.14
C SER B 245 8.22 2.03 -15.62
N LEU B 246 8.35 1.84 -14.31
CA LEU B 246 8.50 0.48 -13.77
C LEU B 246 7.14 -0.24 -13.90
N GLN B 247 7.12 -1.31 -14.68
CA GLN B 247 5.89 -2.06 -14.93
C GLN B 247 5.40 -2.87 -13.75
N TYR B 248 6.31 -3.59 -13.10
CA TYR B 248 5.98 -4.39 -11.93
C TYR B 248 6.54 -3.73 -10.68
N PRO B 249 5.72 -3.56 -9.64
CA PRO B 249 6.19 -2.95 -8.40
C PRO B 249 7.30 -3.79 -7.81
N LYS B 250 8.20 -3.15 -7.09
CA LYS B 250 9.31 -3.83 -6.46
C LYS B 250 8.96 -4.15 -5.00
N THR B 251 9.35 -5.32 -4.51
CA THR B 251 9.08 -5.66 -3.13
C THR B 251 10.33 -5.44 -2.29
N VAL B 252 10.30 -4.44 -1.41
CA VAL B 252 11.44 -4.19 -0.55
C VAL B 252 11.39 -5.16 0.64
N ARG B 253 12.53 -5.79 0.92
CA ARG B 253 12.63 -6.77 2.01
C ARG B 253 13.77 -6.42 2.94
N VAL B 254 13.43 -6.17 4.21
CA VAL B 254 14.42 -5.76 5.18
C VAL B 254 14.40 -6.55 6.48
N PRO B 255 15.54 -7.10 6.90
CA PRO B 255 15.59 -7.85 8.16
C PRO B 255 15.25 -6.81 9.24
N TYR B 256 14.12 -7.02 9.89
CA TYR B 256 13.60 -6.11 10.87
C TYR B 256 12.92 -6.90 11.98
N PRO B 257 13.50 -6.91 13.19
CA PRO B 257 12.89 -7.63 14.30
C PRO B 257 11.77 -6.86 15.03
N LYS B 258 10.52 -7.30 14.89
CA LYS B 258 9.42 -6.65 15.58
C LYS B 258 9.47 -7.10 17.06
N ALA B 259 8.70 -6.46 17.95
CA ALA B 259 8.74 -6.82 19.37
C ALA B 259 8.58 -8.31 19.66
N GLY B 260 9.52 -8.87 20.41
CA GLY B 260 9.46 -10.28 20.76
C GLY B 260 9.96 -11.26 19.71
N ALA B 261 10.41 -10.76 18.55
CA ALA B 261 10.88 -11.63 17.47
C ALA B 261 12.38 -11.99 17.59
N VAL B 262 12.88 -12.82 16.67
CA VAL B 262 14.28 -13.19 16.73
C VAL B 262 15.16 -11.99 16.38
N ASN B 263 16.06 -11.64 17.28
CA ASN B 263 16.98 -10.52 17.08
C ASN B 263 18.26 -10.95 16.38
N PRO B 264 18.99 -10.00 15.80
CA PRO B 264 20.23 -10.37 15.13
C PRO B 264 21.22 -10.60 16.29
N THR B 265 22.28 -11.36 16.06
CA THR B 265 23.26 -11.59 17.09
C THR B 265 24.45 -10.78 16.65
N VAL B 266 25.41 -10.60 17.55
CA VAL B 266 26.57 -9.79 17.26
C VAL B 266 27.88 -10.32 17.83
N LYS B 267 28.97 -9.99 17.14
CA LYS B 267 30.32 -10.35 17.56
C LYS B 267 31.22 -9.14 17.36
N PHE B 268 32.29 -9.05 18.15
CA PHE B 268 33.20 -7.91 18.10
C PHE B 268 34.61 -8.38 17.81
N PHE B 269 35.32 -7.67 16.94
CA PHE B 269 36.69 -8.04 16.58
C PHE B 269 37.63 -6.84 16.51
N VAL B 270 38.92 -7.11 16.63
CA VAL B 270 39.94 -6.08 16.51
C VAL B 270 41.08 -6.64 15.64
N VAL B 271 41.47 -5.91 14.59
CA VAL B 271 42.56 -6.35 13.73
C VAL B 271 43.68 -5.31 13.79
N ASN B 272 44.91 -5.77 13.69
CA ASN B 272 46.07 -4.87 13.72
C ASN B 272 46.43 -4.52 12.27
N THR B 273 46.02 -3.32 11.84
CA THR B 273 46.29 -2.87 10.47
C THR B 273 47.76 -2.68 10.15
N ASP B 274 48.59 -2.41 11.17
CA ASP B 274 50.02 -2.22 10.90
C ASP B 274 50.67 -3.52 10.46
N SER B 275 49.99 -4.64 10.66
CA SER B 275 50.56 -5.92 10.25
C SER B 275 50.08 -6.40 8.89
N LEU B 276 49.14 -5.67 8.29
CA LEU B 276 48.57 -6.07 6.99
C LEU B 276 49.57 -6.29 5.86
N SER B 277 50.60 -5.47 5.76
CA SER B 277 51.55 -5.64 4.68
C SER B 277 52.64 -6.65 5.02
N SER B 278 52.54 -7.30 6.18
CA SER B 278 53.53 -8.27 6.61
C SER B 278 53.04 -9.71 6.66
N VAL B 279 51.72 -9.88 6.70
CA VAL B 279 51.14 -11.21 6.73
C VAL B 279 50.10 -11.28 5.61
N THR B 280 49.90 -12.47 5.07
CA THR B 280 48.95 -12.62 3.97
C THR B 280 47.52 -12.36 4.42
N ASN B 281 47.18 -12.80 5.62
CA ASN B 281 45.82 -12.68 6.13
C ASN B 281 45.80 -12.34 7.61
N ALA B 282 45.90 -11.06 7.95
CA ALA B 282 45.90 -10.62 9.35
C ALA B 282 44.69 -11.15 10.14
N THR B 283 44.95 -11.63 11.35
CA THR B 283 43.93 -12.22 12.22
C THR B 283 43.05 -11.21 12.96
N SER B 284 41.74 -11.35 12.80
CA SER B 284 40.80 -10.50 13.51
C SER B 284 40.59 -11.19 14.86
N ILE B 285 41.11 -10.59 15.92
CA ILE B 285 40.99 -11.15 17.26
C ILE B 285 39.61 -10.83 17.79
N GLN B 286 38.87 -11.84 18.19
CA GLN B 286 37.54 -11.58 18.71
C GLN B 286 37.57 -11.28 20.21
N ILE B 287 36.66 -10.41 20.66
CA ILE B 287 36.53 -10.09 22.08
C ILE B 287 35.11 -10.52 22.44
N THR B 288 35.00 -11.60 23.19
CA THR B 288 33.69 -12.11 23.56
C THR B 288 33.00 -11.34 24.67
N ALA B 289 31.69 -11.35 24.60
CA ALA B 289 30.87 -10.67 25.59
C ALA B 289 31.02 -11.43 26.90
N PRO B 290 30.79 -10.76 28.05
CA PRO B 290 30.90 -11.39 29.37
C PRO B 290 29.84 -12.47 29.58
N ALA B 291 30.10 -13.37 30.53
CA ALA B 291 29.20 -14.48 30.83
C ALA B 291 27.82 -13.97 31.20
N SER B 292 27.77 -12.85 31.90
CA SER B 292 26.51 -12.25 32.29
C SER B 292 25.60 -11.91 31.07
N MET B 293 26.21 -11.82 29.88
CA MET B 293 25.45 -11.50 28.66
C MET B 293 25.20 -12.73 27.81
N LEU B 294 26.15 -13.66 27.78
CA LEU B 294 25.99 -14.86 26.97
C LEU B 294 24.87 -15.79 27.45
N ILE B 295 24.39 -15.60 28.67
CA ILE B 295 23.31 -16.46 29.16
C ILE B 295 22.04 -16.25 28.35
N GLY B 296 21.95 -15.15 27.61
CA GLY B 296 20.75 -14.91 26.83
C GLY B 296 20.94 -13.92 25.70
N ASP B 297 19.84 -13.45 25.11
CA ASP B 297 19.94 -12.47 24.04
C ASP B 297 20.53 -11.20 24.63
N HIS B 298 21.34 -10.52 23.83
CA HIS B 298 21.97 -9.28 24.29
C HIS B 298 22.28 -8.40 23.09
N TYR B 299 22.86 -7.24 23.35
CA TYR B 299 23.25 -6.28 22.33
C TYR B 299 24.62 -5.68 22.65
N LEU B 300 25.30 -5.20 21.62
CA LEU B 300 26.52 -4.45 21.82
C LEU B 300 25.98 -3.01 21.76
N CYS B 301 26.16 -2.20 22.80
CA CYS B 301 25.61 -0.83 22.77
C CYS B 301 26.58 0.34 22.79
N ASP B 302 27.87 0.06 22.95
CA ASP B 302 28.88 1.12 22.94
C ASP B 302 30.29 0.58 22.75
N VAL B 303 31.07 1.31 21.96
CA VAL B 303 32.47 0.97 21.73
C VAL B 303 33.20 2.30 21.85
N THR B 304 34.21 2.36 22.72
CA THR B 304 34.96 3.58 22.91
C THR B 304 36.39 3.24 23.26
N TRP B 305 37.32 3.69 22.45
CA TRP B 305 38.74 3.45 22.71
C TRP B 305 39.20 4.33 23.87
N ALA B 306 40.08 3.80 24.71
CA ALA B 306 40.60 4.56 25.84
C ALA B 306 42.05 5.02 25.55
N THR B 307 42.86 4.13 25.01
CA THR B 307 44.25 4.46 24.68
C THR B 307 44.59 3.66 23.42
N GLN B 308 45.85 3.76 22.98
CA GLN B 308 46.31 3.04 21.81
C GLN B 308 46.17 1.53 22.01
N GLU B 309 46.14 1.08 23.25
CA GLU B 309 46.07 -0.34 23.51
C GLU B 309 45.00 -0.76 24.51
N ARG B 310 43.96 0.07 24.64
CA ARG B 310 42.87 -0.21 25.57
C ARG B 310 41.55 0.22 24.96
N ILE B 311 40.61 -0.70 24.87
CA ILE B 311 39.32 -0.39 24.30
C ILE B 311 38.23 -0.78 25.32
N SER B 312 37.15 -0.01 25.35
CA SER B 312 36.06 -0.33 26.24
C SER B 312 34.82 -0.61 25.40
N LEU B 313 34.04 -1.58 25.85
CA LEU B 313 32.81 -1.90 25.16
C LEU B 313 31.73 -2.14 26.19
N GLN B 314 30.52 -1.71 25.87
CA GLN B 314 29.40 -1.90 26.77
C GLN B 314 28.39 -2.82 26.11
N TRP B 315 27.90 -3.78 26.90
CA TRP B 315 26.92 -4.75 26.43
C TRP B 315 25.63 -4.55 27.22
N LEU B 316 24.52 -4.90 26.60
CA LEU B 316 23.21 -4.73 27.21
C LEU B 316 22.35 -5.97 26.98
N ARG B 317 21.71 -6.45 28.04
CA ARG B 317 20.81 -7.60 27.95
C ARG B 317 19.54 -7.24 27.20
N ARG B 318 18.96 -8.21 26.51
CA ARG B 318 17.71 -7.96 25.79
C ARG B 318 16.70 -7.31 26.73
N ILE B 319 16.72 -7.68 28.01
CA ILE B 319 15.87 -7.02 28.99
C ILE B 319 16.78 -5.85 29.39
N GLN B 320 16.54 -4.70 28.78
CA GLN B 320 17.39 -3.52 28.93
C GLN B 320 17.56 -2.76 30.25
N ASN B 321 17.71 -3.47 31.34
CA ASN B 321 17.89 -2.78 32.62
C ASN B 321 19.16 -3.24 33.29
N TYR B 322 20.02 -3.89 32.51
CA TYR B 322 21.29 -4.39 32.99
C TYR B 322 22.34 -4.31 31.87
N SER B 323 23.41 -3.55 32.10
CA SER B 323 24.47 -3.41 31.11
C SER B 323 25.83 -3.61 31.77
N VAL B 324 26.78 -4.05 30.97
CA VAL B 324 28.13 -4.31 31.48
C VAL B 324 29.17 -3.68 30.58
N MET B 325 30.15 -3.04 31.18
CA MET B 325 31.23 -2.45 30.43
C MET B 325 32.52 -3.20 30.72
N ASP B 326 33.15 -3.69 29.66
CA ASP B 326 34.43 -4.38 29.76
C ASP B 326 35.50 -3.41 29.27
N ILE B 327 36.67 -3.49 29.89
CA ILE B 327 37.79 -2.64 29.50
C ILE B 327 38.90 -3.63 29.17
N CYS B 328 39.28 -3.63 27.90
CA CYS B 328 40.24 -4.61 27.40
C CYS B 328 41.58 -4.08 26.93
N ASP B 329 42.63 -4.76 27.39
CA ASP B 329 43.99 -4.37 27.07
C ASP B 329 44.67 -5.32 26.09
N TYR B 330 45.45 -4.74 25.18
CA TYR B 330 46.18 -5.54 24.22
C TYR B 330 47.36 -6.22 24.93
N ASP B 331 47.51 -7.51 24.70
CA ASP B 331 48.60 -8.32 25.28
C ASP B 331 49.66 -8.50 24.18
N GLU B 332 50.72 -7.71 24.25
CA GLU B 332 51.79 -7.73 23.26
C GLU B 332 52.47 -9.08 23.04
N SER B 333 52.44 -9.94 24.04
CA SER B 333 53.10 -11.24 23.91
C SER B 333 52.26 -12.30 23.21
N SER B 334 50.94 -12.21 23.35
CA SER B 334 50.04 -13.18 22.71
C SER B 334 49.26 -12.55 21.56
N GLY B 335 49.32 -11.24 21.44
CA GLY B 335 48.60 -10.57 20.38
C GLY B 335 47.10 -10.68 20.60
N ARG B 336 46.71 -11.02 21.82
CA ARG B 336 45.31 -11.17 22.19
C ARG B 336 44.78 -9.97 22.99
N TRP B 337 43.47 -9.96 23.23
CA TRP B 337 42.84 -8.90 24.01
C TRP B 337 42.22 -9.48 25.28
N ASN B 338 42.60 -8.92 26.42
CA ASN B 338 42.08 -9.43 27.67
C ASN B 338 41.36 -8.35 28.48
N CYS B 339 40.18 -8.71 28.97
CA CYS B 339 39.40 -7.76 29.76
C CYS B 339 39.31 -8.28 31.21
N LEU B 340 40.10 -7.67 32.11
CA LEU B 340 40.12 -8.07 33.51
C LEU B 340 38.79 -7.79 34.19
N VAL B 341 38.24 -8.80 34.83
CA VAL B 341 36.97 -8.66 35.48
C VAL B 341 36.98 -7.56 36.52
N ALA B 342 38.14 -7.27 37.10
CA ALA B 342 38.23 -6.20 38.08
C ALA B 342 38.07 -4.82 37.43
N ARG B 343 38.02 -4.79 36.10
CA ARG B 343 37.86 -3.53 35.37
C ARG B 343 36.49 -3.47 34.72
N GLN B 344 35.66 -4.43 35.08
CA GLN B 344 34.30 -4.55 34.55
C GLN B 344 33.35 -3.66 35.35
N HIS B 345 32.51 -2.89 34.66
CA HIS B 345 31.56 -2.03 35.36
C HIS B 345 30.12 -2.35 35.04
N ILE B 346 29.33 -2.52 36.09
CA ILE B 346 27.92 -2.86 35.96
C ILE B 346 27.07 -1.61 36.14
N GLU B 347 26.04 -1.48 35.31
CA GLU B 347 25.15 -0.33 35.38
C GLU B 347 23.74 -0.84 35.17
N MET B 348 22.96 -0.95 36.24
CA MET B 348 21.60 -1.45 36.12
C MET B 348 20.58 -0.42 36.60
N SER B 349 19.31 -0.65 36.30
CA SER B 349 18.28 0.29 36.74
C SER B 349 17.16 -0.47 37.38
N THR B 350 16.66 0.08 38.48
CA THR B 350 15.57 -0.55 39.22
C THR B 350 14.21 0.04 38.88
N THR B 351 14.20 1.29 38.41
CA THR B 351 12.95 1.98 38.08
C THR B 351 12.57 1.93 36.59
N GLY B 352 13.54 1.66 35.72
CA GLY B 352 13.25 1.60 34.29
C GLY B 352 14.34 0.92 33.50
N TRP B 353 14.69 1.51 32.37
CA TRP B 353 15.73 0.97 31.50
C TRP B 353 17.05 1.69 31.85
N VAL B 354 18.14 1.37 31.16
CA VAL B 354 19.41 2.01 31.47
C VAL B 354 19.74 3.05 30.40
N GLY B 355 20.01 4.29 30.83
CA GLY B 355 20.33 5.37 29.92
C GLY B 355 19.10 6.13 29.44
N ARG B 356 19.27 7.23 28.72
CA ARG B 356 18.11 7.95 28.21
C ARG B 356 17.52 7.08 27.10
N PHE B 357 18.37 6.68 26.14
CA PHE B 357 17.96 5.82 25.04
C PHE B 357 18.90 4.63 24.96
N ARG B 358 20.01 4.71 25.69
CA ARG B 358 21.01 3.66 25.73
C ARG B 358 22.05 4.08 26.77
N PRO B 359 22.81 3.12 27.32
CA PRO B 359 23.82 3.51 28.32
C PRO B 359 24.76 4.57 27.74
N SER B 360 25.11 5.56 28.56
CA SER B 360 25.98 6.66 28.11
C SER B 360 27.42 6.22 27.81
N GLU B 361 28.12 7.00 27.00
CA GLU B 361 29.48 6.65 26.65
C GLU B 361 30.50 7.24 27.62
N PRO B 362 31.60 6.51 27.84
CA PRO B 362 32.65 6.98 28.76
C PRO B 362 33.61 7.92 28.08
N HIS B 363 34.21 8.81 28.86
CA HIS B 363 35.20 9.76 28.35
C HIS B 363 36.43 9.51 29.21
N PHE B 364 37.43 8.87 28.61
CA PHE B 364 38.65 8.54 29.33
C PHE B 364 39.67 9.67 29.42
N THR B 365 40.40 9.70 30.52
CA THR B 365 41.47 10.68 30.71
C THR B 365 42.58 10.18 29.81
N LEU B 366 43.50 11.08 29.44
CA LEU B 366 44.61 10.74 28.56
C LEU B 366 45.32 9.41 28.83
N ASP B 367 45.67 9.15 30.08
CA ASP B 367 46.36 7.92 30.42
C ASP B 367 45.45 6.69 30.42
N GLY B 368 44.16 6.90 30.19
CA GLY B 368 43.21 5.80 30.14
C GLY B 368 42.97 5.05 31.44
N ASN B 369 43.34 5.63 32.58
CA ASN B 369 43.14 4.95 33.86
C ASN B 369 41.87 5.36 34.60
N SER B 370 41.15 6.34 34.07
CA SER B 370 39.91 6.78 34.68
C SER B 370 39.00 7.33 33.60
N PHE B 371 37.73 7.48 33.91
CA PHE B 371 36.81 8.02 32.92
C PHE B 371 35.60 8.65 33.59
N TYR B 372 34.95 9.52 32.85
CA TYR B 372 33.76 10.20 33.31
C TYR B 372 32.61 9.66 32.49
N LYS B 373 31.47 9.50 33.14
CA LYS B 373 30.30 8.98 32.46
C LYS B 373 29.05 9.55 33.11
N ILE B 374 28.03 9.84 32.30
CA ILE B 374 26.80 10.37 32.84
C ILE B 374 25.93 9.21 33.30
N ILE B 375 25.49 9.26 34.54
CA ILE B 375 24.63 8.22 35.06
C ILE B 375 23.61 8.81 36.03
N SER B 376 22.50 8.09 36.18
CA SER B 376 21.42 8.51 37.06
C SER B 376 21.88 8.35 38.50
N ASN B 377 21.78 9.42 39.30
CA ASN B 377 22.21 9.31 40.69
C ASN B 377 21.13 8.67 41.58
N GLU B 378 21.34 8.68 42.89
CA GLU B 378 20.38 8.09 43.82
C GLU B 378 19.02 8.77 43.77
N GLU B 379 19.00 10.05 43.37
CA GLU B 379 17.75 10.81 43.27
C GLU B 379 17.08 10.66 41.90
N GLY B 380 17.74 9.98 40.98
CA GLY B 380 17.15 9.83 39.66
C GLY B 380 17.59 10.90 38.66
N TYR B 381 18.51 11.80 39.04
CA TYR B 381 18.99 12.83 38.11
C TYR B 381 20.33 12.42 37.52
N ARG B 382 20.46 12.61 36.21
CA ARG B 382 21.65 12.22 35.48
C ARG B 382 22.78 13.23 35.66
N HIS B 383 23.87 12.74 36.26
CA HIS B 383 25.04 13.56 36.54
C HIS B 383 26.35 12.87 36.19
N ILE B 384 27.42 13.65 36.13
CA ILE B 384 28.70 13.08 35.78
C ILE B 384 29.36 12.33 36.92
N CYS B 385 29.68 11.06 36.70
CA CYS B 385 30.34 10.24 37.72
C CYS B 385 31.75 9.94 37.25
N TYR B 386 32.72 10.10 38.16
CA TYR B 386 34.12 9.85 37.87
C TYR B 386 34.50 8.45 38.36
N PHE B 387 35.00 7.64 37.43
CA PHE B 387 35.39 6.25 37.66
C PHE B 387 36.90 5.99 37.53
N GLN B 388 37.40 5.10 38.38
CA GLN B 388 38.79 4.65 38.31
C GLN B 388 38.55 3.34 37.53
N ILE B 389 39.32 3.00 36.50
CA ILE B 389 38.96 1.80 35.75
C ILE B 389 38.90 0.47 36.51
N ASP B 390 39.56 0.37 37.66
CA ASP B 390 39.53 -0.87 38.41
C ASP B 390 38.89 -0.76 39.79
N LYS B 391 37.98 0.20 39.93
CA LYS B 391 37.24 0.41 41.18
C LYS B 391 35.79 0.55 40.75
N LYS B 392 34.91 -0.18 41.41
CA LYS B 392 33.50 -0.18 41.05
C LYS B 392 32.68 1.03 41.48
N ASP B 393 33.00 1.59 42.64
CA ASP B 393 32.26 2.77 43.08
C ASP B 393 32.82 4.01 42.39
N CYS B 394 31.93 4.87 41.90
CA CYS B 394 32.36 6.09 41.24
C CYS B 394 32.02 7.28 42.13
N THR B 395 32.52 8.45 41.76
CA THR B 395 32.28 9.67 42.51
C THR B 395 31.54 10.70 41.64
N PHE B 396 30.35 11.14 42.06
CA PHE B 396 29.63 12.13 41.27
C PHE B 396 30.33 13.46 41.40
N ILE B 397 30.55 14.15 40.30
CA ILE B 397 31.23 15.44 40.39
C ILE B 397 30.28 16.61 40.18
N THR B 398 29.02 16.30 39.88
CA THR B 398 27.97 17.31 39.73
C THR B 398 26.76 16.69 40.41
N LYS B 399 25.81 17.52 40.82
CA LYS B 399 24.59 17.04 41.47
C LYS B 399 23.58 18.18 41.46
N GLY B 400 22.32 17.88 41.76
CA GLY B 400 21.29 18.90 41.78
C GLY B 400 20.01 18.39 41.13
N THR B 401 18.93 19.17 41.23
CA THR B 401 17.67 18.76 40.62
C THR B 401 17.61 19.30 39.18
N TRP B 402 18.53 18.81 38.38
CA TRP B 402 18.65 19.16 36.97
C TRP B 402 19.53 18.06 36.40
N GLU B 403 19.76 18.08 35.09
CA GLU B 403 20.58 17.03 34.53
C GLU B 403 21.64 17.46 33.55
N VAL B 404 22.69 16.65 33.47
CA VAL B 404 23.76 16.86 32.52
C VAL B 404 23.27 16.22 31.21
N ILE B 405 23.31 17.00 30.14
CA ILE B 405 22.89 16.55 28.81
C ILE B 405 23.99 15.76 28.12
N GLY B 406 25.22 16.28 28.20
CA GLY B 406 26.34 15.60 27.59
C GLY B 406 27.69 16.18 27.99
N ILE B 407 28.72 15.36 27.85
CA ILE B 407 30.10 15.75 28.13
C ILE B 407 30.63 16.11 26.74
N GLU B 408 31.15 17.33 26.59
CA GLU B 408 31.63 17.83 25.29
C GLU B 408 33.13 17.80 25.08
N ALA B 409 33.89 17.90 26.16
CA ALA B 409 35.34 17.88 26.03
C ALA B 409 35.97 17.62 27.38
N LEU B 410 37.21 17.12 27.34
CA LEU B 410 37.97 16.79 28.54
C LEU B 410 39.44 17.12 28.30
N THR B 411 40.02 17.97 29.14
CA THR B 411 41.43 18.31 29.03
C THR B 411 42.05 17.84 30.35
N SER B 412 43.36 17.97 30.49
CA SER B 412 44.01 17.55 31.72
C SER B 412 43.52 18.35 32.93
N ASP B 413 42.99 19.54 32.71
CA ASP B 413 42.52 20.37 33.82
C ASP B 413 41.03 20.58 33.95
N TYR B 414 40.31 20.53 32.83
CA TYR B 414 38.87 20.79 32.86
C TYR B 414 37.97 19.83 32.09
N LEU B 415 36.71 19.71 32.54
CA LEU B 415 35.73 18.90 31.83
C LEU B 415 34.60 19.88 31.47
N TYR B 416 34.25 19.93 30.19
CA TYR B 416 33.19 20.84 29.71
C TYR B 416 31.95 20.01 29.42
N TYR B 417 30.78 20.49 29.83
CA TYR B 417 29.54 19.75 29.61
C TYR B 417 28.35 20.69 29.39
N ILE B 418 27.24 20.15 28.87
CA ILE B 418 26.04 20.92 28.61
C ILE B 418 24.99 20.43 29.59
N SER B 419 24.28 21.35 30.24
CA SER B 419 23.24 20.95 31.20
C SER B 419 22.09 21.94 31.15
N ASN B 420 20.99 21.57 31.78
CA ASN B 420 19.83 22.46 31.83
C ASN B 420 19.72 23.05 33.24
N GLU B 421 20.85 23.25 33.91
CA GLU B 421 20.81 23.81 35.25
C GLU B 421 20.33 25.26 35.32
N TYR B 422 20.83 26.10 34.43
CA TYR B 422 20.47 27.50 34.45
C TYR B 422 18.99 27.81 34.65
N LYS B 423 18.72 28.61 35.67
CA LYS B 423 17.38 29.05 36.04
C LYS B 423 16.40 27.91 36.24
N GLY B 424 16.91 26.70 36.40
CA GLY B 424 16.03 25.56 36.61
C GLY B 424 15.08 25.33 35.43
N MET B 425 15.52 25.63 34.22
CA MET B 425 14.71 25.47 33.01
C MET B 425 15.12 24.17 32.31
N PRO B 426 14.31 23.12 32.45
CA PRO B 426 14.68 21.86 31.81
C PRO B 426 14.77 21.95 30.30
N GLY B 427 14.14 22.97 29.74
CA GLY B 427 14.15 23.19 28.32
C GLY B 427 15.27 24.09 27.82
N GLY B 428 16.17 24.53 28.72
CA GLY B 428 17.30 25.36 28.31
C GLY B 428 18.58 24.52 28.29
N ARG B 429 19.62 25.00 27.62
CA ARG B 429 20.88 24.26 27.56
C ARG B 429 22.05 25.23 27.62
N ASN B 430 23.01 24.99 28.51
CA ASN B 430 24.18 25.87 28.60
C ASN B 430 25.45 25.08 28.76
N LEU B 431 26.56 25.70 28.37
CA LEU B 431 27.88 25.10 28.46
C LEU B 431 28.54 25.43 29.79
N TYR B 432 29.11 24.41 30.42
CA TYR B 432 29.78 24.57 31.72
C TYR B 432 31.18 23.98 31.72
N LYS B 433 31.99 24.51 32.61
CA LYS B 433 33.38 24.09 32.78
C LYS B 433 33.60 23.75 34.25
N ILE B 434 34.12 22.57 34.53
CA ILE B 434 34.38 22.22 35.91
C ILE B 434 35.85 21.87 36.07
N GLN B 435 36.47 22.44 37.10
CA GLN B 435 37.88 22.22 37.38
C GLN B 435 38.05 20.82 37.95
N LEU B 436 38.86 20.02 37.29
CA LEU B 436 39.05 18.65 37.74
C LEU B 436 39.73 18.57 39.11
N SER B 437 40.52 19.57 39.47
CA SER B 437 41.20 19.55 40.78
C SER B 437 40.37 20.18 41.91
N ASP B 438 39.25 20.79 41.57
CA ASP B 438 38.38 21.43 42.56
C ASP B 438 36.95 21.48 42.01
N TYR B 439 36.20 20.41 42.28
CA TYR B 439 34.81 20.28 41.81
C TYR B 439 33.88 21.41 42.22
N THR B 440 34.26 22.19 43.24
CA THR B 440 33.40 23.28 43.68
C THR B 440 33.57 24.44 42.71
N LYS B 441 34.55 24.33 41.83
CA LYS B 441 34.78 25.38 40.85
C LYS B 441 34.12 25.02 39.53
N VAL B 442 32.94 25.57 39.32
CA VAL B 442 32.16 25.32 38.11
C VAL B 442 31.78 26.65 37.53
N THR B 443 32.17 26.89 36.29
CA THR B 443 31.88 28.16 35.65
C THR B 443 30.92 27.93 34.47
N CYS B 444 29.89 28.75 34.36
CA CYS B 444 29.01 28.62 33.22
C CYS B 444 29.61 29.52 32.13
N LEU B 445 29.95 28.92 30.99
CA LEU B 445 30.57 29.69 29.91
C LEU B 445 29.61 30.40 28.93
N SER B 446 28.32 30.06 28.99
CA SER B 446 27.37 30.63 28.04
C SER B 446 26.15 31.33 28.62
N CYS B 447 25.81 31.02 29.87
CA CYS B 447 24.62 31.53 30.54
C CYS B 447 24.33 33.01 30.39
N GLU B 448 25.35 33.82 30.67
CA GLU B 448 25.23 35.26 30.69
C GLU B 448 25.67 35.99 29.41
N LEU B 449 26.04 35.25 28.37
CA LEU B 449 26.48 35.93 27.16
C LEU B 449 25.41 36.87 26.61
N ASN B 450 24.19 36.37 26.47
CA ASN B 450 23.06 37.17 25.99
C ASN B 450 21.86 36.39 26.48
N PRO B 451 21.59 36.48 27.79
CA PRO B 451 20.47 35.77 28.41
C PRO B 451 19.09 35.92 27.79
N GLU B 452 18.78 37.08 27.22
CA GLU B 452 17.45 37.27 26.64
C GLU B 452 17.33 36.57 25.32
N ARG B 453 18.38 36.64 24.53
CA ARG B 453 18.38 36.03 23.21
C ARG B 453 18.82 34.58 23.17
N CYS B 454 19.71 34.19 24.08
CA CYS B 454 20.26 32.84 24.06
C CYS B 454 20.14 32.00 25.32
N GLN B 455 19.39 30.91 25.22
CA GLN B 455 19.20 30.01 26.34
C GLN B 455 19.33 28.54 25.92
N TYR B 456 19.68 28.30 24.65
CA TYR B 456 19.81 26.92 24.16
C TYR B 456 21.07 26.85 23.31
N TYR B 457 22.11 26.31 23.93
CA TYR B 457 23.43 26.22 23.31
C TYR B 457 23.91 24.80 23.04
N SER B 458 24.77 24.67 22.03
CA SER B 458 25.44 23.41 21.72
C SER B 458 26.83 23.96 21.41
N VAL B 459 27.85 23.11 21.42
CA VAL B 459 29.20 23.60 21.22
C VAL B 459 30.05 22.71 20.32
N SER B 460 31.12 23.28 19.78
CA SER B 460 32.06 22.56 18.91
C SER B 460 33.51 22.96 19.23
N PHE B 461 34.25 22.08 19.89
CA PHE B 461 35.65 22.34 20.26
C PHE B 461 36.63 21.98 19.15
N SER B 462 37.76 22.69 19.12
CA SER B 462 38.79 22.42 18.12
C SER B 462 39.43 21.10 18.49
N LYS B 463 40.40 20.63 17.72
CA LYS B 463 41.02 19.34 18.00
C LYS B 463 41.50 19.09 19.42
N GLU B 464 42.27 20.01 19.99
CA GLU B 464 42.72 19.83 21.38
C GLU B 464 41.96 20.78 22.31
N ALA B 465 40.74 21.14 21.91
CA ALA B 465 39.90 22.01 22.73
C ALA B 465 40.52 23.39 23.00
N LYS B 466 41.40 23.84 22.11
CA LYS B 466 42.02 25.15 22.28
C LYS B 466 41.00 26.28 21.98
N TYR B 467 40.01 25.98 21.13
CA TYR B 467 38.99 26.96 20.77
C TYR B 467 37.64 26.26 20.73
N TYR B 468 36.57 27.03 20.86
CA TYR B 468 35.25 26.45 20.73
C TYR B 468 34.25 27.43 20.13
N GLN B 469 33.38 26.88 19.28
CA GLN B 469 32.32 27.64 18.62
C GLN B 469 31.03 27.39 19.40
N LEU B 470 30.39 28.47 19.83
CA LEU B 470 29.15 28.32 20.56
C LEU B 470 28.01 28.51 19.57
N ARG B 471 27.00 27.66 19.71
CA ARG B 471 25.84 27.70 18.83
C ARG B 471 24.59 27.93 19.62
N CYS B 472 24.09 29.15 19.53
CA CYS B 472 22.86 29.56 20.21
C CYS B 472 21.70 29.32 19.23
N SER B 473 20.71 28.54 19.64
CA SER B 473 19.59 28.28 18.75
C SER B 473 18.25 28.84 19.22
N GLY B 474 18.27 29.64 20.29
CA GLY B 474 17.03 30.21 20.81
C GLY B 474 17.17 30.81 22.19
N PRO B 475 16.13 31.51 22.72
CA PRO B 475 14.84 31.77 22.08
C PRO B 475 14.83 32.78 20.94
N GLY B 476 15.89 33.58 20.83
CA GLY B 476 15.98 34.55 19.77
C GLY B 476 16.57 33.90 18.53
N LEU B 477 16.91 34.70 17.53
CA LEU B 477 17.50 34.17 16.30
C LEU B 477 18.84 33.51 16.60
N PRO B 478 19.14 32.39 15.92
CA PRO B 478 20.41 31.73 16.18
C PRO B 478 21.60 32.67 16.07
N LEU B 479 22.58 32.45 16.94
CA LEU B 479 23.79 33.26 16.99
C LEU B 479 24.99 32.32 17.13
N TYR B 480 25.97 32.48 16.24
CA TYR B 480 27.16 31.63 16.28
C TYR B 480 28.37 32.45 16.65
N THR B 481 29.10 32.00 17.66
CA THR B 481 30.28 32.74 18.12
C THR B 481 31.49 31.84 18.33
N LEU B 482 32.69 32.42 18.23
CA LEU B 482 33.93 31.67 18.41
C LEU B 482 34.62 32.17 19.69
N HIS B 483 35.20 31.24 20.43
CA HIS B 483 35.83 31.58 21.70
C HIS B 483 37.17 30.88 21.89
N SER B 484 38.01 31.51 22.70
CA SER B 484 39.34 30.98 23.01
C SER B 484 39.27 30.28 24.36
N SER B 485 39.67 29.00 24.42
CA SER B 485 39.62 28.25 25.67
C SER B 485 40.65 28.69 26.76
N VAL B 486 41.78 29.25 26.33
CA VAL B 486 42.80 29.66 27.27
C VAL B 486 42.33 30.71 28.27
N ASN B 487 41.42 31.58 27.85
CA ASN B 487 40.90 32.64 28.72
C ASN B 487 39.37 32.80 28.65
N ASP B 488 38.70 31.88 27.96
CA ASP B 488 37.25 31.94 27.79
C ASP B 488 36.75 33.30 27.26
N LYS B 489 37.55 33.93 26.41
CA LYS B 489 37.17 35.22 25.83
C LYS B 489 36.57 35.03 24.44
N GLY B 490 35.58 35.85 24.11
CA GLY B 490 34.95 35.78 22.81
C GLY B 490 35.90 36.34 21.78
N LEU B 491 36.08 35.67 20.66
CA LEU B 491 37.00 36.15 19.63
C LEU B 491 36.23 36.97 18.61
N ARG B 492 34.99 36.57 18.35
CA ARG B 492 34.14 37.29 17.41
C ARG B 492 32.87 36.53 17.07
N VAL B 493 31.98 37.25 16.40
CA VAL B 493 30.71 36.73 15.96
C VAL B 493 30.94 36.11 14.59
N LEU B 494 30.37 34.94 14.37
CA LEU B 494 30.55 34.26 13.10
C LEU B 494 29.33 34.46 12.21
N GLU B 495 28.16 34.50 12.84
CA GLU B 495 26.91 34.69 12.12
C GLU B 495 25.86 35.08 13.14
N ASP B 496 25.24 36.23 12.92
CA ASP B 496 24.22 36.73 13.84
C ASP B 496 22.82 36.77 13.25
N ASN B 497 22.68 36.37 11.99
CA ASN B 497 21.37 36.36 11.36
C ASN B 497 20.72 37.73 11.26
N SER B 498 21.54 38.75 11.08
CA SER B 498 21.04 40.11 10.96
C SER B 498 20.16 40.22 9.71
N ALA B 499 20.54 39.54 8.63
CA ALA B 499 19.75 39.58 7.40
C ALA B 499 18.33 39.13 7.66
N LEU B 500 18.16 37.99 8.33
CA LEU B 500 16.83 37.48 8.65
C LEU B 500 16.09 38.40 9.62
N ASP B 501 16.80 38.93 10.62
CA ASP B 501 16.17 39.81 11.58
C ASP B 501 15.56 41.02 10.86
N LYS B 502 16.25 41.51 9.84
CA LYS B 502 15.78 42.64 9.09
C LYS B 502 14.48 42.27 8.37
N MET B 503 14.46 41.11 7.74
CA MET B 503 13.27 40.66 7.02
C MET B 503 12.04 40.46 7.90
N LEU B 504 12.24 39.82 9.06
CA LEU B 504 11.15 39.56 9.99
C LEU B 504 10.50 40.80 10.60
N GLN B 505 11.17 41.94 10.42
CA GLN B 505 10.68 43.22 10.92
C GLN B 505 9.33 43.54 10.25
N ASN B 506 9.23 43.22 8.97
CA ASN B 506 8.02 43.52 8.20
C ASN B 506 6.98 42.42 8.26
N VAL B 507 7.13 41.52 9.23
CA VAL B 507 6.21 40.40 9.36
C VAL B 507 5.61 40.28 10.75
N GLN B 508 4.32 40.01 10.79
CA GLN B 508 3.63 39.85 12.06
C GLN B 508 3.93 38.47 12.63
N MET B 509 5.10 38.32 13.24
CA MET B 509 5.50 37.06 13.81
C MET B 509 4.75 36.73 15.10
N PRO B 510 4.53 35.44 15.36
CA PRO B 510 3.84 35.01 16.57
C PRO B 510 4.82 35.08 17.73
N SER B 511 4.34 35.03 18.96
CA SER B 511 5.22 35.05 20.10
C SER B 511 5.20 33.66 20.71
N LYS B 512 6.22 33.35 21.52
CA LYS B 512 6.28 32.04 22.15
C LYS B 512 6.37 32.16 23.66
N LYS B 513 5.59 31.36 24.36
CA LYS B 513 5.61 31.36 25.81
C LYS B 513 6.04 30.00 26.30
N LEU B 514 6.97 29.99 27.26
CA LEU B 514 7.47 28.76 27.86
C LEU B 514 7.21 28.95 29.36
N ASP B 515 6.45 28.03 29.96
CA ASP B 515 6.10 28.14 31.37
C ASP B 515 5.70 26.75 31.87
N PHE B 516 5.17 26.66 33.09
CA PHE B 516 4.79 25.38 33.64
C PHE B 516 3.52 25.46 34.46
N ILE B 517 2.95 24.29 34.73
CA ILE B 517 1.77 24.17 35.57
C ILE B 517 2.16 23.12 36.60
N ILE B 518 1.55 23.19 37.78
CA ILE B 518 1.86 22.25 38.84
C ILE B 518 0.77 21.20 38.94
N LEU B 519 1.14 19.94 38.79
CA LEU B 519 0.20 18.83 38.89
C LEU B 519 0.79 17.85 39.91
N ASN B 520 0.03 17.55 40.96
CA ASN B 520 0.52 16.65 41.99
C ASN B 520 1.80 17.19 42.61
N GLU B 521 1.86 18.51 42.75
CA GLU B 521 3.02 19.16 43.35
C GLU B 521 4.35 18.98 42.61
N THR B 522 4.25 18.75 41.30
CA THR B 522 5.45 18.61 40.48
C THR B 522 5.21 19.46 39.23
N LYS B 523 6.25 20.16 38.78
CA LYS B 523 6.14 21.03 37.62
C LYS B 523 6.19 20.28 36.30
N PHE B 524 5.31 20.67 35.39
CA PHE B 524 5.25 20.09 34.06
C PHE B 524 5.24 21.26 33.09
N TRP B 525 6.30 21.35 32.30
CA TRP B 525 6.46 22.45 31.34
C TRP B 525 5.65 22.38 30.04
N TYR B 526 5.34 23.54 29.48
CA TYR B 526 4.60 23.62 28.24
C TYR B 526 5.02 24.88 27.53
N GLN B 527 4.72 24.95 26.23
CA GLN B 527 5.04 26.13 25.46
C GLN B 527 3.81 26.41 24.61
N MET B 528 3.62 27.65 24.22
CA MET B 528 2.48 28.05 23.38
C MET B 528 2.98 29.01 22.32
N ILE B 529 2.64 28.75 21.06
CA ILE B 529 3.01 29.65 19.98
C ILE B 529 1.75 30.52 19.89
N LEU B 530 1.89 31.77 20.31
CA LEU B 530 0.77 32.73 20.34
C LEU B 530 0.66 33.63 19.12
N PRO B 531 -0.55 33.80 18.61
CA PRO B 531 -0.76 34.67 17.44
C PRO B 531 -0.29 36.10 17.72
N PRO B 532 0.03 36.87 16.67
CA PRO B 532 0.48 38.24 16.87
C PRO B 532 -0.61 39.02 17.62
N HIS B 533 -0.23 40.08 18.33
CA HIS B 533 -1.21 40.90 19.04
C HIS B 533 -2.16 40.04 19.85
N PHE B 534 -1.62 39.00 20.47
CA PHE B 534 -2.43 38.10 21.29
C PHE B 534 -3.25 38.88 22.32
N ASP B 535 -4.50 38.45 22.53
CA ASP B 535 -5.35 39.11 23.52
C ASP B 535 -6.02 38.09 24.45
N LYS B 536 -5.56 38.04 25.70
CA LYS B 536 -6.08 37.07 26.66
C LYS B 536 -7.57 37.24 26.95
N SER B 537 -8.19 38.25 26.35
CA SER B 537 -9.62 38.49 26.55
C SER B 537 -10.44 37.83 25.46
N LYS B 538 -9.77 37.19 24.50
CA LYS B 538 -10.48 36.50 23.42
C LYS B 538 -10.37 34.99 23.56
N LYS B 539 -11.21 34.28 22.80
CA LYS B 539 -11.20 32.83 22.81
C LYS B 539 -10.56 32.37 21.50
N TYR B 540 -9.38 31.78 21.59
CA TYR B 540 -8.68 31.31 20.40
C TYR B 540 -8.79 29.81 20.19
N PRO B 541 -8.87 29.36 18.93
CA PRO B 541 -8.95 27.90 18.79
C PRO B 541 -7.54 27.39 19.15
N LEU B 542 -7.46 26.19 19.71
CA LEU B 542 -6.16 25.64 20.11
C LEU B 542 -5.78 24.31 19.44
N LEU B 543 -4.52 24.21 19.00
CA LEU B 543 -3.98 23.00 18.39
C LEU B 543 -2.88 22.43 19.29
N LEU B 544 -3.11 21.24 19.82
CA LEU B 544 -2.11 20.61 20.67
C LEU B 544 -1.15 19.84 19.77
N ASP B 545 0.10 20.29 19.73
CA ASP B 545 1.16 19.67 18.93
C ASP B 545 1.82 18.67 19.90
N VAL B 546 1.66 17.39 19.62
CA VAL B 546 2.21 16.40 20.52
C VAL B 546 3.17 15.37 19.95
N TYR B 547 4.09 14.92 20.80
CA TYR B 547 5.03 13.86 20.46
C TYR B 547 4.92 12.93 21.65
N ALA B 548 5.49 13.35 22.78
CA ALA B 548 5.37 12.62 24.03
C ALA B 548 5.93 11.20 24.20
N GLY B 549 6.91 10.82 23.40
CA GLY B 549 7.50 9.51 23.58
C GLY B 549 8.45 9.57 24.77
N PRO B 550 9.03 8.44 25.19
CA PRO B 550 9.95 8.43 26.34
C PRO B 550 11.20 9.30 26.19
N CYS B 551 11.44 10.15 27.20
CA CYS B 551 12.56 11.08 27.22
C CYS B 551 12.42 12.17 26.18
N SER B 552 11.20 12.44 25.73
CA SER B 552 10.98 13.50 24.76
C SER B 552 10.91 14.87 25.47
N GLN B 553 11.01 15.93 24.69
CA GLN B 553 10.90 17.29 25.20
C GLN B 553 10.34 18.15 24.10
N LYS B 554 9.10 18.59 24.26
CA LYS B 554 8.47 19.45 23.27
C LYS B 554 8.36 20.90 23.77
N ALA B 555 8.75 21.13 25.02
CA ALA B 555 8.70 22.50 25.56
C ALA B 555 10.14 22.94 25.77
N ASP B 556 10.60 23.86 24.94
CA ASP B 556 11.96 24.35 25.04
C ASP B 556 12.11 25.80 24.58
N THR B 557 13.36 26.27 24.60
CA THR B 557 13.67 27.64 24.24
C THR B 557 14.27 27.76 22.84
N VAL B 558 14.02 26.77 21.98
CA VAL B 558 14.58 26.83 20.63
C VAL B 558 13.71 27.70 19.73
N PHE B 559 14.36 28.46 18.85
CA PHE B 559 13.63 29.32 17.90
C PHE B 559 13.31 28.52 16.64
N ARG B 560 12.03 28.44 16.30
CA ARG B 560 11.67 27.70 15.10
C ARG B 560 10.75 28.46 14.15
N LEU B 561 10.97 28.24 12.85
CA LEU B 561 10.13 28.80 11.80
C LEU B 561 9.49 27.55 11.19
N ASN B 562 8.26 27.24 11.59
CA ASN B 562 7.64 26.02 11.07
C ASN B 562 6.16 26.17 10.79
N TRP B 563 5.46 25.03 10.68
CA TRP B 563 4.04 25.04 10.39
C TRP B 563 3.27 25.79 11.48
N ALA B 564 3.65 25.58 12.73
CA ALA B 564 2.99 26.25 13.84
C ALA B 564 3.12 27.77 13.70
N THR B 565 4.23 28.25 13.14
CA THR B 565 4.43 29.69 12.98
C THR B 565 3.35 30.27 12.08
N TYR B 566 3.12 29.62 10.95
CA TYR B 566 2.09 30.02 10.01
C TYR B 566 0.71 29.93 10.67
N LEU B 567 0.42 28.80 11.32
CA LEU B 567 -0.89 28.63 11.96
C LEU B 567 -1.19 29.73 12.96
N ALA B 568 -0.20 30.14 13.74
CA ALA B 568 -0.42 31.21 14.72
C ALA B 568 -0.44 32.58 14.04
N SER B 569 0.56 32.86 13.23
CA SER B 569 0.66 34.14 12.55
C SER B 569 -0.46 34.49 11.57
N THR B 570 -0.75 33.57 10.65
CA THR B 570 -1.78 33.79 9.65
C THR B 570 -3.18 33.37 10.09
N GLU B 571 -3.32 32.17 10.65
CA GLU B 571 -4.62 31.66 11.06
C GLU B 571 -5.05 31.99 12.48
N ASN B 572 -4.21 32.72 13.21
CA ASN B 572 -4.55 33.08 14.59
C ASN B 572 -4.91 31.88 15.46
N ILE B 573 -4.15 30.80 15.28
CA ILE B 573 -4.37 29.58 16.06
C ILE B 573 -3.28 29.45 17.12
N ILE B 574 -3.67 29.08 18.34
CA ILE B 574 -2.67 28.86 19.37
C ILE B 574 -2.15 27.41 19.25
N VAL B 575 -0.84 27.25 19.03
CA VAL B 575 -0.27 25.90 18.93
C VAL B 575 0.53 25.60 20.20
N ALA B 576 0.03 24.64 20.98
CA ALA B 576 0.67 24.29 22.24
C ALA B 576 1.30 22.90 22.32
N SER B 577 2.26 22.74 23.23
CA SER B 577 2.91 21.45 23.45
C SER B 577 3.12 21.29 24.96
N PHE B 578 3.06 20.05 25.43
CA PHE B 578 3.18 19.78 26.85
C PHE B 578 4.05 18.55 27.12
N ASP B 579 4.95 18.64 28.11
CA ASP B 579 5.82 17.53 28.49
C ASP B 579 5.33 16.92 29.82
N GLY B 580 4.59 15.82 29.75
CA GLY B 580 4.08 15.20 30.96
C GLY B 580 4.89 13.98 31.38
N ARG B 581 4.26 13.05 32.08
CA ARG B 581 4.99 11.88 32.53
C ARG B 581 5.62 11.17 31.35
N GLY B 582 6.85 10.70 31.53
CA GLY B 582 7.58 10.04 30.46
C GLY B 582 8.58 10.98 29.77
N SER B 583 8.37 12.30 29.85
CA SER B 583 9.28 13.24 29.19
C SER B 583 10.67 13.25 29.87
N GLY B 584 11.69 13.71 29.16
CA GLY B 584 13.05 13.66 29.69
C GLY B 584 13.73 14.90 30.24
N TYR B 585 14.97 14.69 30.69
CA TYR B 585 15.81 15.76 31.21
C TYR B 585 15.28 16.39 32.51
N GLN B 586 14.45 15.65 33.20
CA GLN B 586 13.86 16.12 34.45
C GLN B 586 13.91 15.07 35.55
N GLY B 587 14.79 14.09 35.43
CA GLY B 587 14.87 13.05 36.44
C GLY B 587 14.08 11.81 36.06
N ASP B 588 14.47 10.68 36.64
CA ASP B 588 13.83 9.41 36.39
C ASP B 588 12.39 9.30 36.93
N LYS B 589 12.08 10.05 37.97
CA LYS B 589 10.75 10.01 38.55
C LYS B 589 9.71 10.27 37.44
N ILE B 590 9.98 11.29 36.62
CA ILE B 590 9.11 11.63 35.52
C ILE B 590 9.37 10.73 34.30
N MET B 591 10.63 10.54 33.93
CA MET B 591 10.92 9.72 32.76
C MET B 591 10.46 8.28 32.84
N HIS B 592 10.77 7.60 33.94
CA HIS B 592 10.36 6.21 34.10
C HIS B 592 8.91 6.03 34.55
N ALA B 593 8.13 7.11 34.61
CA ALA B 593 6.73 6.98 35.05
C ALA B 593 5.93 6.07 34.11
N ILE B 594 6.34 5.97 32.85
CA ILE B 594 5.63 5.12 31.91
C ILE B 594 6.31 3.79 31.66
N ASN B 595 7.27 3.43 32.50
CA ASN B 595 7.96 2.14 32.34
C ASN B 595 6.96 1.00 32.23
N ARG B 596 7.09 0.20 31.18
CA ARG B 596 6.21 -0.94 30.89
C ARG B 596 4.75 -0.51 30.69
N ARG B 597 4.52 0.78 30.57
CA ARG B 597 3.16 1.33 30.43
C ARG B 597 2.95 2.37 29.35
N LEU B 598 3.47 2.13 28.15
CA LEU B 598 3.29 3.10 27.06
C LEU B 598 1.80 3.15 26.74
N GLY B 599 1.34 4.31 26.31
CA GLY B 599 -0.06 4.45 25.98
C GLY B 599 -0.94 4.76 27.18
N THR B 600 -0.34 5.16 28.30
CA THR B 600 -1.17 5.50 29.46
C THR B 600 -0.98 6.92 29.96
N PHE B 601 -0.06 7.10 30.91
CA PHE B 601 0.15 8.41 31.50
C PHE B 601 0.53 9.52 30.51
N GLU B 602 1.33 9.20 29.51
CA GLU B 602 1.71 10.22 28.57
C GLU B 602 0.54 10.60 27.70
N VAL B 603 -0.46 9.72 27.62
CA VAL B 603 -1.65 10.04 26.83
C VAL B 603 -2.60 10.88 27.70
N GLU B 604 -2.84 10.42 28.92
CA GLU B 604 -3.73 11.16 29.83
C GLU B 604 -3.18 12.56 30.15
N ASP B 605 -1.89 12.69 30.41
CA ASP B 605 -1.36 14.03 30.73
C ASP B 605 -1.58 15.02 29.59
N GLN B 606 -1.55 14.52 28.37
CA GLN B 606 -1.77 15.34 27.18
C GLN B 606 -3.24 15.82 27.20
N ILE B 607 -4.17 14.94 27.56
CA ILE B 607 -5.59 15.32 27.64
C ILE B 607 -5.76 16.32 28.79
N GLU B 608 -5.14 16.02 29.92
CA GLU B 608 -5.20 16.88 31.08
C GLU B 608 -4.60 18.25 30.77
N ALA B 609 -3.59 18.28 29.90
CA ALA B 609 -2.97 19.57 29.52
C ALA B 609 -3.96 20.44 28.76
N ALA B 610 -4.76 19.82 27.88
CA ALA B 610 -5.75 20.57 27.12
C ALA B 610 -6.78 21.18 28.08
N ARG B 611 -7.21 20.41 29.07
CA ARG B 611 -8.17 20.91 30.06
C ARG B 611 -7.59 22.13 30.75
N GLN B 612 -6.39 21.97 31.30
CA GLN B 612 -5.68 23.05 31.97
C GLN B 612 -5.62 24.28 31.07
N PHE B 613 -5.36 24.07 29.78
CA PHE B 613 -5.28 25.20 28.86
C PHE B 613 -6.67 25.81 28.70
N SER B 614 -7.70 24.99 28.75
CA SER B 614 -9.07 25.50 28.63
C SER B 614 -9.32 26.49 29.78
N LYS B 615 -8.97 26.07 30.99
CA LYS B 615 -9.15 26.91 32.16
C LYS B 615 -8.35 28.21 32.12
N MET B 616 -7.45 28.36 31.14
CA MET B 616 -6.67 29.60 31.09
C MET B 616 -7.49 30.80 30.62
N GLY B 617 -8.68 30.51 30.08
CA GLY B 617 -9.59 31.57 29.66
C GLY B 617 -9.52 32.16 28.26
N PHE B 618 -8.42 31.94 27.56
CA PHE B 618 -8.29 32.47 26.20
C PHE B 618 -8.39 31.37 25.13
N VAL B 619 -9.03 30.27 25.50
CA VAL B 619 -9.18 29.16 24.57
C VAL B 619 -10.64 28.84 24.36
N ASP B 620 -10.99 28.58 23.11
CA ASP B 620 -12.35 28.23 22.69
C ASP B 620 -12.50 26.72 22.85
N ASN B 621 -13.17 26.29 23.91
CA ASN B 621 -13.35 24.86 24.15
C ASN B 621 -14.04 24.08 23.03
N LYS B 622 -14.65 24.80 22.08
CA LYS B 622 -15.35 24.13 20.98
C LYS B 622 -14.37 23.85 19.85
N ARG B 623 -13.22 24.51 19.89
CA ARG B 623 -12.25 24.32 18.84
C ARG B 623 -10.87 23.92 19.34
N ILE B 624 -10.77 22.72 19.91
CA ILE B 624 -9.51 22.20 20.38
C ILE B 624 -9.14 20.97 19.55
N ALA B 625 -8.00 21.06 18.87
CA ALA B 625 -7.52 19.98 18.01
C ALA B 625 -6.20 19.42 18.54
N ILE B 626 -5.82 18.28 18.00
CA ILE B 626 -4.57 17.64 18.40
C ILE B 626 -3.95 16.97 17.16
N TRP B 627 -2.62 16.98 17.09
CA TRP B 627 -1.92 16.36 15.98
C TRP B 627 -0.50 16.01 16.39
N GLY B 628 0.09 14.97 15.75
CA GLY B 628 1.44 14.49 16.07
C GLY B 628 1.96 13.48 15.03
N TRP B 629 3.24 13.31 15.03
CA TRP B 629 3.90 12.45 14.08
C TRP B 629 4.64 11.34 14.80
N SER B 630 4.65 10.13 14.27
CA SER B 630 5.41 9.06 14.92
C SER B 630 4.81 8.69 16.27
N TYR B 631 5.60 8.80 17.32
CA TYR B 631 5.06 8.51 18.64
C TYR B 631 3.92 9.50 18.84
N GLY B 632 4.09 10.68 18.25
CA GLY B 632 3.08 11.72 18.28
C GLY B 632 1.75 11.27 17.64
N GLY B 633 1.81 10.59 16.49
CA GLY B 633 0.63 10.09 15.79
C GLY B 633 -0.07 9.07 16.68
N TYR B 634 0.71 8.25 17.38
CA TYR B 634 0.17 7.27 18.29
C TYR B 634 -0.60 7.96 19.42
N VAL B 635 0.06 8.90 20.09
CA VAL B 635 -0.58 9.61 21.21
C VAL B 635 -1.84 10.31 20.76
N THR B 636 -1.76 10.99 19.62
CA THR B 636 -2.91 11.68 19.03
C THR B 636 -4.08 10.72 18.87
N SER B 637 -3.79 9.57 18.24
CA SER B 637 -4.80 8.55 17.99
C SER B 637 -5.34 7.99 19.31
N MET B 638 -4.46 7.74 20.28
CA MET B 638 -4.92 7.24 21.55
C MET B 638 -5.85 8.27 22.24
N VAL B 639 -5.49 9.54 22.13
CA VAL B 639 -6.29 10.61 22.71
C VAL B 639 -7.63 10.74 21.97
N LEU B 640 -7.61 10.77 20.65
CA LEU B 640 -8.85 10.88 19.90
C LEU B 640 -9.75 9.68 20.16
N GLY B 641 -9.17 8.56 20.57
CA GLY B 641 -9.99 7.39 20.83
C GLY B 641 -10.30 7.17 22.31
N SER B 642 -9.93 8.11 23.16
CA SER B 642 -10.17 7.95 24.60
C SER B 642 -11.59 8.27 25.05
N GLY B 643 -12.37 8.96 24.23
CA GLY B 643 -13.71 9.32 24.61
C GLY B 643 -13.75 10.48 25.62
N SER B 644 -12.69 11.28 25.68
CA SER B 644 -12.61 12.39 26.63
C SER B 644 -13.55 13.55 26.30
N GLY B 645 -13.96 13.67 25.04
CA GLY B 645 -14.83 14.74 24.63
C GLY B 645 -14.10 16.08 24.53
N VAL B 646 -12.82 16.12 24.88
CA VAL B 646 -12.09 17.39 24.84
C VAL B 646 -11.72 17.91 23.45
N PHE B 647 -11.35 17.01 22.56
CA PHE B 647 -10.92 17.43 21.23
C PHE B 647 -11.98 17.27 20.15
N LYS B 648 -12.00 18.21 19.20
CA LYS B 648 -12.94 18.16 18.10
C LYS B 648 -12.41 17.30 16.93
N CYS B 649 -11.12 17.46 16.61
CA CYS B 649 -10.52 16.72 15.51
C CYS B 649 -9.02 16.51 15.75
N GLY B 650 -8.39 15.69 14.91
CA GLY B 650 -6.97 15.44 15.07
C GLY B 650 -6.35 14.79 13.85
N ILE B 651 -5.04 14.96 13.71
CA ILE B 651 -4.28 14.41 12.60
C ILE B 651 -3.14 13.51 13.09
N ALA B 652 -3.12 12.26 12.62
CA ALA B 652 -2.05 11.35 12.98
C ALA B 652 -1.22 11.06 11.74
N VAL B 653 0.08 11.37 11.80
CA VAL B 653 0.96 11.12 10.66
C VAL B 653 1.94 10.01 11.02
N ALA B 654 1.96 8.96 10.18
CA ALA B 654 2.84 7.80 10.38
C ALA B 654 2.83 7.33 11.83
N PRO B 655 1.64 7.02 12.35
CA PRO B 655 1.56 6.57 13.74
C PRO B 655 1.88 5.12 14.00
N VAL B 656 2.23 4.84 15.25
CA VAL B 656 2.44 3.48 15.70
C VAL B 656 0.98 3.17 16.12
N SER B 657 0.51 1.96 15.90
CA SER B 657 -0.86 1.63 16.30
C SER B 657 -0.89 0.48 17.30
N ARG B 658 0.14 -0.36 17.30
CA ARG B 658 0.25 -1.45 18.27
C ARG B 658 1.72 -1.76 18.41
N TRP B 659 2.17 -1.85 19.65
CA TRP B 659 3.59 -2.05 19.93
C TRP B 659 4.23 -3.29 19.33
N GLU B 660 3.45 -4.35 19.13
CA GLU B 660 4.00 -5.54 18.52
C GLU B 660 4.42 -5.32 17.07
N TYR B 661 4.05 -4.20 16.44
CA TYR B 661 4.47 -3.94 15.06
C TYR B 661 5.78 -3.13 15.00
N TYR B 662 6.21 -2.58 16.14
CA TYR B 662 7.42 -1.78 16.13
C TYR B 662 8.64 -2.64 16.45
N ASP B 663 9.85 -2.12 16.24
CA ASP B 663 11.03 -2.95 16.50
C ASP B 663 11.35 -3.32 17.96
N SER B 664 12.06 -4.43 18.10
CA SER B 664 12.45 -4.98 19.40
C SER B 664 13.26 -4.08 20.33
N VAL B 665 14.38 -3.55 19.85
CA VAL B 665 15.24 -2.71 20.68
C VAL B 665 14.53 -1.52 21.35
N TYR B 666 13.82 -0.74 20.56
CA TYR B 666 13.10 0.40 21.10
C TYR B 666 11.90 -0.04 21.92
N THR B 667 11.01 -0.80 21.32
CA THR B 667 9.79 -1.24 22.01
C THR B 667 10.04 -1.99 23.32
N GLU B 668 10.86 -3.03 23.28
CA GLU B 668 11.12 -3.82 24.49
C GLU B 668 11.80 -3.03 25.60
N ARG B 669 12.49 -1.95 25.23
CA ARG B 669 13.16 -1.16 26.24
C ARG B 669 12.15 -0.58 27.21
N TYR B 670 10.99 -0.20 26.69
CA TYR B 670 9.99 0.42 27.52
C TYR B 670 8.83 -0.50 27.89
N MET B 671 8.61 -1.53 27.07
CA MET B 671 7.49 -2.44 27.26
C MET B 671 7.83 -3.85 27.67
N GLY B 672 9.11 -4.18 27.69
CA GLY B 672 9.48 -5.54 28.03
C GLY B 672 9.00 -6.47 26.91
N LEU B 673 8.89 -7.76 27.19
CA LEU B 673 8.47 -8.72 26.17
C LEU B 673 6.98 -8.96 26.06
N PRO B 674 6.47 -9.13 24.82
CA PRO B 674 5.05 -9.38 24.61
C PRO B 674 4.63 -10.84 24.85
N THR B 675 4.92 -11.36 26.03
CA THR B 675 4.55 -12.74 26.35
C THR B 675 3.71 -12.74 27.63
N PRO B 676 2.89 -13.79 27.84
CA PRO B 676 2.05 -13.84 29.05
C PRO B 676 2.85 -13.75 30.35
N GLU B 677 4.05 -14.32 30.36
CA GLU B 677 4.90 -14.28 31.56
C GLU B 677 5.53 -12.91 31.77
N ASP B 678 5.40 -12.00 30.81
CA ASP B 678 6.00 -10.69 31.00
C ASP B 678 4.97 -9.56 30.89
N ASN B 679 4.84 -8.92 29.73
CA ASN B 679 3.91 -7.80 29.62
C ASN B 679 2.91 -7.86 28.47
N LEU B 680 2.59 -9.06 27.99
CA LEU B 680 1.66 -9.19 26.87
C LEU B 680 0.33 -8.48 27.08
N ASP B 681 -0.26 -8.61 28.27
CA ASP B 681 -1.53 -7.96 28.50
C ASP B 681 -1.49 -6.45 28.24
N HIS B 682 -0.43 -5.77 28.64
CA HIS B 682 -0.41 -4.34 28.37
C HIS B 682 -0.15 -4.07 26.89
N TYR B 683 0.61 -4.95 26.26
CA TYR B 683 0.88 -4.84 24.83
C TYR B 683 -0.46 -4.85 24.11
N ARG B 684 -1.32 -5.79 24.49
CA ARG B 684 -2.62 -5.93 23.84
C ARG B 684 -3.64 -4.87 24.27
N ASN B 685 -3.35 -4.18 25.37
CA ASN B 685 -4.23 -3.18 25.92
C ASN B 685 -3.96 -1.75 25.48
N SER B 686 -2.79 -1.53 24.88
CA SER B 686 -2.41 -0.18 24.48
C SER B 686 -2.46 0.06 22.99
N THR B 687 -3.27 -0.69 22.27
CA THR B 687 -3.37 -0.50 20.82
C THR B 687 -4.39 0.57 20.47
N VAL B 688 -4.19 1.21 19.33
CA VAL B 688 -5.12 2.23 18.84
C VAL B 688 -6.41 1.56 18.37
N MET B 689 -6.28 0.40 17.72
CA MET B 689 -7.42 -0.33 17.16
C MET B 689 -8.53 -0.65 18.16
N SER B 690 -8.18 -0.93 19.43
CA SER B 690 -9.21 -1.26 20.41
C SER B 690 -10.09 -0.06 20.81
N ARG B 691 -9.73 1.14 20.36
CA ARG B 691 -10.52 2.33 20.69
C ARG B 691 -11.28 2.86 19.49
N ALA B 692 -11.30 2.07 18.43
CA ALA B 692 -11.97 2.46 17.17
C ALA B 692 -13.37 3.05 17.34
N GLU B 693 -14.17 2.42 18.19
CA GLU B 693 -15.53 2.85 18.44
C GLU B 693 -15.61 4.30 18.91
N ASN B 694 -14.67 4.73 19.73
CA ASN B 694 -14.71 6.12 20.22
C ASN B 694 -14.46 7.17 19.17
N PHE B 695 -13.87 6.78 18.04
CA PHE B 695 -13.58 7.73 16.96
C PHE B 695 -14.86 8.28 16.30
N LYS B 696 -16.01 7.76 16.70
CA LYS B 696 -17.25 8.29 16.14
C LYS B 696 -17.47 9.71 16.66
N GLN B 697 -16.87 10.02 17.81
CA GLN B 697 -16.99 11.33 18.46
C GLN B 697 -16.10 12.44 17.88
N VAL B 698 -15.20 12.11 16.96
CA VAL B 698 -14.29 13.11 16.41
C VAL B 698 -14.03 13.03 14.91
N GLU B 699 -13.34 14.06 14.40
CA GLU B 699 -12.95 14.13 13.00
C GLU B 699 -11.46 13.74 12.99
N TYR B 700 -11.14 12.71 12.21
CA TYR B 700 -9.80 12.15 12.14
C TYR B 700 -9.22 12.14 10.73
N LEU B 701 -7.96 12.52 10.61
CA LEU B 701 -7.23 12.48 9.35
C LEU B 701 -6.01 11.60 9.64
N LEU B 702 -5.92 10.48 8.91
CA LEU B 702 -4.83 9.50 9.04
C LEU B 702 -3.93 9.56 7.80
N ILE B 703 -2.63 9.75 8.02
CA ILE B 703 -1.68 9.89 6.94
C ILE B 703 -0.45 8.98 7.12
N HIS B 704 0.01 8.36 6.05
CA HIS B 704 1.19 7.46 6.15
C HIS B 704 1.90 7.25 4.79
N GLY B 705 3.22 7.23 4.80
CA GLY B 705 3.95 6.99 3.57
C GLY B 705 3.99 5.49 3.33
N THR B 706 3.79 5.07 2.09
CA THR B 706 3.79 3.63 1.78
C THR B 706 5.15 2.95 1.86
N ALA B 707 6.24 3.71 1.80
CA ALA B 707 7.56 3.10 1.88
C ALA B 707 8.26 3.37 3.22
N ASP B 708 7.47 3.51 4.27
CA ASP B 708 7.97 3.75 5.62
C ASP B 708 8.58 2.43 6.12
N ASP B 709 9.91 2.40 6.21
CA ASP B 709 10.66 1.23 6.66
C ASP B 709 10.76 1.20 8.17
N ASN B 710 10.41 2.32 8.80
CA ASN B 710 10.49 2.49 10.23
C ASN B 710 9.16 2.10 10.92
N VAL B 711 8.15 2.96 10.81
CA VAL B 711 6.82 2.66 11.32
C VAL B 711 6.11 2.17 10.05
N HIS B 712 5.96 0.85 9.91
CA HIS B 712 5.37 0.30 8.69
C HIS B 712 3.95 0.75 8.38
N PHE B 713 3.69 0.97 7.09
CA PHE B 713 2.37 1.38 6.60
C PHE B 713 1.36 0.47 7.28
N GLN B 714 1.79 -0.76 7.53
CA GLN B 714 0.98 -1.76 8.20
C GLN B 714 0.24 -1.19 9.42
N GLN B 715 0.93 -0.34 10.18
CA GLN B 715 0.33 0.24 11.38
C GLN B 715 -0.91 1.08 11.11
N SER B 716 -0.91 1.88 10.03
CA SER B 716 -2.10 2.67 9.69
C SER B 716 -3.12 1.82 8.94
N ALA B 717 -2.64 0.79 8.23
CA ALA B 717 -3.53 -0.12 7.50
C ALA B 717 -4.40 -0.85 8.52
N GLN B 718 -3.87 -1.10 9.72
CA GLN B 718 -4.68 -1.77 10.74
C GLN B 718 -5.63 -0.78 11.42
N ILE B 719 -5.25 0.49 11.49
CA ILE B 719 -6.11 1.48 12.10
C ILE B 719 -7.33 1.71 11.19
N SER B 720 -7.08 1.89 9.91
CA SER B 720 -8.17 2.13 8.98
C SER B 720 -9.13 0.94 8.94
N LYS B 721 -8.60 -0.27 8.87
CA LYS B 721 -9.45 -1.44 8.83
C LYS B 721 -10.34 -1.50 10.07
N ALA B 722 -9.76 -1.24 11.25
CA ALA B 722 -10.51 -1.28 12.49
C ALA B 722 -11.62 -0.22 12.48
N LEU B 723 -11.35 0.94 11.87
CA LEU B 723 -12.36 2.00 11.81
C LEU B 723 -13.47 1.63 10.81
N VAL B 724 -13.08 1.00 9.70
CA VAL B 724 -14.08 0.58 8.72
C VAL B 724 -14.96 -0.49 9.36
N ASP B 725 -14.33 -1.39 10.12
CA ASP B 725 -15.04 -2.47 10.78
C ASP B 725 -16.10 -2.01 11.80
N VAL B 726 -15.97 -0.81 12.37
CA VAL B 726 -16.99 -0.35 13.32
C VAL B 726 -17.83 0.77 12.71
N GLY B 727 -17.67 0.99 11.41
CA GLY B 727 -18.46 2.01 10.74
C GLY B 727 -18.15 3.46 11.08
N VAL B 728 -16.87 3.80 11.20
CA VAL B 728 -16.48 5.17 11.49
C VAL B 728 -15.94 5.87 10.25
N ASP B 729 -16.49 7.04 9.91
CA ASP B 729 -15.96 7.76 8.76
C ASP B 729 -14.76 8.58 9.21
N PHE B 730 -13.79 8.74 8.33
CA PHE B 730 -12.58 9.51 8.62
C PHE B 730 -11.91 9.92 7.32
N GLN B 731 -10.87 10.73 7.45
CA GLN B 731 -10.12 11.20 6.29
C GLN B 731 -8.79 10.45 6.23
N ALA B 732 -8.31 10.17 5.02
CA ALA B 732 -7.05 9.48 4.88
C ALA B 732 -6.23 9.99 3.71
N MET B 733 -4.93 9.74 3.78
CA MET B 733 -4.02 10.12 2.72
C MET B 733 -2.76 9.26 2.84
N TRP B 734 -2.39 8.60 1.74
CA TRP B 734 -1.17 7.79 1.71
C TRP B 734 -0.23 8.59 0.84
N TYR B 735 1.07 8.47 1.07
CA TYR B 735 2.05 9.15 0.23
C TYR B 735 2.94 8.10 -0.43
N THR B 736 2.69 7.88 -1.71
CA THR B 736 3.43 6.89 -2.47
C THR B 736 4.94 7.01 -2.40
N ASP B 737 5.59 5.92 -2.03
CA ASP B 737 7.05 5.83 -1.92
C ASP B 737 7.74 6.77 -0.94
N GLU B 738 6.99 7.34 -0.01
CA GLU B 738 7.60 8.22 1.00
C GLU B 738 7.85 7.37 2.23
N ASP B 739 8.87 7.72 3.01
CA ASP B 739 9.15 6.97 4.22
C ASP B 739 8.64 7.71 5.47
N HIS B 740 9.20 7.38 6.62
CA HIS B 740 8.75 7.97 7.87
C HIS B 740 8.91 9.50 7.92
N GLY B 741 9.81 10.04 7.10
CA GLY B 741 10.02 11.48 7.10
C GLY B 741 9.14 12.27 6.13
N ILE B 742 8.54 11.59 5.15
CA ILE B 742 7.70 12.25 4.15
C ILE B 742 8.36 13.60 3.87
N ALA B 743 9.67 13.53 3.63
CA ALA B 743 10.50 14.70 3.42
C ALA B 743 10.83 15.10 1.99
N SER B 744 10.37 14.36 0.99
CA SER B 744 10.68 14.80 -0.37
C SER B 744 10.03 16.18 -0.51
N SER B 745 10.65 17.05 -1.30
CA SER B 745 10.13 18.40 -1.50
C SER B 745 8.64 18.49 -1.86
N THR B 746 8.21 17.73 -2.87
CA THR B 746 6.80 17.77 -3.27
C THR B 746 5.86 17.22 -2.21
N ALA B 747 6.20 16.06 -1.63
CA ALA B 747 5.36 15.43 -0.63
C ALA B 747 5.23 16.31 0.60
N HIS B 748 6.33 16.91 1.01
CA HIS B 748 6.37 17.80 2.17
C HIS B 748 5.39 18.94 2.00
N GLN B 749 5.49 19.62 0.87
CA GLN B 749 4.58 20.73 0.60
C GLN B 749 3.16 20.19 0.55
N HIS B 750 2.98 19.02 -0.07
CA HIS B 750 1.65 18.44 -0.19
C HIS B 750 0.99 18.05 1.13
N ILE B 751 1.71 17.41 2.04
CA ILE B 751 1.10 17.01 3.31
C ILE B 751 0.75 18.21 4.20
N TYR B 752 1.61 19.21 4.28
CA TYR B 752 1.28 20.37 5.11
C TYR B 752 0.15 21.19 4.49
N THR B 753 0.05 21.21 3.18
CA THR B 753 -1.05 21.92 2.54
C THR B 753 -2.35 21.17 2.87
N HIS B 754 -2.30 19.84 2.75
CA HIS B 754 -3.48 19.01 3.02
C HIS B 754 -3.91 19.13 4.48
N MET B 755 -2.95 19.13 5.39
CA MET B 755 -3.27 19.26 6.81
C MET B 755 -3.84 20.66 7.14
N SER B 756 -3.38 21.70 6.45
CA SER B 756 -3.89 23.05 6.70
C SER B 756 -5.37 23.14 6.38
N HIS B 757 -5.78 22.59 5.23
CA HIS B 757 -7.20 22.60 4.85
C HIS B 757 -8.04 21.89 5.90
N PHE B 758 -7.56 20.74 6.36
CA PHE B 758 -8.28 19.97 7.36
C PHE B 758 -8.47 20.75 8.65
N ILE B 759 -7.39 21.35 9.16
CA ILE B 759 -7.44 22.13 10.40
C ILE B 759 -8.36 23.35 10.27
N LYS B 760 -8.20 24.09 9.19
CA LYS B 760 -9.01 25.28 8.95
C LYS B 760 -10.47 24.91 8.87
N GLN B 761 -10.77 23.80 8.20
CA GLN B 761 -12.14 23.34 8.07
C GLN B 761 -12.71 22.95 9.45
N CYS B 762 -11.92 22.22 10.24
CA CYS B 762 -12.36 21.80 11.57
C CYS B 762 -12.62 23.01 12.48
N PHE B 763 -11.86 24.08 12.27
CA PHE B 763 -12.02 25.29 13.06
C PHE B 763 -12.91 26.31 12.39
N SER B 764 -13.52 25.95 11.27
CA SER B 764 -14.39 26.88 10.56
C SER B 764 -13.66 28.16 10.22
N LEU B 765 -12.45 28.03 9.68
CA LEU B 765 -11.64 29.18 9.30
C LEU B 765 -11.61 29.37 7.79
N PRO B 766 -11.89 30.59 7.32
CA PRO B 766 -11.90 30.96 5.89
C PRO B 766 -10.65 30.45 5.17
C1 NAG C . -46.62 -33.99 -10.76
C2 NAG C . -45.62 -35.02 -10.17
C3 NAG C . -45.62 -36.34 -10.97
C4 NAG C . -47.05 -36.81 -10.95
C5 NAG C . -47.92 -35.80 -11.69
C6 NAG C . -49.38 -36.25 -11.81
C7 NAG C . -43.76 -34.01 -9.03
C8 NAG C . -42.36 -33.44 -9.10
N2 NAG C . -44.28 -34.46 -10.16
O3 NAG C . -44.75 -37.31 -10.37
O4 NAG C . -47.24 -38.14 -11.48
O5 NAG C . -47.93 -34.56 -10.94
O6 NAG C . -50.20 -35.25 -12.40
O7 NAG C . -44.36 -34.04 -7.95
C1 NDG C . -46.46 -38.61 -12.54
C2 NDG C . -47.31 -39.63 -13.31
C3 NDG C . -47.83 -40.71 -12.33
C4 NDG C . -46.68 -41.28 -11.45
C5 NDG C . -45.69 -40.20 -10.93
C6 NDG C . -44.38 -40.78 -10.39
C7 NDG C . -48.75 -39.28 -15.21
C8 NDG C . -49.92 -38.54 -15.83
O5 NDG C . -45.32 -39.29 -11.99
O3 NDG C . -48.45 -41.78 -13.05
O4 NDG C . -47.27 -41.96 -10.34
O6 NDG C . -43.24 -40.17 -10.99
O7 NDG C . -48.16 -40.14 -15.86
N2 NDG C . -48.42 -38.97 -13.96
C1 NAG D . -9.29 -32.97 4.99
C2 NAG D . -9.17 -34.52 5.04
C3 NAG D . -10.13 -35.13 6.04
C4 NAG D . -10.04 -34.41 7.38
C5 NAG D . -10.29 -32.91 7.18
C6 NAG D . -10.23 -32.13 8.48
C7 NAG D . -8.47 -35.79 3.10
C8 NAG D . -8.82 -36.40 1.75
N2 NAG D . -9.43 -35.12 3.75
O3 NAG D . -9.85 -36.51 6.22
O4 NAG D . -11.02 -34.99 8.28
O5 NAG D . -9.28 -32.36 6.30
O6 NAG D . -8.97 -32.28 9.13
O7 NAG D . -7.33 -35.92 3.55
C1 NAG D . -10.61 -35.47 9.52
C2 NAG D . -9.19 -36.09 9.45
C3 NAG D . -8.70 -36.50 10.85
C4 NAG D . -8.96 -35.40 11.90
C5 NAG D . -10.39 -34.82 11.78
C6 NAG D . -10.64 -33.61 12.68
C7 NAG D . -9.88 -38.34 8.81
C8 NAG D . -9.77 -39.48 7.82
N2 NAG D . -9.15 -37.25 8.56
O3 NAG D . -7.30 -36.76 10.79
O4 NAG D . -8.78 -35.95 13.20
O5 NAG D . -10.64 -34.38 10.43
O6 NAG D . -11.77 -32.88 12.23
O7 NAG D . -10.63 -38.44 9.80
C1 NAG E . -20.70 -42.35 -25.15
C2 NAG E . -21.27 -43.74 -24.85
C3 NAG E . -20.22 -44.82 -25.17
C4 NAG E . -19.59 -44.62 -26.55
C5 NAG E . -19.11 -43.17 -26.70
C6 NAG E . -18.50 -42.86 -28.07
C7 NAG E . -22.89 -43.78 -23.06
C8 NAG E . -23.14 -43.84 -21.56
N2 NAG E . -21.62 -43.80 -23.44
O3 NAG E . -20.84 -46.11 -25.12
O4 NAG E . -18.47 -45.49 -26.68
O5 NAG E . -20.21 -42.26 -26.50
O6 NAG E . -19.42 -43.13 -29.12
O7 NAG E . -23.84 -43.73 -23.85
C1 NAG E . -18.47 -46.35 -27.75
C2 NAG E . -17.09 -47.00 -27.88
C3 NAG E . -17.09 -48.09 -28.97
C4 NAG E . -18.23 -49.08 -28.74
C5 NAG E . -19.55 -48.32 -28.60
C6 NAG E . -20.72 -49.24 -28.29
C7 NAG E . -15.37 -45.38 -27.29
C8 NAG E . -14.40 -44.33 -27.77
N2 NAG E . -16.12 -45.96 -28.23
O3 NAG E . -15.86 -48.77 -29.00
O4 NAG E . -18.32 -50.00 -29.83
O5 NAG E . -19.46 -47.36 -27.51
O6 NAG E . -20.57 -49.82 -27.01
O7 NAG E . -15.44 -45.68 -26.08
C1 NAG F . 6.71 -25.34 -18.58
C2 NAG F . 7.16 -26.75 -18.99
C3 NAG F . 8.68 -26.89 -18.83
C4 NAG F . 9.39 -25.78 -19.59
C5 NAG F . 8.87 -24.44 -19.03
C6 NAG F . 9.53 -23.19 -19.58
C7 NAG F . 5.62 -28.57 -18.68
C8 NAG F . 5.04 -29.61 -17.74
N2 NAG F . 6.54 -27.76 -18.16
O3 NAG F . 9.10 -28.16 -19.31
O4 NAG F . 10.81 -25.92 -19.42
O5 NAG F . 7.45 -24.33 -19.29
O6 NAG F . 8.79 -22.68 -20.68
O7 NAG F . 5.23 -28.49 -19.85
C1 NDG F . 11.58 -25.49 -20.48
C2 NDG F . 12.74 -26.47 -20.82
C3 NDG F . 13.99 -26.31 -19.94
C4 NDG F . 14.33 -24.84 -19.69
C5 NDG F . 13.07 -24.15 -19.16
C6 NDG F . 13.28 -22.70 -18.76
C7 NDG F . 12.10 -28.44 -19.56
C8 NDG F . 11.70 -29.92 -19.55
O5 NDG F . 12.07 -24.17 -20.20
O3 NDG F . 15.11 -26.94 -20.58
O4 NDG F . 15.38 -24.75 -18.75
O6 NDG F . 12.85 -22.49 -17.43
O7 NDG F . 12.19 -27.83 -18.48
N2 NDG F . 12.31 -27.86 -20.74
C1 NAG G . -5.07 -6.99 -37.06
C2 NAG G . -4.73 -7.14 -38.56
C3 NAG G . -3.23 -7.06 -38.80
C4 NAG G . -2.56 -5.91 -38.08
C5 NAG G . -3.00 -5.88 -36.60
C6 NAG G . -2.43 -4.67 -35.85
C7 NAG G . -6.20 -8.47 -39.95
C8 NAG G . -6.62 -9.84 -40.44
N2 NAG G . -5.19 -8.42 -39.08
O3 NAG G . -2.98 -6.96 -40.20
O4 NAG G . -1.14 -6.11 -38.16
O5 NAG G . -4.44 -5.82 -36.51
O6 NAG G . -2.93 -3.45 -36.40
O7 NAG G . -6.79 -7.46 -40.36
C1 NAG G . -0.31 -5.15 -38.71
C2 NAG G . -0.78 -4.62 -40.05
C3 NAG G . 0.30 -3.64 -40.57
C4 NAG G . 0.70 -2.58 -39.52
C5 NAG G . 0.94 -3.24 -38.13
C6 NAG G . 1.14 -2.29 -36.97
C7 NAG G . 0.00 -6.58 -41.26
C8 NAG G . -0.32 -7.68 -42.26
N2 NAG G . -0.98 -5.71 -41.00
O3 NAG G . -0.16 -3.00 -41.74
O4 NAG G . 1.89 -1.94 -39.94
O5 NAG G . -0.17 -4.07 -37.79
O6 NAG G . 1.43 -3.02 -35.78
O7 NAG G . 1.13 -6.52 -40.73
C1 NAG H . 46.45 34.20 8.80
C2 NAG H . 47.11 33.16 7.90
C3 NAG H . 48.52 32.86 8.45
C4 NAG H . 49.33 34.16 8.67
C5 NAG H . 48.52 35.16 9.50
C6 NAG H . 49.21 36.51 9.64
C7 NAG H . 45.42 31.77 6.86
C8 NAG H . 44.62 30.48 6.88
N2 NAG H . 46.30 31.95 7.85
O3 NAG H . 49.20 32.01 7.54
O4 NAG H . 50.54 33.88 9.37
O5 NAG H . 47.25 35.39 8.87
O6 NAG H . 48.33 37.51 10.18
O7 NAG H . 45.24 32.58 5.94
C1 NAG H . 51.60 33.30 8.69
C2 NAG H . 52.83 34.25 8.73
C3 NAG H . 54.06 33.53 8.15
C4 NAG H . 54.28 32.20 8.88
C5 NAG H . 52.99 31.36 8.77
C6 NAG H . 53.04 29.99 9.43
C7 NAG H . 52.31 36.62 8.65
C8 NAG H . 52.04 37.85 7.80
N2 NAG H . 52.56 35.47 8.00
O3 NAG H . 55.21 34.36 8.27
O4 NAG H . 55.40 31.49 8.32
O5 NAG H . 51.90 32.08 9.36
O6 NAG H . 51.94 29.19 9.02
O7 NAG H . 52.32 36.71 9.89
C1 NAG I . 50.27 3.47 17.87
C2 NAG I . 51.73 3.70 17.52
C3 NAG I . 52.41 2.34 17.31
C4 NAG I . 52.18 1.44 18.52
C5 NAG I . 50.68 1.35 18.83
C6 NAG I . 50.38 0.56 20.07
C7 NAG I . 52.39 5.67 16.28
C8 NAG I . 52.38 6.39 14.94
N2 NAG I . 51.79 4.48 16.30
O3 NAG I . 53.80 2.48 17.06
O4 NAG I . 52.70 0.14 18.23
O5 NAG I . 50.14 2.67 19.03
O6 NAG I . 50.89 1.23 21.21
O7 NAG I . 52.93 6.17 17.26
C1 NAG I . 53.54 -0.40 19.19
C2 NAG I . 53.72 -1.90 18.91
C3 NAG I . 54.82 -2.52 19.77
C4 NAG I . 56.09 -1.65 19.85
C5 NAG I . 55.74 -0.17 20.10
C6 NAG I . 56.97 0.73 20.00
C7 NAG I . 51.71 -2.98 18.19
C8 NAG I . 50.42 -3.70 18.55
N2 NAG I . 52.47 -2.58 19.19
O3 NAG I . 55.16 -3.78 19.23
O4 NAG I . 56.94 -2.12 20.88
O5 NAG I . 54.80 0.29 19.11
O6 NAG I . 56.71 2.01 20.58
O7 NAG I . 51.99 -2.80 17.00
C1 NAG J . 24.93 -16.57 11.32
C2 NAG J . 26.19 -17.41 11.13
C3 NAG J . 25.80 -18.74 10.52
C4 NAG J . 24.73 -19.45 11.35
C5 NAG J . 23.56 -18.50 11.68
C6 NAG J . 22.63 -19.11 12.72
C7 NAG J . 28.25 -16.22 10.73
C8 NAG J . 29.21 -15.62 9.71
N2 NAG J . 27.16 -16.79 10.25
O3 NAG J . 26.95 -19.56 10.38
O4 NAG J . 24.22 -20.56 10.58
O5 NAG J . 24.04 -17.24 12.21
O6 NAG J . 21.38 -18.42 12.74
O7 NAG J . 28.48 -16.13 11.94
C1 NAG J . 24.38 -21.83 11.09
C2 NAG J . 23.40 -22.76 10.37
C3 NAG J . 23.69 -24.25 10.63
C4 NAG J . 25.19 -24.58 10.50
C5 NAG J . 26.00 -23.58 11.31
C6 NAG J . 27.50 -23.81 11.23
C7 NAG J . 21.25 -21.68 10.08
C8 NAG J . 19.86 -21.37 10.63
N2 NAG J . 22.05 -22.44 10.83
O3 NAG J . 22.98 -25.04 9.68
O4 NAG J . 25.45 -25.90 10.92
O5 NAG J . 25.74 -22.24 10.85
O6 NAG J . 27.94 -23.90 9.88
O7 NAG J . 21.59 -21.24 8.98
C1 NAG K . 41.58 -15.25 5.90
C2 NAG K . 41.03 -16.17 4.79
C3 NAG K . 39.55 -16.47 5.04
C4 NAG K . 39.41 -17.06 6.42
C5 NAG K . 39.96 -16.08 7.45
C6 NAG K . 39.88 -16.62 8.87
C7 NAG K . 42.21 -15.96 2.71
C8 NAG K . 42.39 -15.24 1.38
N2 NAG K . 41.25 -15.53 3.50
O3 NAG K . 39.03 -17.36 4.06
O4 NAG K . 38.03 -17.34 6.71
O5 NAG K . 41.35 -15.82 7.19
O6 NAG K . 40.45 -17.92 8.95
O7 NAG K . 42.94 -16.91 2.99
C1 NAG K . 37.70 -18.68 6.86
C2 NAG K . 36.35 -18.78 7.59
C3 NAG K . 35.97 -20.29 7.70
C4 NAG K . 36.03 -20.98 6.32
C5 NAG K . 37.38 -20.70 5.63
C6 NAG K . 37.50 -21.28 4.22
C7 NAG K . 36.10 -16.86 9.04
C8 NAG K . 36.25 -16.23 10.42
N2 NAG K . 36.46 -18.14 8.89
O3 NAG K . 34.66 -20.41 8.23
O4 NAG K . 35.83 -22.36 6.44
O5 NAG K . 37.61 -19.27 5.55
O6 NAG K . 37.31 -20.29 3.20
O7 NAG K . 35.63 -16.17 8.12
C1 NAG L . -35.97 -25.37 6.96
C2 NAG L . -37.47 -25.22 7.32
C3 NAG L . -37.87 -23.75 7.44
C4 NAG L . -36.95 -23.04 8.42
C5 NAG L . -35.50 -23.20 7.95
C6 NAG L . -34.49 -22.54 8.88
C7 NAG L . -39.45 -26.47 6.68
C8 NAG L . -40.28 -27.10 5.57
N2 NAG L . -38.30 -25.87 6.32
O3 NAG L . -39.23 -23.66 7.90
O4 NAG L . -37.28 -21.65 8.49
O5 NAG L . -35.15 -24.61 7.89
O6 NAG L . -34.41 -21.13 8.67
O7 NAG L . -39.83 -26.53 7.85
C1 NAG M . 2.56 -42.90 -12.74
C2 NAG M . 3.42 -44.00 -12.08
C3 NAG M . 4.10 -43.42 -10.81
C4 NAG M . 4.91 -42.18 -11.19
C5 NAG M . 3.99 -41.16 -11.89
C6 NAG M . 4.70 -39.90 -12.33
C7 NAG M . 2.55 -46.21 -12.51
C8 NAG M . 1.68 -47.36 -12.07
N2 NAG M . 2.59 -45.15 -11.72
O3 NAG M . 4.96 -44.40 -10.23
O4 NAG M . 5.50 -41.60 -10.03
O5 NAG M . 3.40 -41.77 -13.07
O6 NAG M . 5.50 -40.11 -13.48
O7 NAG M . 3.18 -46.29 -13.58
C1 NAG N . -17.73 12.97 -36.88
C2 NAG N . -16.44 13.81 -37.09
C3 NAG N . -15.26 13.14 -36.36
C4 NAG N . -15.61 12.93 -34.87
C5 NAG N . -16.92 12.10 -34.79
C6 NAG N . -17.43 11.81 -33.40
C7 NAG N . -16.08 12.90 -39.32
C8 NAG N . -15.73 13.18 -40.78
N2 NAG N . -16.12 13.96 -38.51
O3 NAG N . -14.10 13.95 -36.48
O4 NAG N . -14.56 12.28 -34.19
O5 NAG N . -17.98 12.79 -35.48
O6 NAG N . -18.70 11.16 -33.46
O7 NAG N . -16.30 11.75 -38.95
NA NA O . -50.71 -19.07 -17.93
C1 474 P . -13.50 -7.62 -16.71
C2 474 P . -12.03 -7.10 -16.76
C3 474 P . -11.69 -6.21 -15.53
N4 474 P . -11.23 -4.95 -15.78
C5 474 P . -14.45 -6.63 -17.02
N6 474 P . -11.03 -8.18 -16.74
O7 474 P . -11.85 -6.63 -14.39
O8 474 P . -14.12 -5.92 -17.98
N9 474 P . -15.66 -6.40 -16.35
C10 474 P . -16.20 -7.13 -15.18
C14 474 P . -16.49 -5.30 -16.89
C18 474 P . -11.03 -4.32 -17.11
C19 474 P . -10.54 -2.93 -16.76
C20 474 P . -9.90 -3.12 -15.42
C21 474 P . -10.86 -4.05 -14.70
F28 474 P . -11.62 -2.12 -16.60
C29 474 P . -15.21 -10.51 -19.82
C30 474 P . -15.38 -10.74 -18.29
C31 474 P . -15.18 -9.51 -17.45
C32 474 P . -13.75 -8.91 -17.63
C33 474 P . -13.53 -8.66 -19.19
C34 474 P . -13.79 -9.92 -20.07
C48 474 P . -16.29 -13.85 -22.43
C49 474 P . -14.90 -13.89 -21.94
C50 474 P . -14.46 -12.90 -21.09
C51 474 P . -15.38 -11.75 -20.74
C52 474 P . -16.66 -11.70 -21.21
N53 474 P . -17.10 -12.78 -22.14
N54 474 P . -18.23 -12.94 -22.65
C55 474 P . -18.14 -14.09 -23.36
N56 474 P . -16.92 -14.68 -23.26
F62 474 P . -9.72 -2.43 -17.68
C1 NAG Q . 33.24 30.41 -6.31
C2 NAG Q . 33.67 31.83 -6.73
C3 NAG Q . 32.44 32.73 -6.92
C4 NAG Q . 31.31 32.05 -7.72
C5 NAG Q . 31.04 30.63 -7.19
C6 NAG Q . 30.03 29.86 -8.03
C7 NAG Q . 35.13 33.56 -5.79
C8 NAG Q . 36.00 34.01 -4.62
N2 NAG Q . 34.54 32.37 -5.68
O3 NAG Q . 32.82 33.93 -7.58
O4 NAG Q . 30.13 32.84 -7.62
O5 NAG Q . 32.26 29.88 -7.22
O6 NAG Q . 29.41 28.83 -7.26
O7 NAG Q . 35.02 34.29 -6.78
C1 NAG R . 32.07 2.94 -11.38
C2 NAG R . 33.45 2.54 -11.96
C3 NAG R . 33.74 3.22 -13.32
C4 NAG R . 32.56 3.01 -14.26
C5 NAG R . 31.28 3.52 -13.58
C6 NAG R . 30.04 3.39 -14.46
C7 NAG R . 35.04 1.93 -10.25
C8 NAG R . 36.09 2.38 -9.26
N2 NAG R . 34.47 2.89 -10.98
O3 NAG R . 34.92 2.69 -13.90
O4 NAG R . 32.78 3.71 -15.49
O5 NAG R . 31.03 2.77 -12.35
O6 NAG R . 29.59 2.04 -14.53
O7 NAG R . 34.77 0.74 -10.39
C1 NAG S . 15.11 -5.87 35.23
C2 NAG S . 14.95 -6.02 36.73
C3 NAG S . 14.17 -7.33 37.04
C4 NAG S . 12.83 -7.28 36.30
C5 NAG S . 13.03 -7.00 34.79
C6 NAG S . 11.71 -6.77 34.07
C7 NAG S . 16.58 -4.87 38.07
C8 NAG S . 17.96 -4.83 38.71
N2 NAG S . 16.25 -5.95 37.36
O3 NAG S . 13.96 -7.46 38.43
O4 NAG S . 12.11 -8.50 36.48
O5 NAG S . 13.82 -5.78 34.61
O6 NAG S . 10.83 -5.95 34.84
O7 NAG S . 15.81 -3.93 38.25
C1 474 T . 13.75 7.27 16.99
C2 474 T . 12.87 5.97 16.88
C3 474 T . 11.72 6.11 15.87
N4 474 T . 10.45 5.94 16.37
C5 474 T . 13.12 8.33 17.69
N6 474 T . 13.66 4.79 16.45
O7 474 T . 11.93 6.37 14.69
O8 474 T . 12.51 7.96 18.72
N9 474 T . 13.15 9.69 17.35
C10 474 T . 13.82 10.28 16.17
C14 474 T . 12.43 10.62 18.26
C18 474 T . 10.08 5.65 17.76
C19 474 T . 8.57 5.64 17.73
C20 474 T . 8.25 5.23 16.33
C21 474 T . 9.26 6.04 15.51
F28 474 T . 8.15 6.91 17.93
C29 474 T . 17.59 7.51 19.41
C30 474 T . 17.56 7.88 17.93
C31 474 T . 16.18 8.19 17.40
C32 474 T . 15.23 7.00 17.57
C33 474 T . 15.24 6.54 19.09
C34 474 T . 16.69 6.28 19.64
C48 474 T . 21.50 7.16 21.24
C49 474 T . 21.06 5.95 20.53
C50 474 T . 19.83 5.94 19.94
C51 474 T . 18.96 7.17 20.00
C52 474 T . 19.38 8.29 20.65
N53 474 T . 20.70 8.27 21.27
N54 474 T . 21.25 9.18 21.92
C55 474 T . 22.45 8.69 22.29
N56 474 T . 22.65 7.42 21.88
F62 474 T . 8.07 4.84 18.67
#